data_6GSH
#
_entry.id   6GSH
#
_cell.length_a   1.00
_cell.length_b   1.00
_cell.length_c   1.00
_cell.angle_alpha   90.00
_cell.angle_beta   90.00
_cell.angle_gamma   90.00
#
_symmetry.space_group_name_H-M   'P 1'
#
loop_
_entity.id
_entity.type
_entity.pdbx_description
1 polymer VP1
2 non-polymer 'POTASSIUM ION'
#
_entity_poly.entity_id   1
_entity_poly.type   'polypeptide(L)'
_entity_poly.pdbx_seq_one_letter_code
;MCSTCANVLKYYNWDPHFRLVIDPNKFLSVGFCDNPLMCCYPELLPEFGTVWDCDQSPLQIYLESILGDDEWASTYEAID
PAVPPMHWDAAGKIFQPHPGVLMHHLIGEVAKAWDPNLPMFRLEADGDGSITAPEQGTPVGGVIAEPSAQMSAAADMATG
KSVDSEWEAFFSFHTSVNWSTSETQGKILFKQSLGPLLNPYLEHLAKLYVAWSGSIDVRFSISGSGVFGGKLAAIVVPPG
VDPVQSTSMLQYPHVLFDARQVEPVIFSIPDLRSTLYHLMSDTDTTSLVIMVYNDLINPYANDSNSSGCIVTVETKPGAD
FKFHLLKPPGSMLTHGSVPSDLIPKSSSLWIGNRHWTDITDFVIRPFVFQANRHFDFNQETAGWSTPRYRPITITISEKN
GAKLGIGVATDYIVPGIPDGWPDTTIPEKLTPAGDYAITNKSGNDITTAAGYDGADVIVNNTNFKGMYICGSLQRAWGDK
KISNTAFITTATKVDNAIEPSNVIDMTKIAVYQDTHVGKEVQTSDDTLSLLGYTGIGEQAIGSDRDRVVRISVLPETGAR
GGNHPIFYKNSIKLGYVIRSIDVFNSQILHTSRQLSLNHYLLPPDSFAVYRIIDSNGSWFDIGIDSDGFSFVGVSSIGKL
EFPLTASYMGIQLAKIRLASNIRSSMTKL
;
_entity_poly.pdbx_strand_id   A,B,C
#
# COMPACT_ATOMS: atom_id res chain seq x y z
N SER A 130 29.47 4.01 -43.60
CA SER A 130 29.18 2.87 -42.74
C SER A 130 28.00 3.13 -41.81
N ILE A 131 27.69 4.41 -41.57
CA ILE A 131 26.50 4.80 -40.81
C ILE A 131 25.39 5.06 -41.80
N THR A 132 24.21 4.51 -41.52
CA THR A 132 23.01 4.78 -42.29
C THR A 132 21.88 5.16 -41.35
N ALA A 133 21.12 6.16 -41.76
CA ALA A 133 20.02 6.73 -41.02
C ALA A 133 18.70 6.10 -41.46
N PRO A 134 17.62 6.33 -40.72
CA PRO A 134 16.38 5.58 -40.98
C PRO A 134 15.73 5.85 -42.32
N GLU A 135 16.16 6.87 -43.05
CA GLU A 135 15.53 7.30 -44.29
C GLU A 135 16.56 7.33 -45.41
N GLN A 136 17.60 6.52 -45.27
CA GLN A 136 18.84 6.66 -46.01
C GLN A 136 19.13 5.36 -46.76
N GLY A 137 19.78 5.51 -47.90
CA GLY A 137 20.08 4.39 -48.76
C GLY A 137 20.28 4.85 -50.18
N THR A 138 20.57 3.88 -51.05
CA THR A 138 20.85 4.15 -52.44
C THR A 138 19.62 3.89 -53.28
N PRO A 139 18.92 4.92 -53.73
CA PRO A 139 17.67 4.76 -54.48
C PRO A 139 17.83 4.25 -55.91
N VAL A 140 17.39 3.04 -56.20
CA VAL A 140 17.46 2.53 -57.56
C VAL A 140 16.15 2.68 -58.36
N GLY A 141 14.97 2.70 -57.74
CA GLY A 141 13.73 2.87 -58.47
C GLY A 141 13.03 1.55 -58.59
N GLY A 142 12.05 1.48 -59.47
CA GLY A 142 11.34 0.23 -59.66
C GLY A 142 11.58 -0.37 -61.02
N VAL A 143 12.84 -0.48 -61.44
CA VAL A 143 13.28 -0.99 -62.75
C VAL A 143 12.29 -0.95 -63.95
N ILE A 144 11.21 -1.72 -63.94
CA ILE A 144 10.26 -1.66 -65.05
C ILE A 144 9.42 -0.37 -65.14
N ALA A 145 9.11 0.30 -64.04
CA ALA A 145 8.35 1.55 -64.09
C ALA A 145 8.71 2.44 -62.92
N GLU A 146 8.22 3.66 -62.92
CA GLU A 146 8.51 4.60 -61.86
C GLU A 146 7.19 5.19 -61.39
N PRO A 147 6.94 5.23 -60.06
CA PRO A 147 5.70 5.77 -59.51
C PRO A 147 5.17 7.05 -60.14
N SER A 148 3.91 7.00 -60.55
CA SER A 148 3.24 8.12 -61.20
C SER A 148 2.35 8.84 -60.19
N ALA A 149 2.33 10.16 -60.26
CA ALA A 149 1.45 10.96 -59.46
C ALA A 149 0.07 11.09 -60.09
N GLN A 150 -0.02 10.93 -61.41
CA GLN A 150 -1.31 11.02 -62.08
C GLN A 150 -2.22 9.87 -61.68
N MET A 151 -1.66 8.74 -61.28
CA MET A 151 -2.46 7.60 -60.83
C MET A 151 -2.89 7.76 -59.39
N SER A 152 -2.05 8.38 -58.57
CA SER A 152 -2.42 8.64 -57.18
C SER A 152 -3.49 9.71 -57.10
N ALA A 153 -3.42 10.68 -58.01
CA ALA A 153 -4.48 11.69 -58.11
C ALA A 153 -5.74 11.11 -58.71
N ALA A 154 -5.58 10.11 -59.57
CA ALA A 154 -6.74 9.42 -60.12
C ALA A 154 -7.50 8.68 -59.03
N ALA A 155 -6.78 8.14 -58.05
CA ALA A 155 -7.42 7.33 -57.02
C ALA A 155 -8.10 8.20 -55.98
N ASP A 156 -7.63 9.44 -55.81
CA ASP A 156 -8.28 10.36 -54.89
C ASP A 156 -9.66 10.74 -55.39
N MET A 157 -9.77 11.14 -56.66
CA MET A 157 -11.06 11.52 -57.20
C MET A 157 -12.00 10.33 -57.26
N ALA A 158 -11.44 9.15 -57.51
CA ALA A 158 -12.25 7.94 -57.61
C ALA A 158 -12.94 7.59 -56.31
N THR A 159 -12.43 8.08 -55.18
CA THR A 159 -12.87 7.66 -53.86
C THR A 159 -13.34 8.82 -52.99
N GLY A 160 -13.27 10.05 -53.48
CA GLY A 160 -13.39 11.19 -52.61
C GLY A 160 -12.16 11.28 -51.71
N LYS A 161 -12.12 12.33 -50.92
CA LYS A 161 -11.00 12.49 -49.99
C LYS A 161 -11.26 13.56 -48.94
N SER A 162 -11.06 13.20 -47.68
CA SER A 162 -10.79 14.15 -46.60
C SER A 162 -9.29 14.14 -46.33
N VAL A 163 -8.86 15.06 -45.47
CA VAL A 163 -7.42 15.30 -45.36
C VAL A 163 -6.77 14.28 -44.42
N ASP A 164 -6.52 13.09 -44.95
CA ASP A 164 -5.59 12.10 -44.42
C ASP A 164 -6.03 11.46 -43.11
N SER A 165 -7.12 11.91 -42.49
CA SER A 165 -7.68 11.25 -41.32
C SER A 165 -9.19 11.50 -41.34
N GLU A 166 -9.91 10.58 -41.95
CA GLU A 166 -11.35 10.73 -42.13
C GLU A 166 -12.09 10.70 -40.80
N TRP A 167 -11.52 10.07 -39.77
CA TRP A 167 -12.20 9.97 -38.48
C TRP A 167 -12.27 11.29 -37.73
N GLU A 168 -11.54 12.30 -38.15
CA GLU A 168 -11.57 13.59 -37.49
C GLU A 168 -12.75 14.46 -37.92
N ALA A 169 -13.64 13.93 -38.75
CA ALA A 169 -14.65 14.70 -39.45
C ALA A 169 -16.06 14.34 -39.07
N PHE A 170 -16.27 13.33 -38.23
CA PHE A 170 -17.62 12.90 -37.88
C PHE A 170 -17.62 12.38 -36.44
N PHE A 171 -18.83 12.31 -35.89
CA PHE A 171 -19.06 11.76 -34.57
C PHE A 171 -19.32 10.27 -34.70
N SER A 172 -18.70 9.50 -33.82
CA SER A 172 -18.77 8.05 -33.83
C SER A 172 -19.42 7.54 -32.56
N PHE A 173 -20.28 6.54 -32.71
CA PHE A 173 -20.92 5.91 -31.57
C PHE A 173 -19.88 5.34 -30.64
N HIS A 174 -20.00 5.69 -29.35
CA HIS A 174 -19.14 5.18 -28.30
C HIS A 174 -19.88 4.30 -27.31
N THR A 175 -20.94 4.81 -26.69
CA THR A 175 -21.69 4.03 -25.73
C THR A 175 -23.11 4.60 -25.65
N SER A 176 -23.95 3.91 -24.89
CA SER A 176 -25.30 4.33 -24.63
C SER A 176 -25.65 3.91 -23.22
N VAL A 177 -26.37 4.78 -22.51
CA VAL A 177 -26.74 4.54 -21.11
C VAL A 177 -28.22 4.77 -20.96
N ASN A 178 -28.80 4.11 -19.96
CA ASN A 178 -30.24 4.09 -19.77
C ASN A 178 -30.63 5.07 -18.68
N TRP A 179 -31.86 5.55 -18.76
CA TRP A 179 -32.40 6.49 -17.78
C TRP A 179 -33.87 6.19 -17.52
N SER A 180 -34.13 5.52 -16.41
CA SER A 180 -35.46 5.11 -16.03
C SER A 180 -36.08 6.14 -15.09
N THR A 181 -37.31 5.87 -14.68
CA THR A 181 -37.99 6.71 -13.71
C THR A 181 -37.48 6.51 -12.30
N SER A 182 -36.77 5.42 -12.03
CA SER A 182 -36.23 5.18 -10.70
C SER A 182 -35.17 6.20 -10.34
N GLU A 183 -34.28 6.52 -11.28
CA GLU A 183 -33.19 7.46 -11.02
C GLU A 183 -33.72 8.82 -10.60
N THR A 184 -33.45 9.18 -9.35
CA THR A 184 -33.94 10.44 -8.79
C THR A 184 -33.03 11.59 -9.20
N GLN A 185 -33.43 12.78 -8.79
CA GLN A 185 -32.72 13.99 -9.16
C GLN A 185 -31.33 14.00 -8.54
N GLY A 186 -30.34 14.40 -9.34
CA GLY A 186 -28.97 14.49 -8.91
C GLY A 186 -28.15 13.25 -9.11
N LYS A 187 -28.74 12.16 -9.57
CA LYS A 187 -27.99 10.94 -9.79
C LYS A 187 -27.15 11.06 -11.07
N ILE A 188 -26.03 10.35 -11.07
CA ILE A 188 -25.07 10.37 -12.16
C ILE A 188 -25.19 9.06 -12.92
N LEU A 189 -25.52 9.17 -14.20
CA LEU A 189 -25.70 8.02 -15.06
C LEU A 189 -24.44 7.66 -15.82
N PHE A 190 -23.44 8.53 -15.83
CA PHE A 190 -22.32 8.39 -16.73
C PHE A 190 -21.16 9.15 -16.11
N LYS A 191 -19.98 8.55 -16.12
CA LYS A 191 -18.76 9.28 -15.93
C LYS A 191 -17.66 8.55 -16.69
N GLN A 192 -17.07 9.25 -17.64
CA GLN A 192 -15.93 8.77 -18.38
C GLN A 192 -14.98 9.93 -18.57
N SER A 193 -13.71 9.68 -18.30
CA SER A 193 -12.71 10.73 -18.39
C SER A 193 -12.25 10.86 -19.83
N LEU A 194 -11.73 12.05 -20.14
CA LEU A 194 -11.15 12.31 -21.45
C LEU A 194 -10.02 11.33 -21.73
N GLY A 195 -9.79 11.09 -23.00
CA GLY A 195 -8.81 10.13 -23.42
C GLY A 195 -9.11 9.62 -24.82
N PRO A 196 -8.22 8.79 -25.35
CA PRO A 196 -8.44 8.21 -26.68
C PRO A 196 -9.37 7.01 -26.68
N LEU A 197 -9.84 6.58 -25.52
CA LEU A 197 -10.83 5.52 -25.45
C LEU A 197 -12.25 6.00 -25.70
N LEU A 198 -12.45 7.31 -25.78
CA LEU A 198 -13.75 7.88 -26.10
C LEU A 198 -14.09 7.81 -27.58
N ASN A 199 -13.20 7.26 -28.42
CA ASN A 199 -13.45 7.16 -29.83
C ASN A 199 -12.73 5.90 -30.28
N PRO A 200 -13.37 5.01 -31.04
CA PRO A 200 -12.67 3.79 -31.46
C PRO A 200 -11.46 4.02 -32.35
N TYR A 201 -11.47 5.04 -33.19
CA TYR A 201 -10.35 5.23 -34.11
C TYR A 201 -9.12 5.70 -33.37
N LEU A 202 -9.29 6.36 -32.24
CA LEU A 202 -8.15 6.77 -31.42
C LEU A 202 -7.66 5.62 -30.55
N GLU A 203 -8.57 4.76 -30.09
CA GLU A 203 -8.17 3.56 -29.38
C GLU A 203 -7.37 2.64 -30.28
N HIS A 204 -7.58 2.71 -31.59
CA HIS A 204 -6.80 1.93 -32.53
C HIS A 204 -5.41 2.52 -32.68
N LEU A 205 -5.32 3.80 -33.02
CA LEU A 205 -4.04 4.46 -33.20
C LEU A 205 -3.32 4.76 -31.90
N ALA A 206 -3.98 4.63 -30.75
CA ALA A 206 -3.28 4.78 -29.49
C ALA A 206 -2.25 3.69 -29.30
N LYS A 207 -2.47 2.53 -29.90
CA LYS A 207 -1.56 1.42 -29.78
C LYS A 207 -0.22 1.70 -30.42
N LEU A 208 -0.14 2.67 -31.30
CA LEU A 208 1.11 3.06 -31.96
C LEU A 208 1.81 4.20 -31.25
N TYR A 209 1.35 4.62 -30.08
CA TYR A 209 1.91 5.76 -29.39
C TYR A 209 1.86 5.52 -27.89
N VAL A 210 2.58 6.37 -27.15
CA VAL A 210 2.58 6.36 -25.70
C VAL A 210 2.03 7.64 -25.10
N ALA A 211 1.88 8.71 -25.86
CA ALA A 211 1.37 9.98 -25.35
C ALA A 211 0.33 10.57 -26.30
N TRP A 212 -0.43 11.51 -25.76
CA TRP A 212 -1.50 12.18 -26.48
C TRP A 212 -1.77 13.52 -25.82
N SER A 213 -2.61 14.31 -26.46
CA SER A 213 -3.01 15.61 -25.93
C SER A 213 -4.13 16.15 -26.80
N GLY A 214 -5.09 16.81 -26.16
CA GLY A 214 -6.08 17.60 -26.85
C GLY A 214 -7.49 17.16 -26.53
N SER A 215 -8.43 17.81 -27.19
CA SER A 215 -9.83 17.73 -26.82
C SER A 215 -10.58 16.70 -27.63
N ILE A 216 -11.75 16.34 -27.14
CA ILE A 216 -12.70 15.48 -27.82
C ILE A 216 -14.02 16.23 -27.85
N ASP A 217 -14.69 16.17 -28.99
CA ASP A 217 -16.01 16.76 -29.21
C ASP A 217 -17.00 15.68 -28.89
N VAL A 218 -18.15 16.04 -28.36
CA VAL A 218 -19.17 15.06 -27.99
C VAL A 218 -20.50 15.50 -28.55
N ARG A 219 -21.30 14.52 -28.97
CA ARG A 219 -22.70 14.71 -29.33
C ARG A 219 -23.50 13.67 -28.57
N PHE A 220 -24.53 14.12 -27.87
CA PHE A 220 -25.37 13.20 -27.11
C PHE A 220 -26.85 13.53 -27.32
N SER A 221 -27.68 12.51 -27.19
CA SER A 221 -29.11 12.63 -27.46
C SER A 221 -29.84 11.59 -26.62
N ILE A 222 -31.17 11.69 -26.62
CA ILE A 222 -32.03 10.76 -25.92
C ILE A 222 -33.08 10.27 -26.90
N SER A 223 -33.20 8.94 -27.03
CA SER A 223 -34.26 8.33 -27.82
C SER A 223 -35.52 8.21 -26.97
N GLY A 224 -36.04 9.37 -26.58
CA GLY A 224 -37.20 9.45 -25.74
C GLY A 224 -38.49 9.49 -26.53
N SER A 225 -39.58 9.50 -25.78
CA SER A 225 -40.92 9.65 -26.33
C SER A 225 -41.44 11.05 -26.05
N GLY A 226 -42.61 11.33 -26.61
CA GLY A 226 -43.27 12.60 -26.34
C GLY A 226 -43.97 12.61 -25.00
N VAL A 227 -44.52 11.47 -24.60
CA VAL A 227 -45.18 11.35 -23.30
C VAL A 227 -44.21 11.45 -22.14
N PHE A 228 -42.92 11.29 -22.38
CA PHE A 228 -41.93 11.34 -21.32
C PHE A 228 -41.50 12.78 -21.10
N GLY A 229 -41.41 13.16 -19.85
CA GLY A 229 -40.80 14.40 -19.42
C GLY A 229 -39.40 14.16 -18.89
N GLY A 230 -39.11 14.77 -17.76
CA GLY A 230 -37.77 14.73 -17.24
C GLY A 230 -36.80 15.59 -18.02
N LYS A 231 -35.61 15.78 -17.47
CA LYS A 231 -34.56 16.52 -18.14
C LYS A 231 -33.23 16.04 -17.60
N LEU A 232 -32.20 16.20 -18.42
CA LEU A 232 -30.90 15.60 -18.17
C LEU A 232 -29.83 16.66 -18.46
N ALA A 233 -28.70 16.55 -17.77
CA ALA A 233 -27.66 17.55 -17.82
C ALA A 233 -26.30 16.91 -18.04
N ALA A 234 -25.42 17.65 -18.71
CA ALA A 234 -24.07 17.22 -19.00
C ALA A 234 -23.10 18.25 -18.45
N ILE A 235 -22.11 17.77 -17.71
CA ILE A 235 -21.23 18.62 -16.90
C ILE A 235 -19.82 18.16 -17.17
N VAL A 236 -19.00 19.02 -17.78
CA VAL A 236 -17.57 18.75 -17.92
C VAL A 236 -16.89 19.25 -16.65
N VAL A 237 -16.60 18.33 -15.73
CA VAL A 237 -15.92 18.69 -14.50
C VAL A 237 -14.42 18.74 -14.78
N PRO A 238 -13.66 19.61 -14.12
CA PRO A 238 -12.25 19.73 -14.44
C PRO A 238 -11.47 18.55 -13.92
N PRO A 239 -10.15 18.56 -14.10
CA PRO A 239 -9.32 17.51 -13.50
C PRO A 239 -9.38 17.55 -11.98
N GLY A 240 -8.96 16.45 -11.37
CA GLY A 240 -8.89 16.33 -9.93
C GLY A 240 -10.18 16.03 -9.22
N VAL A 241 -11.23 16.78 -9.50
CA VAL A 241 -12.49 16.62 -8.79
C VAL A 241 -13.11 15.27 -9.10
N ASP A 242 -13.69 14.66 -8.08
CA ASP A 242 -14.63 13.57 -8.21
C ASP A 242 -16.01 14.12 -7.94
N PRO A 243 -17.04 13.80 -8.73
CA PRO A 243 -18.34 14.41 -8.52
C PRO A 243 -19.12 13.73 -7.40
N VAL A 244 -20.24 14.35 -7.07
CA VAL A 244 -21.14 13.91 -6.01
C VAL A 244 -22.56 13.95 -6.56
N GLN A 245 -23.38 13.00 -6.12
CA GLN A 245 -24.75 12.89 -6.60
C GLN A 245 -25.61 13.91 -5.88
N SER A 246 -25.43 15.16 -6.29
CA SER A 246 -26.19 16.28 -5.73
C SER A 246 -26.44 17.30 -6.83
N THR A 247 -27.54 18.03 -6.69
CA THR A 247 -27.88 19.10 -7.60
C THR A 247 -26.99 20.33 -7.42
N SER A 248 -26.10 20.34 -6.44
CA SER A 248 -25.11 21.40 -6.32
C SER A 248 -24.10 21.37 -7.46
N MET A 249 -23.92 20.24 -8.11
CA MET A 249 -23.04 20.15 -9.25
C MET A 249 -23.59 20.88 -10.46
N LEU A 250 -24.89 21.19 -10.45
CA LEU A 250 -25.55 21.97 -11.47
C LEU A 250 -25.41 23.48 -11.23
N GLN A 251 -24.58 23.87 -10.26
CA GLN A 251 -24.20 25.25 -10.00
C GLN A 251 -22.91 25.58 -10.70
N TYR A 252 -22.79 25.08 -11.93
CA TYR A 252 -21.57 25.01 -12.70
C TYR A 252 -22.09 24.88 -14.12
N PRO A 253 -21.38 25.37 -15.14
CA PRO A 253 -21.97 25.33 -16.49
C PRO A 253 -22.23 23.93 -16.96
N HIS A 254 -23.39 23.74 -17.56
CA HIS A 254 -23.92 22.42 -17.85
C HIS A 254 -24.88 22.53 -19.02
N VAL A 255 -24.90 21.49 -19.85
CA VAL A 255 -25.74 21.46 -21.04
C VAL A 255 -27.03 20.75 -20.68
N LEU A 256 -28.12 21.51 -20.62
CA LEU A 256 -29.43 20.95 -20.40
C LEU A 256 -29.89 20.21 -21.64
N PHE A 257 -30.59 19.11 -21.43
CA PHE A 257 -31.16 18.36 -22.53
C PHE A 257 -32.44 17.72 -22.04
N ASP A 258 -33.57 18.10 -22.63
CA ASP A 258 -34.87 17.56 -22.26
C ASP A 258 -35.15 16.28 -23.04
N ALA A 259 -35.91 15.39 -22.41
CA ALA A 259 -36.29 14.14 -23.06
C ALA A 259 -37.12 14.39 -24.30
N ARG A 260 -37.87 15.48 -24.33
CA ARG A 260 -38.70 15.85 -25.46
C ARG A 260 -37.91 16.49 -26.59
N GLN A 261 -36.59 16.61 -26.45
CA GLN A 261 -35.76 17.29 -27.43
C GLN A 261 -35.22 16.27 -28.42
N VAL A 262 -35.36 16.60 -29.71
CA VAL A 262 -35.04 15.69 -30.78
C VAL A 262 -33.65 15.94 -31.34
N GLU A 263 -33.35 17.18 -31.68
CA GLU A 263 -32.08 17.48 -32.33
C GLU A 263 -30.96 17.31 -31.32
N PRO A 264 -29.86 16.62 -31.67
CA PRO A 264 -28.78 16.48 -30.69
C PRO A 264 -28.10 17.79 -30.38
N VAL A 265 -27.15 17.73 -29.46
CA VAL A 265 -26.44 18.90 -28.98
C VAL A 265 -24.97 18.53 -28.90
N ILE A 266 -24.11 19.49 -29.23
CA ILE A 266 -22.68 19.27 -29.38
C ILE A 266 -21.92 20.19 -28.44
N PHE A 267 -20.82 19.70 -27.90
CA PHE A 267 -19.96 20.50 -27.04
C PHE A 267 -18.62 19.79 -26.92
N SER A 268 -17.62 20.55 -26.49
CA SER A 268 -16.26 20.05 -26.41
C SER A 268 -15.88 19.68 -24.98
N ILE A 269 -14.94 18.76 -24.86
CA ILE A 269 -14.29 18.42 -23.61
C ILE A 269 -12.82 18.85 -23.73
N PRO A 270 -12.40 19.96 -23.13
CA PRO A 270 -11.03 20.43 -23.33
C PRO A 270 -10.02 19.62 -22.56
N ASP A 271 -8.78 19.70 -23.02
CA ASP A 271 -7.64 19.07 -22.32
C ASP A 271 -7.05 20.15 -21.42
N LEU A 272 -7.37 20.05 -20.14
CA LEU A 272 -6.89 20.97 -19.13
C LEU A 272 -5.90 20.18 -18.31
N ARG A 273 -4.61 20.47 -18.51
CA ARG A 273 -3.55 19.62 -18.01
C ARG A 273 -2.44 20.49 -17.45
N SER A 274 -1.96 20.11 -16.27
CA SER A 274 -0.79 20.73 -15.68
C SER A 274 0.51 20.28 -16.33
N THR A 275 0.45 19.24 -17.16
CA THR A 275 1.60 18.74 -17.87
C THR A 275 1.57 19.27 -19.29
N LEU A 276 2.47 18.78 -20.12
CA LEU A 276 2.56 19.16 -21.52
C LEU A 276 2.12 18.04 -22.45
N TYR A 277 2.08 16.81 -21.96
CA TYR A 277 1.41 15.74 -22.65
C TYR A 277 0.88 14.77 -21.62
N HIS A 278 0.01 13.88 -22.07
CA HIS A 278 -0.52 12.80 -21.26
C HIS A 278 0.13 11.49 -21.66
N LEU A 279 -0.16 10.47 -20.86
CA LEU A 279 0.18 9.09 -21.16
C LEU A 279 -1.13 8.32 -21.24
N MET A 280 -1.08 7.18 -21.92
CA MET A 280 -2.30 6.43 -22.17
C MET A 280 -2.95 5.94 -20.89
N SER A 281 -2.16 5.77 -19.84
CA SER A 281 -2.66 5.34 -18.54
C SER A 281 -3.28 6.48 -17.74
N ASP A 282 -3.04 7.73 -18.11
CA ASP A 282 -3.50 8.86 -17.32
C ASP A 282 -5.01 8.93 -17.31
N THR A 283 -5.59 8.96 -16.10
CA THR A 283 -7.02 9.04 -15.90
C THR A 283 -7.43 10.22 -15.04
N ASP A 284 -6.51 11.12 -14.73
CA ASP A 284 -6.81 12.36 -14.01
C ASP A 284 -7.15 13.51 -14.95
N THR A 285 -7.73 13.20 -16.10
CA THR A 285 -7.98 14.19 -17.13
C THR A 285 -9.32 14.88 -16.88
N THR A 286 -9.65 15.83 -17.76
CA THR A 286 -10.98 16.39 -17.76
C THR A 286 -11.98 15.28 -18.00
N SER A 287 -13.17 15.43 -17.47
CA SER A 287 -14.15 14.36 -17.48
C SER A 287 -15.54 14.90 -17.69
N LEU A 288 -16.39 14.04 -18.22
CA LEU A 288 -17.80 14.32 -18.48
C LEU A 288 -18.64 13.48 -17.54
N VAL A 289 -19.78 14.03 -17.13
CA VAL A 289 -20.77 13.28 -16.39
C VAL A 289 -22.14 13.67 -16.92
N ILE A 290 -23.01 12.68 -17.04
CA ILE A 290 -24.43 12.89 -17.32
C ILE A 290 -25.17 12.75 -16.00
N MET A 291 -25.90 13.80 -15.62
CA MET A 291 -26.52 13.91 -14.31
C MET A 291 -28.00 14.22 -14.45
N VAL A 292 -28.81 13.57 -13.63
CA VAL A 292 -30.25 13.78 -13.67
C VAL A 292 -30.59 15.14 -13.09
N TYR A 293 -31.13 16.01 -13.94
CA TYR A 293 -31.52 17.37 -13.59
C TYR A 293 -32.96 17.41 -13.10
N ASN A 294 -33.87 16.75 -13.82
CA ASN A 294 -35.24 16.56 -13.41
C ASN A 294 -35.58 15.09 -13.64
N ASP A 295 -36.26 14.49 -12.66
CA ASP A 295 -36.59 13.07 -12.75
C ASP A 295 -37.47 12.78 -13.95
N LEU A 296 -37.27 11.61 -14.54
CA LEU A 296 -38.06 11.16 -15.68
C LEU A 296 -39.45 10.76 -15.22
N ILE A 297 -40.45 11.10 -16.03
CA ILE A 297 -41.85 10.93 -15.66
C ILE A 297 -42.59 10.21 -16.77
N ASN A 298 -43.52 9.36 -16.37
CA ASN A 298 -44.43 8.68 -17.27
C ASN A 298 -45.71 8.39 -16.48
N PRO A 299 -46.84 9.00 -16.81
CA PRO A 299 -48.06 8.75 -16.01
C PRO A 299 -48.65 7.36 -16.19
N TYR A 300 -48.11 6.55 -17.11
CA TYR A 300 -48.72 5.27 -17.44
C TYR A 300 -48.32 4.18 -16.44
N ALA A 301 -47.03 3.85 -16.41
CA ALA A 301 -46.58 2.61 -15.77
C ALA A 301 -46.20 2.92 -14.33
N ASN A 302 -47.22 3.08 -13.50
CA ASN A 302 -47.06 3.09 -12.05
C ASN A 302 -47.17 1.70 -11.44
N ASP A 303 -47.00 0.66 -12.25
CA ASP A 303 -47.01 -0.73 -11.83
C ASP A 303 -45.73 -1.47 -12.17
N SER A 304 -45.14 -1.20 -13.34
CA SER A 304 -43.88 -1.81 -13.75
C SER A 304 -42.68 -0.89 -13.53
N ASN A 305 -42.81 0.40 -13.87
CA ASN A 305 -41.76 1.39 -13.62
C ASN A 305 -40.47 1.02 -14.35
N SER A 306 -40.59 0.61 -15.61
CA SER A 306 -39.49 0.14 -16.43
C SER A 306 -39.42 0.91 -17.74
N SER A 307 -39.48 2.24 -17.64
CA SER A 307 -39.42 3.10 -18.81
C SER A 307 -37.97 3.25 -19.29
N GLY A 308 -37.81 3.94 -20.43
CA GLY A 308 -36.62 3.78 -21.25
C GLY A 308 -35.68 4.97 -21.35
N CYS A 309 -35.77 5.71 -22.45
CA CYS A 309 -34.87 6.83 -22.72
C CYS A 309 -33.41 6.39 -22.76
N ILE A 310 -33.08 5.63 -23.79
CA ILE A 310 -31.69 5.35 -24.09
C ILE A 310 -30.98 6.67 -24.38
N VAL A 311 -29.78 6.82 -23.81
CA VAL A 311 -29.03 8.06 -23.87
C VAL A 311 -27.70 7.74 -24.52
N THR A 312 -27.56 8.09 -25.79
CA THR A 312 -26.35 7.78 -26.55
C THR A 312 -25.34 8.90 -26.44
N VAL A 313 -24.06 8.53 -26.50
CA VAL A 313 -22.95 9.45 -26.47
C VAL A 313 -22.08 9.13 -27.68
N GLU A 314 -21.83 10.13 -28.51
CA GLU A 314 -20.99 10.00 -29.68
C GLU A 314 -19.85 10.98 -29.58
N THR A 315 -18.73 10.65 -30.21
CA THR A 315 -17.49 11.38 -30.03
C THR A 315 -16.79 11.60 -31.36
N LYS A 316 -16.11 12.74 -31.43
CA LYS A 316 -15.27 13.11 -32.55
C LYS A 316 -13.99 13.73 -31.98
N PRO A 317 -12.84 13.54 -32.63
CA PRO A 317 -11.64 14.20 -32.15
C PRO A 317 -11.70 15.70 -32.37
N GLY A 318 -11.20 16.43 -31.39
CA GLY A 318 -11.01 17.85 -31.58
C GLY A 318 -9.81 18.14 -32.46
N ALA A 319 -9.82 19.33 -33.03
CA ALA A 319 -8.73 19.72 -33.92
C ALA A 319 -7.41 19.85 -33.17
N ASP A 320 -7.47 20.16 -31.89
CA ASP A 320 -6.27 20.22 -31.06
C ASP A 320 -5.81 18.84 -30.61
N PHE A 321 -6.50 17.78 -31.01
CA PHE A 321 -6.07 16.45 -30.64
C PHE A 321 -4.93 16.00 -31.53
N LYS A 322 -3.94 15.37 -30.91
CA LYS A 322 -2.85 14.75 -31.64
C LYS A 322 -2.14 13.79 -30.71
N PHE A 323 -1.58 12.75 -31.30
CA PHE A 323 -0.78 11.78 -30.58
C PHE A 323 0.67 12.17 -30.64
N HIS A 324 1.43 11.74 -29.64
CA HIS A 324 2.85 12.02 -29.55
C HIS A 324 3.57 10.74 -29.17
N LEU A 325 4.86 10.68 -29.50
CA LEU A 325 5.75 9.64 -29.01
C LEU A 325 5.32 8.24 -29.46
N LEU A 326 5.56 7.95 -30.73
CA LEU A 326 5.61 6.57 -31.20
C LEU A 326 6.32 5.69 -30.19
N LYS A 327 5.69 4.55 -29.89
CA LYS A 327 6.35 3.51 -29.13
C LYS A 327 6.88 2.45 -30.10
N PRO A 328 8.04 1.84 -29.84
CA PRO A 328 8.43 0.69 -30.63
C PRO A 328 7.41 -0.43 -30.46
N PRO A 329 7.03 -1.12 -31.53
CA PRO A 329 6.10 -2.24 -31.37
C PRO A 329 6.69 -3.35 -30.50
N GLY A 330 5.84 -3.94 -29.68
CA GLY A 330 6.23 -4.95 -28.73
C GLY A 330 6.71 -4.40 -27.41
N SER A 331 7.20 -3.16 -27.40
CA SER A 331 7.66 -2.55 -26.18
C SER A 331 6.50 -2.31 -25.23
N MET A 332 6.77 -2.50 -23.95
CA MET A 332 5.77 -2.30 -22.91
C MET A 332 5.82 -0.87 -22.39
N LEU A 333 4.71 -0.45 -21.80
CA LEU A 333 4.60 0.87 -21.21
C LEU A 333 4.94 0.78 -19.72
N THR A 334 5.76 1.72 -19.24
CA THR A 334 6.17 1.66 -17.84
C THR A 334 5.00 1.92 -16.92
N HIS A 335 4.17 2.89 -17.25
CA HIS A 335 3.00 3.22 -16.46
C HIS A 335 1.80 2.35 -16.81
N GLY A 336 1.99 1.34 -17.63
CA GLY A 336 0.94 0.39 -17.90
C GLY A 336 -0.07 0.90 -18.88
N SER A 337 -1.01 0.00 -19.19
CA SER A 337 -2.15 0.29 -20.04
C SER A 337 -3.38 0.51 -19.17
N VAL A 338 -4.52 0.67 -19.82
CA VAL A 338 -5.79 0.96 -19.14
C VAL A 338 -6.58 -0.35 -19.05
N PRO A 339 -7.13 -0.72 -17.88
CA PRO A 339 -7.87 -1.98 -17.81
C PRO A 339 -9.25 -1.91 -18.41
N SER A 340 -9.32 -2.10 -19.72
CA SER A 340 -10.56 -1.95 -20.48
C SER A 340 -10.95 -3.22 -21.24
N ASP A 341 -10.30 -4.35 -20.96
CA ASP A 341 -10.53 -5.58 -21.70
C ASP A 341 -10.55 -6.81 -20.79
N LEU A 342 -10.75 -6.62 -19.49
CA LEU A 342 -10.71 -7.72 -18.55
C LEU A 342 -11.94 -8.62 -18.66
N ILE A 343 -13.11 -8.05 -18.93
CA ILE A 343 -14.34 -8.83 -19.09
C ILE A 343 -14.78 -8.72 -20.54
N PRO A 344 -15.21 -9.80 -21.20
CA PRO A 344 -15.74 -9.69 -22.55
C PRO A 344 -17.04 -8.89 -22.59
N LYS A 345 -17.40 -8.49 -23.80
CA LYS A 345 -18.60 -7.70 -24.05
C LYS A 345 -19.85 -8.55 -24.21
N SER A 346 -19.76 -9.86 -23.98
CA SER A 346 -20.91 -10.74 -24.09
C SER A 346 -20.74 -11.91 -23.15
N SER A 347 -21.84 -12.32 -22.52
CA SER A 347 -21.81 -13.36 -21.52
C SER A 347 -21.58 -14.75 -22.08
N SER A 348 -21.67 -14.92 -23.39
CA SER A 348 -21.37 -16.22 -23.99
C SER A 348 -19.92 -16.61 -23.79
N LEU A 349 -19.04 -15.64 -23.52
CA LEU A 349 -17.62 -15.86 -23.36
C LEU A 349 -17.19 -15.92 -21.91
N TRP A 350 -18.12 -15.86 -20.96
CA TRP A 350 -17.79 -15.82 -19.55
C TRP A 350 -17.77 -17.24 -19.01
N ILE A 351 -16.61 -17.66 -18.51
CA ILE A 351 -16.48 -18.93 -17.83
C ILE A 351 -15.65 -18.74 -16.57
N GLY A 352 -15.77 -19.69 -15.66
CA GLY A 352 -15.19 -19.53 -14.34
C GLY A 352 -13.72 -19.87 -14.26
N ASN A 353 -13.08 -19.29 -13.25
CA ASN A 353 -11.69 -19.58 -12.95
C ASN A 353 -11.50 -20.83 -12.09
N ARG A 354 -12.57 -21.52 -11.72
CA ARG A 354 -12.48 -22.80 -11.01
C ARG A 354 -13.04 -23.94 -11.83
N HIS A 355 -14.16 -23.74 -12.51
CA HIS A 355 -14.74 -24.74 -13.39
C HIS A 355 -15.07 -24.10 -14.73
N TRP A 356 -14.94 -24.90 -15.79
CA TRP A 356 -14.94 -24.41 -17.16
C TRP A 356 -16.33 -24.09 -17.71
N THR A 357 -17.39 -24.28 -16.92
CA THR A 357 -18.72 -24.07 -17.45
C THR A 357 -19.03 -22.57 -17.54
N ASP A 358 -20.15 -22.28 -18.18
CA ASP A 358 -20.53 -20.91 -18.48
C ASP A 358 -21.20 -20.26 -17.27
N ILE A 359 -20.83 -19.01 -17.02
CA ILE A 359 -21.46 -18.26 -15.94
C ILE A 359 -22.94 -18.09 -16.24
N THR A 360 -23.76 -18.09 -15.19
CA THR A 360 -25.20 -18.07 -15.33
C THR A 360 -25.85 -17.00 -14.46
N ASP A 361 -25.22 -16.64 -13.36
CA ASP A 361 -25.71 -15.57 -12.49
C ASP A 361 -24.61 -15.19 -11.52
N PHE A 362 -24.93 -14.23 -10.64
CA PHE A 362 -24.00 -13.61 -9.72
C PHE A 362 -24.43 -13.91 -8.30
N VAL A 363 -23.48 -13.73 -7.38
CA VAL A 363 -23.70 -13.98 -5.96
C VAL A 363 -22.96 -12.92 -5.18
N ILE A 364 -23.62 -12.37 -4.16
CA ILE A 364 -23.04 -11.33 -3.30
C ILE A 364 -22.84 -11.95 -1.93
N ARG A 365 -21.67 -11.74 -1.37
CA ARG A 365 -21.31 -12.28 -0.06
C ARG A 365 -20.44 -11.27 0.66
N PRO A 366 -20.38 -11.35 2.00
CA PRO A 366 -19.53 -10.41 2.73
C PRO A 366 -18.06 -10.69 2.61
N PHE A 367 -17.67 -11.86 2.12
CA PHE A 367 -16.28 -12.20 1.91
C PHE A 367 -16.16 -13.07 0.67
N VAL A 368 -15.08 -12.85 -0.07
CA VAL A 368 -14.86 -13.50 -1.36
C VAL A 368 -13.38 -13.83 -1.47
N PHE A 369 -13.07 -15.08 -1.82
CA PHE A 369 -11.73 -15.61 -1.70
C PHE A 369 -11.50 -16.71 -2.72
N GLN A 370 -10.30 -16.72 -3.30
CA GLN A 370 -9.84 -17.77 -4.17
C GLN A 370 -8.37 -17.55 -4.45
N ALA A 371 -7.66 -18.64 -4.73
CA ALA A 371 -6.21 -18.62 -4.91
C ALA A 371 -5.74 -19.25 -6.22
N ASN A 372 -6.40 -20.30 -6.69
CA ASN A 372 -5.85 -21.16 -7.72
C ASN A 372 -5.56 -20.46 -9.04
N ARG A 373 -6.60 -20.00 -9.76
CA ARG A 373 -6.44 -19.30 -11.02
C ARG A 373 -6.74 -17.81 -10.87
N HIS A 374 -6.56 -17.28 -9.68
CA HIS A 374 -6.82 -15.88 -9.38
C HIS A 374 -5.53 -15.09 -9.54
N PHE A 375 -5.56 -14.07 -10.38
CA PHE A 375 -4.41 -13.23 -10.67
C PHE A 375 -4.73 -11.78 -10.30
N ASP A 376 -3.79 -11.12 -9.65
CA ASP A 376 -3.91 -9.71 -9.33
C ASP A 376 -3.42 -8.88 -10.51
N PHE A 377 -3.27 -7.57 -10.33
CA PHE A 377 -2.76 -6.72 -11.40
C PHE A 377 -1.24 -6.73 -11.52
N ASN A 378 -0.54 -7.43 -10.64
CA ASN A 378 0.90 -7.61 -10.73
C ASN A 378 1.28 -8.94 -11.38
N GLN A 379 0.33 -9.58 -12.08
CA GLN A 379 0.57 -10.86 -12.74
C GLN A 379 0.99 -11.93 -11.75
N GLU A 380 0.42 -11.85 -10.54
CA GLU A 380 0.77 -12.72 -9.44
C GLU A 380 -0.47 -13.46 -8.97
N THR A 381 -0.32 -14.77 -8.79
CA THR A 381 -1.36 -15.63 -8.25
C THR A 381 -0.83 -16.34 -7.03
N ALA A 382 -1.67 -16.45 -6.01
CA ALA A 382 -1.32 -17.19 -4.81
C ALA A 382 -1.56 -18.69 -4.96
N GLY A 383 -1.92 -19.15 -6.16
CA GLY A 383 -2.20 -20.55 -6.41
C GLY A 383 -1.13 -21.25 -7.20
N TRP A 384 -1.53 -22.26 -7.95
CA TRP A 384 -0.61 -23.23 -8.52
C TRP A 384 -0.93 -23.62 -9.96
N SER A 385 -1.85 -22.93 -10.62
CA SER A 385 -2.37 -23.39 -11.91
C SER A 385 -2.49 -22.23 -12.87
N THR A 386 -2.32 -22.55 -14.15
CA THR A 386 -2.44 -21.58 -15.22
C THR A 386 -3.91 -21.29 -15.49
N PRO A 387 -4.22 -20.21 -16.22
CA PRO A 387 -5.61 -19.94 -16.59
C PRO A 387 -6.08 -20.80 -17.75
N ARG A 388 -6.07 -22.11 -17.54
CA ARG A 388 -6.47 -23.07 -18.54
C ARG A 388 -7.12 -24.24 -17.83
N TYR A 389 -7.87 -25.02 -18.59
CA TYR A 389 -8.47 -26.27 -18.12
C TYR A 389 -7.99 -27.37 -19.05
N ARG A 390 -7.22 -28.30 -18.50
CA ARG A 390 -6.64 -29.38 -19.29
C ARG A 390 -6.57 -30.61 -18.41
N PRO A 391 -6.28 -31.77 -19.00
CA PRO A 391 -6.08 -32.96 -18.19
C PRO A 391 -4.91 -32.81 -17.22
N ILE A 392 -4.92 -33.67 -16.20
CA ILE A 392 -3.96 -33.61 -15.10
C ILE A 392 -3.18 -34.92 -15.17
N THR A 393 -1.90 -34.83 -15.50
CA THR A 393 -1.03 -36.00 -15.57
C THR A 393 -0.28 -36.16 -14.26
N ILE A 394 -0.27 -37.38 -13.74
CA ILE A 394 0.39 -37.71 -12.48
C ILE A 394 1.02 -39.10 -12.59
N THR A 395 1.66 -39.52 -11.51
CA THR A 395 2.29 -40.84 -11.44
C THR A 395 2.12 -41.37 -10.02
N ILE A 396 1.22 -42.33 -9.86
CA ILE A 396 1.01 -42.99 -8.58
C ILE A 396 2.06 -44.08 -8.41
N SER A 397 2.24 -44.53 -7.17
CA SER A 397 3.12 -45.65 -6.85
C SER A 397 2.68 -46.20 -5.51
N GLU A 398 2.09 -47.39 -5.52
CA GLU A 398 1.58 -48.01 -4.29
C GLU A 398 1.84 -49.51 -4.35
N LYS A 399 1.51 -50.19 -3.25
CA LYS A 399 1.84 -51.60 -3.09
C LYS A 399 0.92 -52.20 -2.05
N ASN A 400 0.86 -53.53 -2.05
CA ASN A 400 0.13 -54.37 -1.09
C ASN A 400 -1.38 -54.27 -1.22
N GLY A 401 -1.91 -53.44 -2.12
CA GLY A 401 -3.33 -53.22 -2.25
C GLY A 401 -3.66 -51.97 -1.49
N ALA A 402 -3.70 -50.84 -2.21
CA ALA A 402 -3.83 -49.53 -1.60
C ALA A 402 -5.12 -48.83 -2.03
N LYS A 403 -5.30 -48.66 -3.34
CA LYS A 403 -6.44 -47.95 -3.93
C LYS A 403 -6.50 -46.47 -3.57
N LEU A 404 -5.55 -45.96 -2.79
CA LEU A 404 -5.63 -44.64 -2.17
C LEU A 404 -4.25 -43.97 -2.19
N GLY A 405 -3.60 -43.99 -3.34
CA GLY A 405 -2.23 -43.53 -3.41
C GLY A 405 -2.09 -42.02 -3.42
N ILE A 406 -0.82 -41.60 -3.46
CA ILE A 406 -0.43 -40.19 -3.56
C ILE A 406 0.31 -40.01 -4.86
N GLY A 407 -0.20 -39.13 -5.72
CA GLY A 407 0.43 -38.86 -6.99
C GLY A 407 1.56 -37.86 -6.89
N VAL A 408 2.24 -37.65 -8.02
CA VAL A 408 3.29 -36.66 -8.14
C VAL A 408 3.12 -35.94 -9.46
N ALA A 409 3.45 -34.66 -9.46
CA ALA A 409 3.24 -33.82 -10.62
C ALA A 409 4.17 -34.19 -11.77
N THR A 410 3.65 -34.01 -12.99
CA THR A 410 4.45 -34.07 -14.20
C THR A 410 4.33 -32.82 -15.06
N ASP A 411 3.24 -32.07 -14.95
CA ASP A 411 3.09 -30.75 -15.55
C ASP A 411 2.69 -29.80 -14.44
N TYR A 412 3.50 -28.78 -14.20
CA TYR A 412 3.28 -27.88 -13.09
C TYR A 412 3.86 -26.51 -13.41
N ILE A 413 3.48 -25.54 -12.59
CA ILE A 413 4.22 -24.30 -12.46
C ILE A 413 4.87 -24.15 -11.09
N VAL A 414 4.25 -24.70 -10.05
CA VAL A 414 4.83 -24.77 -8.72
C VAL A 414 5.32 -26.20 -8.51
N PRO A 415 6.54 -26.41 -8.01
CA PRO A 415 7.01 -27.79 -7.84
C PRO A 415 6.16 -28.56 -6.84
N GLY A 416 5.62 -29.69 -7.30
CA GLY A 416 4.87 -30.59 -6.46
C GLY A 416 3.42 -30.75 -6.84
N ILE A 417 2.77 -29.65 -7.20
CA ILE A 417 1.33 -29.63 -7.47
C ILE A 417 1.13 -29.67 -8.98
N PRO A 418 0.28 -30.56 -9.51
CA PRO A 418 -0.01 -30.50 -10.94
C PRO A 418 -0.73 -29.22 -11.31
N ASP A 419 -0.52 -28.79 -12.55
CA ASP A 419 -1.24 -27.66 -13.08
C ASP A 419 -2.69 -28.07 -13.31
N GLY A 420 -3.60 -27.38 -12.64
CA GLY A 420 -5.01 -27.67 -12.73
C GLY A 420 -5.54 -28.58 -11.66
N TRP A 421 -4.91 -28.62 -10.50
CA TRP A 421 -5.42 -29.45 -9.42
C TRP A 421 -6.55 -28.71 -8.68
N PRO A 422 -7.61 -29.40 -8.24
CA PRO A 422 -8.75 -28.68 -7.66
C PRO A 422 -8.42 -28.00 -6.35
N ASP A 423 -9.01 -26.82 -6.15
CA ASP A 423 -8.81 -26.01 -4.97
C ASP A 423 -9.94 -26.19 -3.95
N THR A 424 -10.15 -27.42 -3.51
CA THR A 424 -11.15 -27.66 -2.49
C THR A 424 -10.83 -28.99 -1.80
N THR A 425 -11.08 -29.02 -0.49
CA THR A 425 -10.77 -30.16 0.35
C THR A 425 -12.06 -30.76 0.89
N ILE A 426 -12.01 -32.06 1.16
CA ILE A 426 -13.15 -32.82 1.68
C ILE A 426 -13.62 -32.28 3.02
N PRO A 427 -14.84 -32.62 3.46
CA PRO A 427 -15.32 -32.03 4.72
C PRO A 427 -14.61 -32.56 5.95
N GLU A 428 -14.41 -33.87 6.01
CA GLU A 428 -13.98 -34.53 7.23
C GLU A 428 -13.10 -35.71 6.87
N LYS A 429 -12.76 -36.50 7.88
CA LYS A 429 -11.97 -37.70 7.69
C LYS A 429 -12.88 -38.82 7.20
N LEU A 430 -12.41 -39.56 6.20
CA LEU A 430 -13.23 -40.58 5.56
C LEU A 430 -12.34 -41.65 4.94
N THR A 431 -12.91 -42.86 4.85
CA THR A 431 -12.21 -44.06 4.41
C THR A 431 -12.92 -44.58 3.17
N PRO A 432 -12.57 -44.10 1.98
CA PRO A 432 -13.30 -44.52 0.78
C PRO A 432 -13.15 -46.01 0.53
N ALA A 433 -14.27 -46.72 0.59
CA ALA A 433 -14.30 -48.16 0.34
C ALA A 433 -15.46 -48.64 -0.51
N GLY A 434 -16.57 -47.90 -0.60
CA GLY A 434 -17.82 -48.45 -1.11
C GLY A 434 -18.40 -47.73 -2.31
N ASP A 435 -19.67 -47.32 -2.16
CA ASP A 435 -20.44 -46.75 -3.26
C ASP A 435 -21.34 -45.64 -2.71
N TYR A 436 -22.13 -45.04 -3.60
CA TYR A 436 -22.94 -43.91 -3.23
C TYR A 436 -24.02 -44.30 -2.24
N ALA A 437 -24.47 -43.32 -1.45
CA ALA A 437 -25.47 -43.54 -0.42
C ALA A 437 -26.05 -42.18 -0.04
N ILE A 438 -27.36 -42.01 -0.22
CA ILE A 438 -28.04 -40.74 -0.03
C ILE A 438 -29.30 -40.99 0.77
N THR A 439 -29.73 -39.96 1.51
CA THR A 439 -30.95 -40.05 2.30
C THR A 439 -31.38 -38.65 2.72
N ASN A 440 -32.67 -38.53 3.04
CA ASN A 440 -33.35 -37.25 3.25
C ASN A 440 -33.26 -36.83 4.72
N LYS A 441 -34.11 -35.89 5.13
CA LYS A 441 -34.11 -35.35 6.49
C LYS A 441 -34.38 -36.44 7.50
N SER A 442 -33.32 -36.91 8.18
CA SER A 442 -33.39 -37.84 9.30
C SER A 442 -34.41 -38.96 9.13
N GLY A 443 -34.54 -39.46 7.90
CA GLY A 443 -35.63 -40.34 7.54
C GLY A 443 -35.19 -41.73 7.12
N ASN A 444 -33.91 -41.89 6.78
CA ASN A 444 -33.38 -43.17 6.32
C ASN A 444 -34.08 -43.61 5.03
N ASP A 445 -34.44 -42.64 4.20
CA ASP A 445 -35.18 -42.87 2.96
C ASP A 445 -34.27 -42.52 1.80
N ILE A 446 -33.88 -43.53 1.02
CA ILE A 446 -32.94 -43.32 -0.08
C ILE A 446 -33.61 -42.49 -1.16
N THR A 447 -32.82 -41.63 -1.80
CA THR A 447 -33.27 -40.84 -2.95
C THR A 447 -32.95 -41.58 -4.25
N THR A 448 -33.48 -42.79 -4.36
CA THR A 448 -33.21 -43.62 -5.52
C THR A 448 -33.79 -43.01 -6.79
N ALA A 449 -34.97 -42.42 -6.68
CA ALA A 449 -35.67 -41.83 -7.81
C ALA A 449 -35.33 -40.35 -7.91
N ALA A 450 -36.09 -39.61 -8.72
CA ALA A 450 -36.02 -38.17 -8.76
C ALA A 450 -36.79 -37.49 -7.64
N GLY A 451 -37.19 -38.23 -6.59
CA GLY A 451 -37.59 -37.65 -5.33
C GLY A 451 -36.46 -37.07 -4.51
N TYR A 452 -35.24 -37.10 -5.05
CA TYR A 452 -34.15 -36.24 -4.60
C TYR A 452 -34.66 -34.83 -4.34
N ASP A 453 -35.37 -34.26 -5.31
CA ASP A 453 -36.01 -32.98 -5.12
C ASP A 453 -37.09 -33.09 -4.05
N GLY A 454 -37.49 -31.94 -3.52
CA GLY A 454 -38.47 -31.94 -2.46
C GLY A 454 -37.99 -32.60 -1.19
N ALA A 455 -36.68 -32.54 -0.92
CA ALA A 455 -36.07 -33.08 0.28
C ALA A 455 -35.42 -32.01 1.12
N ASP A 456 -34.62 -31.13 0.51
CA ASP A 456 -34.07 -29.92 1.12
C ASP A 456 -32.96 -30.17 2.13
N VAL A 457 -32.70 -31.43 2.50
CA VAL A 457 -31.56 -31.79 3.33
C VAL A 457 -31.11 -33.18 2.91
N ILE A 458 -29.79 -33.38 2.88
CA ILE A 458 -29.21 -34.67 2.54
C ILE A 458 -28.11 -34.99 3.54
N VAL A 459 -28.02 -36.25 3.93
CA VAL A 459 -26.97 -36.69 4.84
C VAL A 459 -25.69 -36.99 4.06
N ASN A 460 -25.81 -37.68 2.92
CA ASN A 460 -24.66 -38.08 2.10
C ASN A 460 -23.71 -38.98 2.89
N ASN A 461 -24.20 -40.19 3.16
CA ASN A 461 -23.50 -41.19 3.95
C ASN A 461 -22.37 -41.89 3.21
N THR A 462 -21.93 -41.39 2.06
CA THR A 462 -20.86 -42.02 1.32
C THR A 462 -19.55 -42.00 2.11
N ASN A 463 -18.73 -43.00 1.86
CA ASN A 463 -17.35 -43.02 2.33
C ASN A 463 -16.43 -42.19 1.47
N PHE A 464 -16.90 -41.71 0.31
CA PHE A 464 -16.24 -40.67 -0.47
C PHE A 464 -17.26 -39.55 -0.64
N LYS A 465 -16.99 -38.42 0.01
CA LYS A 465 -18.02 -37.45 0.43
C LYS A 465 -17.56 -36.03 0.13
N GLY A 466 -17.20 -35.77 -1.12
CA GLY A 466 -16.76 -34.45 -1.53
C GLY A 466 -15.55 -34.42 -2.42
N MET A 467 -15.16 -35.57 -2.94
CA MET A 467 -14.06 -35.62 -3.88
C MET A 467 -14.52 -35.14 -5.25
N TYR A 468 -13.55 -34.97 -6.15
CA TYR A 468 -13.79 -34.60 -7.53
C TYR A 468 -13.69 -35.84 -8.40
N ILE A 469 -14.65 -36.02 -9.29
CA ILE A 469 -14.68 -37.16 -10.19
C ILE A 469 -13.85 -36.81 -11.42
N CYS A 470 -12.95 -37.72 -11.79
CA CYS A 470 -12.06 -37.49 -12.91
C CYS A 470 -11.87 -38.79 -13.66
N GLY A 471 -12.18 -38.77 -14.95
CA GLY A 471 -11.92 -39.92 -15.78
C GLY A 471 -10.43 -40.12 -15.97
N SER A 472 -10.01 -41.38 -15.84
CA SER A 472 -8.60 -41.74 -15.80
C SER A 472 -8.24 -42.62 -16.98
N LEU A 473 -6.94 -42.68 -17.26
CA LEU A 473 -6.34 -43.62 -18.19
C LEU A 473 -5.17 -44.23 -17.42
N GLN A 474 -5.48 -45.27 -16.65
CA GLN A 474 -4.51 -45.92 -15.78
C GLN A 474 -3.63 -46.84 -16.62
N ARG A 475 -2.53 -46.28 -17.15
CA ARG A 475 -1.58 -47.03 -17.93
C ARG A 475 -0.52 -47.62 -17.02
N ALA A 476 -0.31 -48.93 -17.14
CA ALA A 476 0.69 -49.61 -16.34
C ALA A 476 1.18 -50.85 -17.08
N TRP A 477 2.29 -51.40 -16.59
CA TRP A 477 2.90 -52.58 -17.20
C TRP A 477 2.39 -53.81 -16.47
N GLY A 478 1.61 -54.63 -17.18
CA GLY A 478 1.11 -55.88 -16.64
C GLY A 478 -0.22 -55.78 -15.93
N ASP A 479 -0.86 -54.61 -15.94
CA ASP A 479 -2.19 -54.49 -15.35
C ASP A 479 -3.18 -55.39 -16.06
N LYS A 480 -3.31 -55.24 -17.37
CA LYS A 480 -4.18 -56.08 -18.20
C LYS A 480 -5.63 -55.97 -17.76
N LYS A 481 -6.03 -54.77 -17.36
CA LYS A 481 -7.41 -54.51 -16.97
C LYS A 481 -7.73 -53.06 -17.27
N ILE A 482 -9.02 -52.81 -17.51
CA ILE A 482 -9.43 -51.47 -17.92
C ILE A 482 -9.30 -50.49 -16.75
N SER A 483 -9.13 -49.23 -17.10
CA SER A 483 -8.97 -48.19 -16.10
C SER A 483 -10.27 -47.98 -15.35
N ASN A 484 -10.19 -47.19 -14.28
CA ASN A 484 -11.33 -46.87 -13.44
C ASN A 484 -11.29 -45.40 -13.09
N THR A 485 -12.46 -44.88 -12.70
CA THR A 485 -12.58 -43.49 -12.27
C THR A 485 -11.69 -43.22 -11.06
N ALA A 486 -11.51 -41.93 -10.77
CA ALA A 486 -10.37 -41.45 -9.98
C ALA A 486 -10.72 -40.98 -8.58
N PHE A 487 -11.69 -40.07 -8.44
CA PHE A 487 -12.12 -39.57 -7.13
C PHE A 487 -10.95 -38.92 -6.37
N ILE A 488 -10.50 -37.79 -6.89
CA ILE A 488 -9.34 -37.09 -6.36
C ILE A 488 -9.76 -36.02 -5.35
N THR A 489 -8.78 -35.57 -4.58
CA THR A 489 -8.86 -34.41 -3.68
C THR A 489 -7.48 -34.24 -3.06
N THR A 490 -7.32 -33.15 -2.32
CA THR A 490 -6.13 -32.91 -1.51
C THR A 490 -6.43 -33.26 -0.06
N ALA A 491 -5.52 -33.99 0.57
CA ALA A 491 -5.75 -34.54 1.90
C ALA A 491 -4.49 -35.25 2.36
N THR A 492 -4.46 -35.59 3.64
CA THR A 492 -3.30 -36.22 4.26
C THR A 492 -3.57 -37.71 4.42
N LYS A 493 -2.74 -38.52 3.78
CA LYS A 493 -2.88 -39.98 3.81
C LYS A 493 -2.23 -40.50 5.07
N VAL A 494 -3.03 -40.61 6.13
CA VAL A 494 -2.57 -41.28 7.35
C VAL A 494 -2.51 -42.78 7.10
N ASP A 495 -3.56 -43.32 6.52
CA ASP A 495 -3.73 -44.74 6.26
C ASP A 495 -4.62 -44.82 5.01
N ASN A 496 -5.34 -45.93 4.86
CA ASN A 496 -6.49 -45.95 3.96
C ASN A 496 -7.37 -44.72 4.11
N ALA A 497 -7.54 -44.22 5.34
CA ALA A 497 -8.26 -42.97 5.55
C ALA A 497 -7.49 -41.79 4.97
N ILE A 498 -8.15 -40.64 4.97
CA ILE A 498 -7.56 -39.38 4.54
C ILE A 498 -8.16 -38.26 5.38
N GLU A 499 -7.30 -37.36 5.84
CA GLU A 499 -7.70 -36.24 6.67
C GLU A 499 -7.74 -34.96 5.85
N PRO A 500 -8.69 -34.04 6.11
CA PRO A 500 -8.74 -32.81 5.31
C PRO A 500 -7.49 -31.96 5.53
N SER A 501 -6.80 -31.66 4.44
CA SER A 501 -5.67 -30.75 4.45
C SER A 501 -6.14 -29.42 3.91
N ASN A 502 -6.22 -28.42 4.79
CA ASN A 502 -6.56 -27.07 4.38
C ASN A 502 -5.53 -26.50 3.40
N VAL A 503 -4.31 -27.03 3.43
CA VAL A 503 -3.19 -26.53 2.64
C VAL A 503 -2.73 -27.63 1.70
N ILE A 504 -2.25 -27.22 0.53
CA ILE A 504 -1.78 -28.15 -0.49
C ILE A 504 -0.27 -28.28 -0.39
N ASP A 505 0.23 -29.44 -0.80
CA ASP A 505 1.65 -29.73 -0.83
C ASP A 505 1.81 -30.99 -1.67
N MET A 506 3.05 -31.31 -2.02
CA MET A 506 3.32 -32.54 -2.74
C MET A 506 3.03 -33.79 -1.92
N THR A 507 2.88 -33.65 -0.61
CA THR A 507 2.55 -34.75 0.28
C THR A 507 1.07 -34.79 0.64
N LYS A 508 0.23 -34.21 -0.21
CA LYS A 508 -1.20 -34.07 0.04
C LYS A 508 -2.07 -34.47 -1.13
N ILE A 509 -1.48 -34.96 -2.21
CA ILE A 509 -2.16 -35.08 -3.50
C ILE A 509 -2.79 -36.47 -3.54
N ALA A 510 -4.03 -36.56 -3.07
CA ALA A 510 -4.69 -37.84 -2.87
C ALA A 510 -5.48 -38.25 -4.10
N VAL A 511 -5.50 -39.56 -4.35
CA VAL A 511 -6.23 -40.17 -5.46
C VAL A 511 -6.77 -41.50 -4.96
N TYR A 512 -8.07 -41.71 -5.09
CA TYR A 512 -8.72 -42.95 -4.67
C TYR A 512 -9.25 -43.71 -5.88
N GLN A 513 -8.43 -44.56 -6.46
CA GLN A 513 -8.89 -45.48 -7.49
C GLN A 513 -8.14 -46.79 -7.40
N ASP A 514 -8.81 -47.85 -7.83
CA ASP A 514 -8.18 -49.16 -7.92
C ASP A 514 -7.37 -49.20 -9.20
N THR A 515 -6.05 -49.08 -9.06
CA THR A 515 -5.11 -49.31 -10.15
C THR A 515 -4.72 -50.78 -10.24
N HIS A 516 -5.46 -51.64 -9.56
CA HIS A 516 -5.19 -53.07 -9.57
C HIS A 516 -3.77 -53.36 -9.13
N VAL A 517 -3.50 -53.14 -7.85
CA VAL A 517 -2.19 -53.37 -7.27
C VAL A 517 -2.20 -54.70 -6.52
N GLY A 518 -1.08 -55.41 -6.57
CA GLY A 518 -0.88 -56.61 -5.79
C GLY A 518 0.06 -56.36 -4.62
N LYS A 519 1.05 -57.23 -4.46
CA LYS A 519 2.08 -57.04 -3.45
C LYS A 519 3.21 -56.15 -3.94
N GLU A 520 3.62 -56.35 -5.20
CA GLU A 520 4.72 -55.59 -5.76
C GLU A 520 4.25 -54.21 -6.18
N VAL A 521 5.19 -53.26 -6.22
CA VAL A 521 4.86 -51.88 -6.57
C VAL A 521 4.33 -51.81 -7.99
N GLN A 522 3.54 -50.77 -8.25
CA GLN A 522 2.98 -50.50 -9.56
C GLN A 522 2.98 -48.99 -9.74
N THR A 523 3.60 -48.53 -10.83
CA THR A 523 3.94 -47.11 -10.98
C THR A 523 3.22 -46.51 -12.18
N SER A 524 1.90 -46.72 -12.22
CA SER A 524 1.10 -46.37 -13.38
C SER A 524 1.15 -44.87 -13.68
N ASP A 525 0.86 -44.55 -14.93
CA ASP A 525 0.61 -43.18 -15.38
C ASP A 525 -0.90 -43.04 -15.62
N ASP A 526 -1.44 -41.88 -15.26
CA ASP A 526 -2.88 -41.78 -14.99
C ASP A 526 -3.61 -40.83 -15.93
N THR A 527 -3.13 -39.58 -16.08
CA THR A 527 -3.70 -38.59 -17.00
C THR A 527 -5.21 -38.40 -16.83
N LEU A 528 -5.54 -37.80 -15.71
CA LEU A 528 -6.91 -37.51 -15.31
C LEU A 528 -7.51 -36.38 -16.16
N SER A 529 -8.84 -36.36 -16.20
CA SER A 529 -9.58 -35.21 -16.70
C SER A 529 -10.86 -35.09 -15.88
N LEU A 530 -11.15 -33.87 -15.42
CA LEU A 530 -12.18 -33.65 -14.40
C LEU A 530 -13.54 -33.49 -15.05
N LEU A 531 -14.52 -34.23 -14.53
CA LEU A 531 -15.87 -34.28 -15.07
C LEU A 531 -16.93 -33.78 -14.11
N GLY A 532 -16.84 -34.12 -12.83
CA GLY A 532 -17.88 -33.78 -11.89
C GLY A 532 -17.43 -33.73 -10.46
N TYR A 533 -18.41 -33.90 -9.57
CA TYR A 533 -18.22 -33.67 -8.14
C TYR A 533 -19.05 -34.68 -7.37
N THR A 534 -18.65 -34.89 -6.11
CA THR A 534 -19.22 -35.92 -5.24
C THR A 534 -20.05 -35.37 -4.09
N GLY A 535 -19.77 -34.15 -3.65
CA GLY A 535 -20.40 -33.60 -2.47
C GLY A 535 -21.86 -33.24 -2.66
N ILE A 536 -22.69 -34.26 -2.78
CA ILE A 536 -24.11 -34.05 -2.99
C ILE A 536 -24.74 -33.44 -1.74
N GLY A 537 -25.65 -32.50 -1.94
CA GLY A 537 -26.35 -31.89 -0.83
C GLY A 537 -25.54 -30.89 -0.05
N GLU A 538 -24.46 -30.39 -0.63
CA GLU A 538 -23.60 -29.40 0.00
C GLU A 538 -23.95 -28.02 -0.53
N GLN A 539 -23.35 -27.01 0.10
CA GLN A 539 -23.41 -25.67 -0.43
C GLN A 539 -22.50 -25.56 -1.65
N ALA A 540 -22.62 -24.45 -2.36
CA ALA A 540 -21.83 -24.23 -3.56
C ALA A 540 -20.35 -24.23 -3.24
N ILE A 541 -19.56 -24.80 -4.14
CA ILE A 541 -18.11 -24.93 -3.96
C ILE A 541 -17.51 -23.54 -3.91
N GLY A 542 -16.99 -23.18 -2.74
CA GLY A 542 -16.50 -21.84 -2.47
C GLY A 542 -17.17 -21.17 -1.30
N SER A 543 -18.28 -21.70 -0.80
CA SER A 543 -18.93 -21.11 0.36
C SER A 543 -18.06 -21.27 1.60
N ASP A 544 -17.78 -22.51 1.98
CA ASP A 544 -16.90 -22.77 3.11
C ASP A 544 -15.48 -22.39 2.73
N ARG A 545 -14.76 -21.83 3.69
CA ARG A 545 -13.41 -21.32 3.49
C ARG A 545 -12.35 -22.31 3.93
N ASP A 546 -12.57 -22.97 5.06
CA ASP A 546 -11.59 -23.92 5.58
C ASP A 546 -11.42 -25.12 4.69
N ARG A 547 -12.36 -25.36 3.77
CA ARG A 547 -12.23 -26.41 2.77
C ARG A 547 -11.60 -25.92 1.48
N VAL A 548 -11.62 -24.62 1.24
CA VAL A 548 -10.98 -24.04 0.07
C VAL A 548 -9.48 -23.98 0.29
N VAL A 549 -8.75 -24.37 -0.72
CA VAL A 549 -7.34 -24.66 -0.63
C VAL A 549 -6.52 -23.42 -0.96
N ARG A 550 -5.36 -23.32 -0.33
CA ARG A 550 -4.38 -22.30 -0.59
C ARG A 550 -3.01 -22.98 -0.62
N ILE A 551 -1.96 -22.17 -0.72
CA ILE A 551 -0.60 -22.65 -0.54
C ILE A 551 -0.12 -22.21 0.83
N SER A 552 -0.01 -20.90 1.04
CA SER A 552 0.07 -20.33 2.39
C SER A 552 -1.04 -19.34 2.67
N VAL A 553 -1.20 -18.33 1.82
CA VAL A 553 -2.04 -17.19 2.09
C VAL A 553 -3.20 -17.21 1.10
N LEU A 554 -4.42 -17.21 1.63
CA LEU A 554 -5.62 -17.18 0.82
C LEU A 554 -6.00 -15.73 0.56
N PRO A 555 -6.07 -15.28 -0.70
CA PRO A 555 -6.63 -13.96 -0.95
C PRO A 555 -8.08 -13.87 -0.51
N GLU A 556 -8.46 -12.70 -0.02
CA GLU A 556 -9.78 -12.50 0.56
C GLU A 556 -10.08 -11.01 0.53
N THR A 557 -11.35 -10.67 0.33
CA THR A 557 -11.79 -9.29 0.35
C THR A 557 -13.18 -9.21 0.94
N GLY A 558 -13.37 -8.26 1.87
CA GLY A 558 -14.68 -7.89 2.34
C GLY A 558 -15.21 -6.64 1.64
N ALA A 559 -16.22 -6.05 2.26
CA ALA A 559 -16.77 -4.82 1.72
C ALA A 559 -15.73 -3.72 1.75
N ARG A 560 -15.73 -2.90 0.72
CA ARG A 560 -14.73 -1.86 0.51
C ARG A 560 -15.50 -0.58 0.17
N GLY A 561 -15.93 0.12 1.22
CA GLY A 561 -16.61 1.38 1.04
C GLY A 561 -18.08 1.25 0.73
N GLY A 562 -18.77 0.31 1.38
CA GLY A 562 -20.16 0.05 1.10
C GLY A 562 -20.42 -0.85 -0.09
N ASN A 563 -19.44 -1.04 -0.97
CA ASN A 563 -19.57 -1.95 -2.09
C ASN A 563 -19.26 -3.36 -1.63
N HIS A 564 -20.05 -4.30 -2.13
CA HIS A 564 -20.00 -5.68 -1.69
C HIS A 564 -19.28 -6.53 -2.72
N PRO A 565 -18.44 -7.49 -2.33
CA PRO A 565 -17.80 -8.34 -3.32
C PRO A 565 -18.75 -9.41 -3.80
N ILE A 566 -18.40 -10.00 -4.95
CA ILE A 566 -19.22 -11.01 -5.59
C ILE A 566 -18.38 -12.21 -6.01
N PHE A 567 -19.05 -13.34 -6.10
CA PHE A 567 -18.59 -14.49 -6.84
C PHE A 567 -19.31 -14.53 -8.18
N TYR A 568 -18.74 -15.29 -9.11
CA TYR A 568 -19.40 -15.63 -10.35
C TYR A 568 -19.84 -17.09 -10.28
N LYS A 569 -21.13 -17.32 -10.39
CA LYS A 569 -21.68 -18.65 -10.14
C LYS A 569 -21.92 -19.40 -11.44
N ASN A 570 -21.51 -20.66 -11.43
CA ASN A 570 -21.80 -21.61 -12.50
C ASN A 570 -22.08 -22.95 -11.84
N SER A 571 -22.09 -24.02 -12.64
CA SER A 571 -22.51 -25.33 -12.20
C SER A 571 -21.45 -26.37 -12.49
N ILE A 572 -21.55 -27.48 -11.76
CA ILE A 572 -20.74 -28.67 -12.00
C ILE A 572 -21.58 -29.89 -11.74
N LYS A 573 -21.35 -30.94 -12.51
CA LYS A 573 -22.19 -32.12 -12.47
C LYS A 573 -21.85 -32.99 -11.26
N LEU A 574 -22.88 -33.53 -10.63
CA LEU A 574 -22.70 -34.52 -9.58
C LEU A 574 -22.29 -35.86 -10.22
N GLY A 575 -22.15 -36.88 -9.39
CA GLY A 575 -21.71 -38.19 -9.83
C GLY A 575 -22.81 -39.23 -9.86
N TYR A 576 -23.78 -39.10 -8.96
CA TYR A 576 -24.84 -40.08 -8.76
C TYR A 576 -26.17 -39.61 -9.32
N VAL A 577 -26.58 -38.43 -8.96
CA VAL A 577 -27.83 -37.84 -9.42
C VAL A 577 -27.55 -36.98 -10.64
N ILE A 578 -28.48 -37.00 -11.59
CA ILE A 578 -28.31 -36.26 -12.84
C ILE A 578 -28.31 -34.75 -12.64
N ARG A 579 -28.71 -34.27 -11.47
CA ARG A 579 -28.69 -32.85 -11.17
C ARG A 579 -27.24 -32.34 -11.11
N SER A 580 -27.11 -31.03 -10.95
CA SER A 580 -25.82 -30.38 -10.84
C SER A 580 -25.80 -29.53 -9.57
N ILE A 581 -24.59 -29.14 -9.18
CA ILE A 581 -24.34 -28.34 -7.99
C ILE A 581 -23.65 -27.06 -8.40
N ASP A 582 -23.89 -26.00 -7.64
CA ASP A 582 -23.34 -24.70 -7.97
C ASP A 582 -21.86 -24.65 -7.63
N VAL A 583 -21.17 -23.70 -8.26
CA VAL A 583 -19.74 -23.48 -8.07
C VAL A 583 -19.51 -21.99 -8.06
N PHE A 584 -18.75 -21.52 -7.08
CA PHE A 584 -18.40 -20.11 -6.95
C PHE A 584 -17.02 -19.84 -7.52
N ASN A 585 -16.90 -18.71 -8.21
CA ASN A 585 -15.67 -18.30 -8.88
C ASN A 585 -15.38 -16.86 -8.53
N SER A 586 -14.09 -16.56 -8.36
CA SER A 586 -13.66 -15.21 -8.04
C SER A 586 -13.45 -14.36 -9.28
N GLN A 587 -13.41 -14.96 -10.46
CA GLN A 587 -13.14 -14.23 -11.69
C GLN A 587 -13.79 -14.95 -12.86
N ILE A 588 -13.78 -14.27 -13.99
CA ILE A 588 -14.00 -14.87 -15.30
C ILE A 588 -12.62 -15.20 -15.85
N LEU A 589 -12.54 -16.30 -16.61
CA LEU A 589 -11.24 -16.79 -17.03
C LEU A 589 -10.54 -15.79 -17.95
N HIS A 590 -11.31 -15.04 -18.73
CA HIS A 590 -10.72 -13.98 -19.55
C HIS A 590 -10.08 -12.92 -18.67
N THR A 591 -10.66 -12.65 -17.50
CA THR A 591 -10.06 -11.71 -16.57
C THR A 591 -8.75 -12.26 -16.01
N SER A 592 -8.64 -13.58 -15.90
CA SER A 592 -7.43 -14.19 -15.38
C SER A 592 -6.36 -14.29 -16.46
N ARG A 593 -6.76 -14.62 -17.69
CA ARG A 593 -5.80 -14.68 -18.78
C ARG A 593 -5.21 -13.31 -19.07
N GLN A 594 -6.03 -12.26 -19.01
CA GLN A 594 -5.53 -10.92 -19.29
C GLN A 594 -4.64 -10.41 -18.17
N LEU A 595 -4.95 -10.77 -16.93
CA LEU A 595 -4.11 -10.37 -15.80
C LEU A 595 -2.90 -11.26 -15.63
N SER A 596 -2.88 -12.44 -16.26
CA SER A 596 -1.69 -13.27 -16.24
C SER A 596 -0.63 -12.79 -17.22
N LEU A 597 -1.06 -12.11 -18.29
CA LEU A 597 -0.21 -11.77 -19.42
C LEU A 597 0.07 -10.28 -19.51
N ASN A 598 -0.98 -9.47 -19.46
CA ASN A 598 -0.88 -8.06 -19.78
C ASN A 598 -0.61 -7.25 -18.52
N HIS A 599 -0.16 -6.02 -18.74
CA HIS A 599 0.31 -5.12 -17.69
C HIS A 599 -0.57 -3.90 -17.66
N TYR A 600 -1.30 -3.74 -16.57
CA TYR A 600 -2.29 -2.69 -16.42
C TYR A 600 -1.93 -1.84 -15.21
N LEU A 601 -2.51 -0.64 -15.18
CA LEU A 601 -2.35 0.29 -14.07
C LEU A 601 -3.68 0.41 -13.33
N LEU A 602 -3.61 0.35 -12.02
CA LEU A 602 -4.74 0.72 -11.20
C LEU A 602 -4.22 1.03 -9.80
N PRO A 603 -4.50 2.20 -9.23
CA PRO A 603 -4.07 2.43 -7.85
C PRO A 603 -4.82 1.50 -6.91
N PRO A 604 -4.24 1.21 -5.74
CA PRO A 604 -4.93 0.30 -4.81
C PRO A 604 -6.26 0.83 -4.32
N ASP A 605 -6.46 2.14 -4.29
CA ASP A 605 -7.66 2.75 -3.76
C ASP A 605 -8.73 2.96 -4.83
N SER A 606 -8.76 2.12 -5.86
CA SER A 606 -9.58 2.37 -7.02
C SER A 606 -10.02 1.06 -7.65
N PHE A 607 -11.01 1.19 -8.53
CA PHE A 607 -11.58 0.09 -9.31
C PHE A 607 -11.39 0.39 -10.78
N ALA A 608 -11.42 -0.67 -11.58
CA ALA A 608 -11.61 -0.56 -13.02
C ALA A 608 -13.06 -0.92 -13.30
N VAL A 609 -13.91 0.10 -13.39
CA VAL A 609 -15.34 -0.07 -13.32
C VAL A 609 -15.91 -0.31 -14.72
N TYR A 610 -16.85 -1.26 -14.76
CA TYR A 610 -17.58 -1.67 -15.96
C TYR A 610 -19.07 -1.56 -15.68
N ARG A 611 -19.88 -1.62 -16.72
CA ARG A 611 -21.34 -1.58 -16.59
C ARG A 611 -21.92 -2.79 -17.30
N ILE A 612 -22.68 -3.57 -16.55
CA ILE A 612 -23.34 -4.76 -17.06
C ILE A 612 -24.79 -4.38 -17.36
N ILE A 613 -25.25 -4.74 -18.56
CA ILE A 613 -26.60 -4.43 -19.02
C ILE A 613 -27.20 -5.70 -19.60
N ASP A 614 -28.39 -6.06 -19.12
CA ASP A 614 -29.09 -7.23 -19.61
C ASP A 614 -29.99 -6.85 -20.79
N SER A 615 -30.77 -7.83 -21.27
CA SER A 615 -31.67 -7.58 -22.40
C SER A 615 -32.77 -6.59 -22.02
N ASN A 616 -33.24 -6.63 -20.78
CA ASN A 616 -34.10 -5.58 -20.25
C ASN A 616 -33.24 -4.36 -19.90
N GLY A 617 -33.84 -3.40 -19.22
CA GLY A 617 -33.14 -2.16 -18.90
C GLY A 617 -32.48 -2.17 -17.54
N SER A 618 -32.22 -3.36 -17.00
CA SER A 618 -31.54 -3.48 -15.72
C SER A 618 -30.03 -3.43 -15.94
N TRP A 619 -29.34 -2.72 -15.05
CA TRP A 619 -27.90 -2.62 -15.16
C TRP A 619 -27.29 -2.39 -13.78
N PHE A 620 -26.00 -2.70 -13.69
CA PHE A 620 -25.22 -2.48 -12.48
C PHE A 620 -23.75 -2.44 -12.87
N ASP A 621 -22.97 -1.66 -12.12
CA ASP A 621 -21.56 -1.51 -12.38
C ASP A 621 -20.74 -2.45 -11.49
N ILE A 622 -19.92 -3.27 -12.12
CA ILE A 622 -18.93 -4.09 -11.43
C ILE A 622 -17.63 -3.30 -11.34
N GLY A 623 -16.86 -3.59 -10.29
CA GLY A 623 -15.57 -2.97 -10.07
C GLY A 623 -14.50 -3.96 -9.69
N ILE A 624 -13.46 -4.05 -10.51
CA ILE A 624 -12.40 -5.03 -10.34
C ILE A 624 -11.23 -4.32 -9.67
N ASP A 625 -10.81 -4.84 -8.52
CA ASP A 625 -9.79 -4.18 -7.72
C ASP A 625 -8.40 -4.67 -8.09
N SER A 626 -7.40 -4.10 -7.42
CA SER A 626 -6.01 -4.44 -7.69
C SER A 626 -5.67 -5.86 -7.32
N ASP A 627 -6.50 -6.48 -6.50
CA ASP A 627 -6.31 -7.86 -6.04
C ASP A 627 -6.96 -8.86 -6.99
N GLY A 628 -7.80 -8.36 -7.88
CA GLY A 628 -8.46 -9.19 -8.87
C GLY A 628 -9.90 -9.50 -8.58
N PHE A 629 -10.48 -8.91 -7.54
CA PHE A 629 -11.82 -9.24 -7.09
C PHE A 629 -12.82 -8.21 -7.59
N SER A 630 -13.98 -8.70 -7.99
CA SER A 630 -15.03 -7.91 -8.60
C SER A 630 -16.09 -7.58 -7.56
N PHE A 631 -16.39 -6.29 -7.42
CA PHE A 631 -17.35 -5.80 -6.44
C PHE A 631 -18.64 -5.34 -7.08
N VAL A 632 -19.63 -5.06 -6.24
CA VAL A 632 -20.95 -4.61 -6.68
C VAL A 632 -21.53 -3.70 -5.61
N GLY A 633 -22.30 -2.70 -6.05
CA GLY A 633 -22.89 -1.74 -5.12
C GLY A 633 -24.19 -2.16 -4.50
N VAL A 634 -24.95 -3.02 -5.17
CA VAL A 634 -26.22 -3.51 -4.64
C VAL A 634 -25.98 -4.64 -3.65
N SER A 635 -27.01 -4.96 -2.87
CA SER A 635 -27.01 -6.10 -1.98
C SER A 635 -27.62 -7.34 -2.60
N SER A 636 -28.47 -7.18 -3.61
CA SER A 636 -29.05 -8.29 -4.33
C SER A 636 -29.28 -7.87 -5.77
N ILE A 637 -28.78 -8.65 -6.71
CA ILE A 637 -28.90 -8.32 -8.13
C ILE A 637 -30.22 -8.80 -8.68
N GLY A 638 -30.75 -9.91 -8.19
CA GLY A 638 -31.94 -10.48 -8.77
C GLY A 638 -31.64 -11.22 -10.04
N LYS A 639 -32.70 -11.77 -10.64
CA LYS A 639 -32.57 -12.46 -11.90
C LYS A 639 -32.51 -11.48 -13.05
N LEU A 640 -31.85 -11.89 -14.12
CA LEU A 640 -31.57 -11.02 -15.26
C LEU A 640 -31.59 -11.84 -16.54
N GLU A 641 -32.16 -11.25 -17.58
CA GLU A 641 -32.23 -11.89 -18.89
C GLU A 641 -30.77 -12.11 -19.19
N PHE A 642 -30.32 -13.34 -19.34
CA PHE A 642 -28.88 -13.54 -19.45
C PHE A 642 -28.03 -13.28 -20.68
N PRO A 643 -28.59 -12.73 -21.77
CA PRO A 643 -27.61 -12.33 -22.78
C PRO A 643 -27.11 -10.96 -22.30
N LEU A 644 -26.00 -10.92 -21.57
CA LEU A 644 -25.46 -9.68 -21.01
C LEU A 644 -24.35 -9.05 -21.83
N THR A 645 -24.04 -7.79 -21.56
CA THR A 645 -22.93 -7.13 -22.22
C THR A 645 -22.22 -6.30 -21.17
N ALA A 646 -20.97 -5.96 -21.47
CA ALA A 646 -20.14 -5.16 -20.58
C ALA A 646 -19.42 -4.09 -21.36
N SER A 647 -19.33 -2.91 -20.76
CA SER A 647 -18.62 -1.78 -21.33
C SER A 647 -17.75 -1.15 -20.25
N TYR A 648 -16.55 -0.75 -20.63
CA TYR A 648 -15.64 -0.08 -19.72
C TYR A 648 -16.06 1.36 -19.55
N MET A 649 -16.40 1.73 -18.30
CA MET A 649 -16.73 3.11 -18.00
C MET A 649 -15.48 3.90 -17.64
N GLY A 650 -14.80 3.51 -16.58
CA GLY A 650 -13.57 4.19 -16.22
C GLY A 650 -13.11 3.80 -14.84
N ILE A 651 -12.08 4.51 -14.40
CA ILE A 651 -11.49 4.29 -13.09
C ILE A 651 -12.31 5.08 -12.07
N GLN A 652 -12.75 4.42 -11.01
CA GLN A 652 -13.40 5.06 -9.89
C GLN A 652 -12.63 4.75 -8.61
N LEU A 653 -12.90 5.55 -7.59
CA LEU A 653 -12.46 5.22 -6.25
C LEU A 653 -13.31 4.08 -5.71
N ALA A 654 -12.70 3.27 -4.86
CA ALA A 654 -13.41 2.15 -4.27
C ALA A 654 -14.38 2.57 -3.18
N LYS A 655 -14.39 3.84 -2.78
CA LYS A 655 -15.26 4.27 -1.69
C LYS A 655 -16.66 4.56 -2.19
N ILE A 656 -16.79 5.32 -3.28
CA ILE A 656 -18.10 5.70 -3.78
C ILE A 656 -18.83 4.46 -4.30
N ARG A 657 -20.09 4.32 -3.91
CA ARG A 657 -20.88 3.16 -4.27
C ARG A 657 -21.06 3.08 -5.78
N LEU A 658 -21.12 1.85 -6.28
CA LEU A 658 -21.23 1.61 -7.70
C LEU A 658 -22.69 1.68 -8.13
N ALA A 659 -22.91 2.34 -9.26
CA ALA A 659 -24.26 2.63 -9.72
C ALA A 659 -25.00 1.35 -10.07
N SER A 660 -26.33 1.47 -10.13
CA SER A 660 -27.18 0.30 -10.33
C SER A 660 -28.57 0.75 -10.72
N ASN A 661 -29.29 -0.18 -11.36
CA ASN A 661 -30.73 -0.03 -11.55
C ASN A 661 -31.29 -1.44 -11.73
N ILE A 662 -31.85 -1.98 -10.64
CA ILE A 662 -32.35 -3.35 -10.62
C ILE A 662 -33.72 -3.42 -9.95
N PRO B 134 -22.29 29.88 -27.48
CA PRO B 134 -23.70 30.28 -27.40
C PRO B 134 -24.47 29.44 -26.40
N GLU B 135 -25.00 30.09 -25.37
CA GLU B 135 -25.67 29.40 -24.29
C GLU B 135 -27.15 29.24 -24.60
N GLN B 136 -27.75 28.19 -24.04
CA GLN B 136 -29.13 27.84 -24.32
C GLN B 136 -30.08 28.86 -23.71
N GLY B 137 -31.22 29.05 -24.38
CA GLY B 137 -32.26 29.93 -23.92
C GLY B 137 -32.55 31.07 -24.87
N THR B 138 -33.82 31.44 -24.95
CA THR B 138 -34.24 32.56 -25.79
C THR B 138 -34.42 33.77 -24.88
N PRO B 139 -33.65 34.84 -25.02
CA PRO B 139 -33.96 36.05 -24.26
C PRO B 139 -35.25 36.68 -24.74
N VAL B 140 -35.99 37.27 -23.80
CA VAL B 140 -37.27 37.90 -24.07
C VAL B 140 -37.41 39.13 -23.20
N GLY B 141 -37.76 40.25 -23.83
CA GLY B 141 -37.88 41.52 -23.13
C GLY B 141 -39.29 41.81 -22.66
N GLY B 142 -39.90 40.86 -21.97
CA GLY B 142 -41.20 41.08 -21.35
C GLY B 142 -41.06 41.84 -20.04
N VAL B 143 -40.48 43.04 -20.10
CA VAL B 143 -40.19 43.83 -18.91
C VAL B 143 -40.21 45.31 -19.29
N ILE B 144 -40.23 46.16 -18.27
CA ILE B 144 -40.04 47.61 -18.37
C ILE B 144 -38.72 47.93 -17.68
N ALA B 145 -37.77 47.01 -17.80
CA ALA B 145 -36.64 46.94 -16.90
C ALA B 145 -35.63 48.06 -17.11
N GLU B 146 -34.94 48.02 -18.26
CA GLU B 146 -33.90 48.98 -18.62
C GLU B 146 -32.88 49.14 -17.50
N PRO B 147 -32.02 48.15 -17.28
CA PRO B 147 -30.93 48.33 -16.30
C PRO B 147 -29.98 49.44 -16.74
N SER B 148 -29.96 50.51 -15.95
CA SER B 148 -29.15 51.67 -16.29
C SER B 148 -27.73 51.49 -15.82
N ALA B 149 -26.78 51.88 -16.66
CA ALA B 149 -25.36 51.78 -16.35
C ALA B 149 -24.86 52.98 -15.56
N GLN B 150 -25.61 54.07 -15.54
CA GLN B 150 -25.25 55.26 -14.78
C GLN B 150 -25.56 55.11 -13.29
N MET B 151 -26.33 54.08 -12.91
CA MET B 151 -26.60 53.81 -11.51
C MET B 151 -25.49 52.99 -10.87
N SER B 152 -24.80 52.17 -11.66
CA SER B 152 -23.64 51.46 -11.14
C SER B 152 -22.48 52.42 -10.87
N ALA B 153 -22.40 53.50 -11.65
CA ALA B 153 -21.38 54.51 -11.41
C ALA B 153 -21.75 55.38 -10.21
N ALA B 154 -23.04 55.59 -9.98
CA ALA B 154 -23.48 56.28 -8.77
C ALA B 154 -23.13 55.49 -7.54
N ALA B 155 -23.14 54.17 -7.62
CA ALA B 155 -22.77 53.33 -6.49
C ALA B 155 -21.27 53.31 -6.29
N ASP B 156 -20.50 53.40 -7.37
CA ASP B 156 -19.06 53.56 -7.28
C ASP B 156 -18.65 54.95 -6.83
N MET B 157 -19.60 55.89 -6.74
CA MET B 157 -19.37 57.23 -6.23
C MET B 157 -19.73 57.31 -4.75
N ALA B 158 -20.83 56.68 -4.36
CA ALA B 158 -21.19 56.58 -2.96
C ALA B 158 -20.20 55.72 -2.19
N THR B 159 -19.56 54.78 -2.87
CA THR B 159 -18.57 53.90 -2.30
C THR B 159 -17.34 53.97 -3.18
N GLY B 160 -16.20 54.30 -2.59
CA GLY B 160 -14.99 54.43 -3.36
C GLY B 160 -14.45 53.10 -3.81
N LYS B 161 -15.16 52.46 -4.73
CA LYS B 161 -14.91 51.07 -5.09
C LYS B 161 -13.54 50.90 -5.73
N SER B 162 -13.37 51.41 -6.95
CA SER B 162 -12.08 51.58 -7.62
C SER B 162 -11.34 50.30 -8.00
N VAL B 163 -11.75 49.14 -7.52
CA VAL B 163 -11.09 47.87 -7.81
C VAL B 163 -12.10 46.76 -7.55
N ASP B 164 -12.09 45.74 -8.40
CA ASP B 164 -13.04 44.65 -8.26
C ASP B 164 -12.65 43.67 -7.15
N SER B 165 -11.36 43.44 -6.97
CA SER B 165 -10.83 42.58 -5.92
C SER B 165 -9.88 43.41 -5.07
N GLU B 166 -10.39 43.93 -3.96
CA GLU B 166 -9.64 44.91 -3.19
C GLU B 166 -8.51 44.26 -2.39
N TRP B 167 -8.68 43.00 -2.00
CA TRP B 167 -7.70 42.33 -1.14
C TRP B 167 -6.33 42.23 -1.77
N GLU B 168 -6.23 42.38 -3.09
CA GLU B 168 -4.95 42.37 -3.79
C GLU B 168 -4.17 43.65 -3.59
N ALA B 169 -4.74 44.67 -2.97
CA ALA B 169 -4.17 46.00 -2.86
C ALA B 169 -3.66 46.33 -1.48
N PHE B 170 -3.70 45.38 -0.55
CA PHE B 170 -3.26 45.66 0.81
C PHE B 170 -2.77 44.38 1.47
N PHE B 171 -2.00 44.57 2.53
CA PHE B 171 -1.52 43.47 3.35
C PHE B 171 -2.51 43.21 4.47
N SER B 172 -2.73 41.92 4.76
CA SER B 172 -3.73 41.48 5.72
C SER B 172 -3.05 40.65 6.80
N PHE B 173 -3.47 40.88 8.05
CA PHE B 173 -2.91 40.19 9.20
C PHE B 173 -3.02 38.68 9.03
N HIS B 174 -1.95 37.98 9.40
CA HIS B 174 -1.89 36.53 9.29
C HIS B 174 -1.52 35.85 10.60
N THR B 175 -0.56 36.38 11.34
CA THR B 175 -0.15 35.81 12.61
C THR B 175 0.84 36.76 13.27
N SER B 176 1.23 36.42 14.49
CA SER B 176 2.20 37.19 15.24
C SER B 176 2.96 36.24 16.14
N VAL B 177 4.25 36.50 16.31
CA VAL B 177 5.13 35.70 17.15
C VAL B 177 5.95 36.62 18.03
N ASN B 178 6.08 36.25 19.29
CA ASN B 178 6.93 36.97 20.23
C ASN B 178 8.36 36.49 20.05
N TRP B 179 9.24 37.39 19.63
CA TRP B 179 10.67 37.11 19.55
C TRP B 179 11.33 37.61 20.82
N SER B 180 11.84 36.68 21.60
CA SER B 180 12.31 36.92 22.95
C SER B 180 13.82 36.92 23.02
N THR B 181 14.31 37.36 24.17
CA THR B 181 15.74 37.38 24.46
C THR B 181 16.30 35.99 24.73
N SER B 182 15.43 34.99 24.93
CA SER B 182 15.86 33.64 25.25
C SER B 182 16.02 32.78 24.01
N GLU B 183 15.20 33.01 22.99
CA GLU B 183 15.30 32.25 21.76
C GLU B 183 16.64 32.50 21.10
N THR B 184 17.38 31.43 20.87
CA THR B 184 18.76 31.50 20.44
C THR B 184 18.85 31.39 18.92
N GLN B 185 20.08 31.41 18.42
CA GLN B 185 20.34 31.39 17.00
C GLN B 185 19.87 30.06 16.41
N GLY B 186 19.36 30.12 15.19
CA GLY B 186 18.91 28.94 14.49
C GLY B 186 17.49 28.54 14.75
N LYS B 187 16.81 29.18 15.70
CA LYS B 187 15.42 28.88 15.98
C LYS B 187 14.53 29.56 14.95
N ILE B 188 13.56 28.81 14.44
CA ILE B 188 12.64 29.33 13.43
C ILE B 188 11.48 30.02 14.12
N LEU B 189 11.21 31.25 13.73
CA LEU B 189 10.05 31.99 14.20
C LEU B 189 8.84 31.82 13.30
N PHE B 190 9.05 31.82 11.99
CA PHE B 190 7.98 31.73 11.02
C PHE B 190 8.39 30.80 9.90
N LYS B 191 7.46 29.93 9.51
CA LYS B 191 7.69 28.99 8.42
C LYS B 191 6.33 28.61 7.86
N GLN B 192 6.12 28.91 6.59
CA GLN B 192 4.88 28.62 5.90
C GLN B 192 5.18 28.44 4.42
N SER B 193 4.61 27.40 3.83
CA SER B 193 4.76 27.17 2.41
C SER B 193 3.73 27.98 1.64
N LEU B 194 4.09 28.30 0.41
CA LEU B 194 3.25 29.13 -0.44
C LEU B 194 1.91 28.49 -0.70
N GLY B 195 0.86 29.31 -0.72
CA GLY B 195 -0.47 28.85 -1.01
C GLY B 195 -1.52 29.84 -0.57
N PRO B 196 -2.78 29.55 -0.89
CA PRO B 196 -3.87 30.46 -0.50
C PRO B 196 -4.06 30.60 0.99
N LEU B 197 -3.63 29.64 1.79
CA LEU B 197 -3.88 29.69 3.23
C LEU B 197 -3.09 30.76 3.95
N LEU B 198 -2.19 31.47 3.26
CA LEU B 198 -1.48 32.59 3.82
C LEU B 198 -2.32 33.86 3.89
N ASN B 199 -3.53 33.87 3.33
CA ASN B 199 -4.35 35.05 3.31
C ASN B 199 -5.80 34.58 3.41
N PRO B 200 -6.63 35.19 4.29
CA PRO B 200 -8.02 34.74 4.36
C PRO B 200 -8.84 34.95 3.11
N TYR B 201 -8.59 36.04 2.37
CA TYR B 201 -9.37 36.31 1.18
C TYR B 201 -9.11 35.27 0.11
N LEU B 202 -7.90 34.72 0.07
CA LEU B 202 -7.60 33.62 -0.83
C LEU B 202 -8.09 32.31 -0.27
N GLU B 203 -8.03 32.16 1.05
CA GLU B 203 -8.61 30.99 1.70
C GLU B 203 -10.11 30.91 1.50
N HIS B 204 -10.76 32.04 1.24
CA HIS B 204 -12.20 32.09 1.03
C HIS B 204 -12.55 31.76 -0.42
N LEU B 205 -11.81 32.35 -1.36
CA LEU B 205 -12.02 32.09 -2.76
C LEU B 205 -11.43 30.77 -3.21
N ALA B 206 -10.51 30.20 -2.44
CA ALA B 206 -9.99 28.87 -2.75
C ALA B 206 -11.06 27.80 -2.69
N LYS B 207 -12.15 28.04 -1.96
CA LYS B 207 -13.23 27.09 -1.87
C LYS B 207 -14.00 26.94 -3.18
N LEU B 208 -13.86 27.90 -4.08
CA LEU B 208 -14.53 27.88 -5.37
C LEU B 208 -13.68 27.31 -6.49
N TYR B 209 -12.42 26.98 -6.22
CA TYR B 209 -11.48 26.55 -7.24
C TYR B 209 -10.78 25.29 -6.76
N VAL B 210 -10.06 24.66 -7.69
CA VAL B 210 -9.18 23.54 -7.40
C VAL B 210 -7.78 23.78 -7.96
N ALA B 211 -7.42 25.03 -8.22
CA ALA B 211 -6.08 25.30 -8.70
C ALA B 211 -5.73 26.77 -8.51
N TRP B 212 -4.43 27.01 -8.45
CA TRP B 212 -3.88 28.33 -8.18
C TRP B 212 -2.47 28.38 -8.74
N SER B 213 -1.96 29.58 -8.90
CA SER B 213 -0.58 29.75 -9.32
C SER B 213 -0.12 31.18 -9.06
N GLY B 214 1.06 31.32 -8.47
CA GLY B 214 1.72 32.60 -8.37
C GLY B 214 2.25 32.92 -6.99
N SER B 215 2.75 34.15 -6.84
CA SER B 215 3.46 34.55 -5.65
C SER B 215 2.56 35.29 -4.69
N ILE B 216 2.93 35.23 -3.41
CA ILE B 216 2.26 35.94 -2.34
C ILE B 216 3.31 36.72 -1.59
N ASP B 217 2.98 37.97 -1.26
CA ASP B 217 3.87 38.85 -0.52
C ASP B 217 3.65 38.69 0.95
N VAL B 218 4.67 38.93 1.74
CA VAL B 218 4.60 38.76 3.18
C VAL B 218 5.36 39.92 3.81
N ARG B 219 4.73 40.58 4.78
CA ARG B 219 5.27 41.80 5.36
C ARG B 219 5.54 41.60 6.84
N PHE B 220 6.59 42.24 7.33
CA PHE B 220 7.08 42.04 8.69
C PHE B 220 7.33 43.37 9.35
N SER B 221 6.85 43.51 10.58
CA SER B 221 7.01 44.70 11.39
C SER B 221 7.38 44.26 12.80
N ILE B 222 8.57 44.64 13.25
CA ILE B 222 9.16 44.00 14.41
C ILE B 222 8.68 44.62 15.72
N SER B 223 8.63 45.96 15.78
CA SER B 223 8.04 46.69 16.89
C SER B 223 8.71 46.36 18.24
N GLY B 224 9.96 46.79 18.34
CA GLY B 224 10.67 46.81 19.59
C GLY B 224 11.32 48.16 19.83
N SER B 225 12.02 48.25 20.96
CA SER B 225 12.74 49.44 21.33
C SER B 225 14.01 49.60 20.50
N GLY B 226 14.66 50.75 20.67
CA GLY B 226 15.90 51.06 19.98
C GLY B 226 17.12 50.70 20.78
N VAL B 227 16.94 50.39 22.07
CA VAL B 227 18.01 49.79 22.84
C VAL B 227 18.21 48.32 22.47
N PHE B 228 17.21 47.69 21.86
CA PHE B 228 17.36 46.30 21.48
C PHE B 228 18.33 46.17 20.32
N GLY B 229 19.07 45.06 20.34
CA GLY B 229 19.90 44.68 19.23
C GLY B 229 19.71 43.21 18.90
N GLY B 230 19.26 42.94 17.69
CA GLY B 230 19.04 41.58 17.24
C GLY B 230 18.83 41.58 15.74
N LYS B 231 18.89 40.39 15.17
CA LYS B 231 18.82 40.29 13.72
C LYS B 231 18.24 38.94 13.34
N LEU B 232 17.35 38.97 12.35
CA LEU B 232 16.72 37.79 11.79
C LEU B 232 17.26 37.54 10.39
N ALA B 233 17.01 36.35 9.89
CA ALA B 233 17.42 35.94 8.55
C ALA B 233 16.30 35.19 7.88
N ALA B 234 15.96 35.61 6.67
CA ALA B 234 14.90 35.00 5.88
C ALA B 234 15.51 34.10 4.82
N ILE B 235 14.94 32.91 4.67
CA ILE B 235 15.41 31.93 3.71
C ILE B 235 14.21 31.47 2.90
N VAL B 236 14.32 31.57 1.58
CA VAL B 236 13.31 31.06 0.65
C VAL B 236 13.85 29.73 0.15
N VAL B 237 13.33 28.63 0.68
CA VAL B 237 13.81 27.30 0.29
C VAL B 237 13.01 26.79 -0.89
N PRO B 238 13.53 25.88 -1.72
CA PRO B 238 12.87 25.56 -2.98
C PRO B 238 11.73 24.57 -2.81
N PRO B 239 11.01 24.28 -3.91
CA PRO B 239 9.96 23.26 -3.90
C PRO B 239 10.45 21.84 -4.13
N GLY B 240 10.72 21.10 -3.06
CA GLY B 240 11.38 19.83 -3.16
C GLY B 240 12.27 19.50 -1.99
N VAL B 241 12.33 20.38 -1.00
CA VAL B 241 13.02 20.13 0.25
C VAL B 241 12.11 20.55 1.39
N ASP B 242 12.40 20.01 2.57
CA ASP B 242 11.71 20.38 3.80
C ASP B 242 12.77 20.90 4.76
N PRO B 243 12.72 22.15 5.22
CA PRO B 243 13.81 22.68 6.02
C PRO B 243 13.76 22.15 7.46
N VAL B 244 14.79 22.51 8.21
CA VAL B 244 14.97 22.10 9.59
C VAL B 244 15.40 23.32 10.40
N GLN B 245 15.51 23.15 11.72
CA GLN B 245 15.94 24.22 12.62
C GLN B 245 17.45 24.23 12.84
N SER B 246 18.23 23.81 11.85
CA SER B 246 19.68 23.90 11.92
C SER B 246 20.16 25.12 11.17
N THR B 247 21.37 25.56 11.51
CA THR B 247 22.02 26.67 10.83
C THR B 247 22.51 26.30 9.43
N SER B 248 22.30 25.07 8.99
CA SER B 248 22.61 24.72 7.62
C SER B 248 21.66 25.37 6.62
N MET B 249 20.51 25.87 7.09
CA MET B 249 19.68 26.69 6.21
C MET B 249 20.35 28.01 5.87
N LEU B 250 21.29 28.45 6.70
CA LEU B 250 22.02 29.70 6.49
C LEU B 250 23.28 29.51 5.66
N GLN B 251 23.48 28.33 5.09
CA GLN B 251 24.51 28.05 4.09
C GLN B 251 23.94 28.17 2.70
N TYR B 252 23.06 29.15 2.53
CA TYR B 252 22.14 29.24 1.40
C TYR B 252 21.69 30.70 1.38
N PRO B 253 21.30 31.23 0.22
CA PRO B 253 21.02 32.67 0.14
C PRO B 253 19.92 33.10 1.11
N HIS B 254 20.29 34.02 2.00
CA HIS B 254 19.42 34.48 3.06
C HIS B 254 19.63 35.97 3.28
N VAL B 255 18.51 36.66 3.47
CA VAL B 255 18.49 38.10 3.65
C VAL B 255 18.33 38.40 5.13
N LEU B 256 19.12 39.35 5.62
CA LEU B 256 19.17 39.73 7.01
C LEU B 256 18.39 41.01 7.20
N PHE B 257 17.80 41.15 8.39
CA PHE B 257 17.09 42.38 8.69
C PHE B 257 16.95 42.56 10.19
N ASP B 258 17.16 43.81 10.61
CA ASP B 258 17.38 44.17 12.00
C ASP B 258 16.07 44.38 12.73
N ALA B 259 16.12 44.19 14.05
CA ALA B 259 14.99 44.51 14.90
C ALA B 259 14.63 45.98 14.80
N ARG B 260 15.65 46.84 14.76
CA ARG B 260 15.46 48.29 14.69
C ARG B 260 15.33 48.70 13.23
N GLN B 261 14.13 48.51 12.71
CA GLN B 261 13.80 48.91 11.34
C GLN B 261 12.74 50.01 11.38
N VAL B 262 12.94 51.01 10.53
CA VAL B 262 11.97 52.10 10.42
C VAL B 262 10.75 51.63 9.64
N GLU B 263 10.99 51.08 8.49
CA GLU B 263 10.02 50.69 7.50
C GLU B 263 9.91 49.17 7.45
N PRO B 264 8.72 48.59 7.34
CA PRO B 264 8.62 47.14 7.25
C PRO B 264 9.13 46.61 5.92
N VAL B 265 9.40 45.31 5.92
CA VAL B 265 10.07 44.63 4.82
C VAL B 265 9.14 43.61 4.22
N ILE B 266 9.18 43.49 2.90
CA ILE B 266 8.26 42.68 2.13
C ILE B 266 9.07 41.61 1.40
N PHE B 267 8.68 40.36 1.56
CA PHE B 267 9.26 39.24 0.84
C PHE B 267 8.21 38.63 -0.06
N SER B 268 8.56 38.46 -1.33
CA SER B 268 7.71 37.75 -2.29
C SER B 268 8.19 36.32 -2.40
N ILE B 269 7.28 35.38 -2.17
CA ILE B 269 7.58 33.96 -2.30
C ILE B 269 7.24 33.55 -3.73
N PRO B 270 8.21 33.26 -4.59
CA PRO B 270 7.88 32.96 -5.98
C PRO B 270 7.40 31.52 -6.15
N ASP B 271 6.49 31.36 -7.12
CA ASP B 271 5.93 30.04 -7.40
C ASP B 271 6.87 29.36 -8.38
N LEU B 272 7.85 28.67 -7.83
CA LEU B 272 8.71 27.80 -8.59
C LEU B 272 8.03 26.45 -8.65
N ARG B 273 7.99 25.85 -9.83
CA ARG B 273 7.22 24.63 -9.99
C ARG B 273 7.60 23.96 -11.30
N SER B 274 7.44 22.64 -11.32
CA SER B 274 7.62 21.85 -12.52
C SER B 274 6.36 21.76 -13.34
N THR B 275 5.21 21.94 -12.70
CA THR B 275 3.92 21.92 -13.37
C THR B 275 3.61 23.29 -13.94
N LEU B 276 2.43 23.40 -14.54
CA LEU B 276 1.92 24.63 -15.09
C LEU B 276 0.89 25.27 -14.18
N TYR B 277 0.37 24.52 -13.21
CA TYR B 277 -0.44 25.07 -12.15
C TYR B 277 -0.40 24.10 -10.99
N HIS B 278 -0.95 24.53 -9.87
CA HIS B 278 -1.04 23.74 -8.66
C HIS B 278 -2.47 23.32 -8.42
N LEU B 279 -2.63 22.36 -7.53
CA LEU B 279 -3.91 22.01 -6.94
C LEU B 279 -3.90 22.44 -5.48
N MET B 280 -5.07 22.48 -4.88
CA MET B 280 -5.15 22.87 -3.49
C MET B 280 -4.56 21.82 -2.57
N SER B 281 -4.49 20.57 -3.02
CA SER B 281 -3.89 19.50 -2.27
C SER B 281 -2.37 19.48 -2.37
N ASP B 282 -1.78 20.38 -3.15
CA ASP B 282 -0.34 20.40 -3.35
C ASP B 282 0.32 21.09 -2.17
N THR B 283 1.43 20.50 -1.72
CA THR B 283 2.16 21.00 -0.57
C THR B 283 3.66 21.07 -0.79
N ASP B 284 4.18 20.49 -1.86
CA ASP B 284 5.59 20.64 -2.22
C ASP B 284 5.70 21.91 -3.06
N THR B 285 5.78 23.03 -2.35
CA THR B 285 5.86 24.34 -2.95
C THR B 285 6.98 25.13 -2.29
N THR B 286 7.24 26.31 -2.82
CA THR B 286 8.26 27.17 -2.26
C THR B 286 7.83 27.69 -0.89
N SER B 287 8.79 27.74 0.03
CA SER B 287 8.55 28.13 1.41
C SER B 287 9.42 29.32 1.76
N LEU B 288 9.02 30.00 2.84
CA LEU B 288 9.80 31.07 3.43
C LEU B 288 10.07 30.71 4.88
N VAL B 289 11.35 30.70 5.24
CA VAL B 289 11.80 30.38 6.58
C VAL B 289 12.45 31.61 7.16
N ILE B 290 12.18 31.88 8.43
CA ILE B 290 12.73 33.02 9.14
C ILE B 290 13.22 32.56 10.49
N MET B 291 14.51 32.73 10.76
CA MET B 291 15.13 32.28 11.98
C MET B 291 15.97 33.39 12.58
N VAL B 292 16.44 33.14 13.79
CA VAL B 292 17.26 34.08 14.51
C VAL B 292 18.70 33.93 14.04
N TYR B 293 19.21 34.96 13.37
CA TYR B 293 20.60 35.01 12.95
C TYR B 293 21.49 35.47 14.09
N ASN B 294 21.05 36.52 14.79
CA ASN B 294 21.69 36.99 16.00
C ASN B 294 20.63 37.17 17.07
N ASP B 295 20.91 36.65 18.25
CA ASP B 295 19.94 36.64 19.33
C ASP B 295 19.55 38.07 19.69
N LEU B 296 18.34 38.21 20.24
CA LEU B 296 17.84 39.51 20.64
C LEU B 296 18.44 39.90 21.98
N ILE B 297 18.73 41.19 22.14
CA ILE B 297 19.42 41.71 23.30
C ILE B 297 18.54 42.77 23.93
N ASN B 298 18.50 42.79 25.25
CA ASN B 298 17.95 43.89 26.03
C ASN B 298 18.99 44.22 27.09
N PRO B 299 19.70 45.36 27.01
CA PRO B 299 20.70 45.65 28.03
C PRO B 299 20.11 45.86 29.39
N TYR B 300 18.83 46.21 29.46
CA TYR B 300 18.11 46.44 30.70
C TYR B 300 17.46 45.17 31.21
N ALA B 301 17.95 44.01 30.77
CA ALA B 301 17.34 42.74 31.07
C ALA B 301 17.62 42.33 32.50
N ASN B 302 16.66 41.63 33.08
CA ASN B 302 16.78 41.08 34.42
C ASN B 302 16.02 39.77 34.43
N ASP B 303 16.07 39.07 35.56
CA ASP B 303 15.27 37.88 35.72
C ASP B 303 13.77 38.17 35.70
N SER B 304 13.37 39.40 36.02
CA SER B 304 11.97 39.80 36.08
C SER B 304 11.52 40.59 34.86
N ASN B 305 12.35 40.70 33.83
CA ASN B 305 12.06 41.49 32.64
C ASN B 305 12.16 40.57 31.42
N SER B 306 11.05 39.95 31.06
CA SER B 306 10.98 39.09 29.88
C SER B 306 10.35 39.85 28.72
N SER B 307 11.03 40.92 28.32
CA SER B 307 10.58 41.76 27.22
C SER B 307 11.22 41.29 25.92
N GLY B 308 10.78 41.91 24.83
CA GLY B 308 11.20 41.48 23.51
C GLY B 308 10.49 42.23 22.41
N CYS B 309 10.37 41.59 21.26
CA CYS B 309 9.79 42.20 20.07
C CYS B 309 8.56 41.43 19.63
N ILE B 310 7.73 42.08 18.82
CA ILE B 310 6.43 41.56 18.41
C ILE B 310 6.43 41.56 16.89
N VAL B 311 6.66 40.40 16.30
CA VAL B 311 6.86 40.28 14.86
C VAL B 311 5.52 39.89 14.24
N THR B 312 4.87 40.83 13.56
CA THR B 312 3.60 40.57 12.91
C THR B 312 3.82 40.26 11.45
N VAL B 313 3.11 39.24 10.98
CA VAL B 313 3.17 38.78 9.61
C VAL B 313 1.87 39.21 8.95
N GLU B 314 1.98 39.92 7.85
CA GLU B 314 0.86 40.29 7.01
C GLU B 314 1.13 39.81 5.60
N THR B 315 0.06 39.50 4.88
CA THR B 315 0.17 38.93 3.55
C THR B 315 -0.70 39.68 2.56
N LYS B 316 -0.27 39.65 1.30
CA LYS B 316 -0.92 40.24 0.17
C LYS B 316 -0.67 39.31 -1.00
N PRO B 317 -1.66 39.04 -1.85
CA PRO B 317 -1.39 38.19 -3.01
C PRO B 317 -0.62 38.96 -4.08
N GLY B 318 0.38 38.30 -4.64
CA GLY B 318 1.19 38.93 -5.64
C GLY B 318 0.40 39.24 -6.90
N ALA B 319 0.99 40.08 -7.74
CA ALA B 319 0.33 40.47 -8.98
C ALA B 319 0.20 39.31 -9.94
N ASP B 320 0.99 38.26 -9.78
CA ASP B 320 0.93 37.08 -10.62
C ASP B 320 0.06 35.98 -10.03
N PHE B 321 -0.48 36.17 -8.83
CA PHE B 321 -1.33 35.17 -8.23
C PHE B 321 -2.61 35.08 -9.04
N LYS B 322 -3.03 33.86 -9.33
CA LYS B 322 -4.25 33.61 -10.08
C LYS B 322 -4.83 32.30 -9.60
N PHE B 323 -6.13 32.29 -9.40
CA PHE B 323 -6.85 31.05 -9.23
C PHE B 323 -7.25 30.51 -10.60
N HIS B 324 -7.39 29.20 -10.67
CA HIS B 324 -7.75 28.53 -11.90
C HIS B 324 -8.70 27.39 -11.56
N LEU B 325 -9.42 26.92 -12.58
CA LEU B 325 -10.25 25.72 -12.50
C LEU B 325 -11.33 25.85 -11.43
N LEU B 326 -12.28 26.73 -11.72
CA LEU B 326 -13.53 26.78 -10.99
C LEU B 326 -14.12 25.38 -10.89
N LYS B 327 -14.49 24.99 -9.68
CA LYS B 327 -14.95 23.64 -9.41
C LYS B 327 -16.46 23.61 -9.30
N PRO B 328 -17.08 22.46 -9.51
CA PRO B 328 -18.48 22.33 -9.16
C PRO B 328 -18.62 22.26 -7.65
N PRO B 329 -19.57 22.99 -7.05
CA PRO B 329 -19.75 22.91 -5.60
C PRO B 329 -20.10 21.51 -5.15
N GLY B 330 -19.66 21.18 -3.93
CA GLY B 330 -19.89 19.88 -3.38
C GLY B 330 -18.93 18.80 -3.85
N SER B 331 -18.16 19.06 -4.90
CA SER B 331 -17.26 18.07 -5.44
C SER B 331 -15.98 18.01 -4.63
N MET B 332 -15.49 16.80 -4.42
CA MET B 332 -14.30 16.55 -3.65
C MET B 332 -13.18 16.15 -4.59
N LEU B 333 -11.98 16.66 -4.33
CA LEU B 333 -10.80 16.26 -5.07
C LEU B 333 -10.62 14.75 -4.96
N THR B 334 -10.23 14.12 -6.06
CA THR B 334 -10.21 12.67 -6.14
C THR B 334 -9.04 12.07 -5.37
N HIS B 335 -7.96 12.83 -5.17
CA HIS B 335 -6.80 12.37 -4.45
C HIS B 335 -6.78 12.82 -2.99
N GLY B 336 -7.55 13.85 -2.65
CA GLY B 336 -7.74 14.27 -1.28
C GLY B 336 -7.70 15.76 -1.09
N SER B 337 -8.34 16.21 -0.02
CA SER B 337 -8.31 17.60 0.41
C SER B 337 -7.15 17.79 1.39
N VAL B 338 -7.13 18.94 2.05
CA VAL B 338 -6.01 19.36 2.88
C VAL B 338 -6.41 19.21 4.34
N PRO B 339 -5.55 18.63 5.22
CA PRO B 339 -5.94 18.47 6.63
C PRO B 339 -5.91 19.78 7.44
N SER B 340 -6.72 20.75 7.05
CA SER B 340 -6.71 22.06 7.68
C SER B 340 -7.72 22.20 8.81
N ASP B 341 -8.48 21.14 9.13
CA ASP B 341 -9.63 21.24 10.01
C ASP B 341 -9.76 20.06 10.96
N LEU B 342 -8.66 19.40 11.29
CA LEU B 342 -8.74 18.19 12.10
C LEU B 342 -8.75 18.50 13.59
N ILE B 343 -8.10 19.57 14.02
CA ILE B 343 -8.10 20.04 15.39
C ILE B 343 -8.83 21.38 15.42
N PRO B 344 -9.89 21.55 16.21
CA PRO B 344 -10.52 22.86 16.30
C PRO B 344 -9.59 23.92 16.86
N LYS B 345 -9.93 25.18 16.56
CA LYS B 345 -9.10 26.31 16.92
C LYS B 345 -9.28 26.76 18.37
N SER B 346 -10.05 26.03 19.17
CA SER B 346 -10.28 26.40 20.56
C SER B 346 -10.45 25.15 21.40
N SER B 347 -9.81 25.14 22.57
CA SER B 347 -9.91 24.03 23.50
C SER B 347 -11.27 23.96 24.19
N SER B 348 -12.15 24.95 23.96
CA SER B 348 -13.43 24.97 24.62
C SER B 348 -14.32 23.80 24.20
N LEU B 349 -13.99 23.14 23.08
CA LEU B 349 -14.84 22.11 22.49
C LEU B 349 -14.03 20.89 22.06
N TRP B 350 -12.80 20.74 22.55
CA TRP B 350 -12.04 19.52 22.32
C TRP B 350 -12.53 18.47 23.29
N ILE B 351 -12.96 17.33 22.76
CA ILE B 351 -13.40 16.20 23.57
C ILE B 351 -12.80 14.92 23.00
N GLY B 352 -12.66 13.94 23.87
CA GLY B 352 -11.94 12.74 23.52
C GLY B 352 -12.77 11.72 22.80
N ASN B 353 -12.07 10.78 22.15
CA ASN B 353 -12.69 9.70 21.42
C ASN B 353 -12.99 8.47 22.27
N ARG B 354 -12.79 8.52 23.58
CA ARG B 354 -13.15 7.44 24.49
C ARG B 354 -14.18 7.90 25.51
N HIS B 355 -14.06 9.12 26.01
CA HIS B 355 -15.02 9.70 26.93
C HIS B 355 -15.34 11.13 26.51
N TRP B 356 -16.59 11.52 26.75
CA TRP B 356 -17.18 12.73 26.20
C TRP B 356 -16.75 14.01 26.91
N THR B 357 -15.83 13.94 27.86
CA THR B 357 -15.45 15.08 28.67
C THR B 357 -14.31 15.85 28.01
N ASP B 358 -14.22 17.13 28.35
CA ASP B 358 -13.22 18.00 27.72
C ASP B 358 -11.81 17.57 28.08
N ILE B 359 -10.91 17.79 27.13
CA ILE B 359 -9.49 17.57 27.37
C ILE B 359 -9.02 18.60 28.40
N THR B 360 -7.99 18.25 29.16
CA THR B 360 -7.38 19.14 30.15
C THR B 360 -5.91 19.41 29.87
N ASP B 361 -5.11 18.38 29.64
CA ASP B 361 -3.76 18.55 29.14
C ASP B 361 -3.34 17.23 28.49
N PHE B 362 -2.16 17.26 27.87
CA PHE B 362 -1.62 16.13 27.10
C PHE B 362 -0.71 15.20 27.87
N VAL B 363 -0.43 14.07 27.26
CA VAL B 363 0.37 13.03 27.89
C VAL B 363 1.24 12.38 26.82
N ILE B 364 2.52 12.24 27.11
CA ILE B 364 3.50 11.68 26.18
C ILE B 364 3.88 10.30 26.68
N ARG B 365 3.84 9.33 25.78
CA ARG B 365 4.14 7.95 26.09
C ARG B 365 4.87 7.35 24.91
N PRO B 366 5.59 6.24 25.11
CA PRO B 366 6.33 5.65 23.98
C PRO B 366 5.47 4.88 23.02
N PHE B 367 4.31 4.37 23.45
CA PHE B 367 3.43 3.61 22.58
C PHE B 367 2.00 4.05 22.83
N VAL B 368 1.35 4.49 21.75
CA VAL B 368 -0.03 4.96 21.78
C VAL B 368 -0.85 4.06 20.87
N PHE B 369 -2.07 3.77 21.29
CA PHE B 369 -2.86 2.73 20.65
C PHE B 369 -4.32 2.86 21.08
N GLN B 370 -5.21 2.63 20.13
CA GLN B 370 -6.65 2.64 20.36
C GLN B 370 -7.33 2.20 19.10
N ALA B 371 -8.47 1.52 19.26
CA ALA B 371 -9.26 0.99 18.14
C ALA B 371 -10.60 1.69 18.01
N ASN B 372 -11.38 1.75 19.07
CA ASN B 372 -12.72 2.30 19.00
C ASN B 372 -12.66 3.81 18.82
N ARG B 373 -13.47 4.32 17.88
CA ARG B 373 -13.61 5.74 17.58
C ARG B 373 -12.31 6.38 17.10
N HIS B 374 -11.29 5.58 16.77
CA HIS B 374 -10.03 6.07 16.24
C HIS B 374 -9.97 5.74 14.75
N PHE B 375 -10.00 6.80 13.93
CA PHE B 375 -10.00 6.68 12.49
C PHE B 375 -8.70 7.16 11.87
N ASP B 376 -8.28 6.49 10.79
CA ASP B 376 -7.08 6.85 10.06
C ASP B 376 -7.45 7.79 8.91
N PHE B 377 -6.49 8.04 8.04
CA PHE B 377 -6.71 8.88 6.87
C PHE B 377 -7.20 8.05 5.69
N ASN B 378 -8.15 7.17 5.94
CA ASN B 378 -8.68 6.29 4.90
C ASN B 378 -10.17 6.01 5.11
N GLN B 379 -10.82 6.70 6.04
CA GLN B 379 -12.22 6.46 6.37
C GLN B 379 -12.44 5.02 6.84
N GLU B 380 -11.43 4.43 7.45
CA GLU B 380 -11.46 3.06 7.92
C GLU B 380 -11.24 3.06 9.42
N THR B 381 -11.61 1.96 10.05
CA THR B 381 -11.55 1.85 11.50
C THR B 381 -11.43 0.40 11.90
N ALA B 382 -10.64 0.15 12.94
CA ALA B 382 -10.54 -1.14 13.57
C ALA B 382 -11.47 -1.28 14.76
N GLY B 383 -12.47 -0.41 14.86
CA GLY B 383 -13.39 -0.38 15.97
C GLY B 383 -14.80 -0.73 15.54
N TRP B 384 -15.76 -0.31 16.38
CA TRP B 384 -17.14 -0.73 16.24
C TRP B 384 -18.18 0.36 16.49
N SER B 385 -17.77 1.61 16.73
CA SER B 385 -18.69 2.66 17.11
C SER B 385 -18.41 3.93 16.32
N THR B 386 -19.47 4.70 16.11
CA THR B 386 -19.40 5.91 15.31
C THR B 386 -18.75 7.03 16.09
N PRO B 387 -18.22 8.04 15.40
CA PRO B 387 -17.47 9.11 16.11
C PRO B 387 -18.41 10.09 16.80
N ARG B 388 -19.12 9.60 17.80
CA ARG B 388 -20.08 10.41 18.53
C ARG B 388 -20.39 9.68 19.83
N TYR B 389 -21.27 10.27 20.63
CA TYR B 389 -21.68 9.70 21.90
C TYR B 389 -23.19 9.80 22.01
N ARG B 390 -23.84 8.66 22.18
CA ARG B 390 -25.27 8.60 22.45
C ARG B 390 -25.55 7.31 23.19
N PRO B 391 -26.74 7.17 23.77
CA PRO B 391 -27.03 5.98 24.58
C PRO B 391 -26.89 4.68 23.81
N ILE B 392 -26.78 3.60 24.57
CA ILE B 392 -26.50 2.27 24.05
C ILE B 392 -27.73 1.42 24.32
N THR B 393 -28.47 1.09 23.27
CA THR B 393 -29.65 0.26 23.38
C THR B 393 -29.28 -1.21 23.18
N ILE B 394 -29.78 -2.06 24.07
CA ILE B 394 -29.56 -3.49 24.00
C ILE B 394 -30.78 -4.24 24.53
N THR B 395 -30.74 -5.56 24.47
CA THR B 395 -31.72 -6.42 25.11
C THR B 395 -30.96 -7.52 25.83
N ILE B 396 -31.43 -7.87 27.03
CA ILE B 396 -30.81 -8.91 27.85
C ILE B 396 -31.89 -9.90 28.25
N SER B 397 -31.64 -11.18 27.97
CA SER B 397 -32.59 -12.26 28.24
C SER B 397 -31.92 -13.24 29.16
N GLU B 398 -32.34 -13.24 30.43
CA GLU B 398 -31.79 -14.10 31.46
C GLU B 398 -32.93 -14.57 32.35
N LYS B 399 -32.61 -15.49 33.26
CA LYS B 399 -33.64 -16.10 34.09
C LYS B 399 -33.01 -16.60 35.38
N ASN B 400 -33.86 -17.07 36.28
CA ASN B 400 -33.45 -17.64 37.56
C ASN B 400 -32.68 -16.61 38.40
N GLY B 401 -33.25 -15.41 38.49
CA GLY B 401 -32.69 -14.35 39.32
C GLY B 401 -31.27 -13.98 38.95
N ALA B 402 -30.95 -14.01 37.66
CA ALA B 402 -29.60 -13.76 37.21
C ALA B 402 -29.34 -12.27 37.15
N LYS B 403 -28.40 -11.80 37.97
CA LYS B 403 -27.98 -10.40 37.90
C LYS B 403 -26.94 -10.15 36.82
N LEU B 404 -26.35 -11.21 36.27
CA LEU B 404 -25.45 -11.11 35.14
C LEU B 404 -26.21 -11.39 33.85
N GLY B 405 -25.56 -11.12 32.73
CA GLY B 405 -26.18 -11.33 31.44
C GLY B 405 -25.23 -11.02 30.32
N ILE B 406 -25.66 -11.41 29.12
CA ILE B 406 -24.92 -11.11 27.89
C ILE B 406 -25.91 -10.45 26.94
N GLY B 407 -25.77 -9.16 26.73
CA GLY B 407 -26.67 -8.43 25.87
C GLY B 407 -26.38 -8.64 24.41
N VAL B 408 -27.36 -8.27 23.59
CA VAL B 408 -27.27 -8.35 22.14
C VAL B 408 -27.64 -6.98 21.58
N ALA B 409 -26.93 -6.58 20.54
CA ALA B 409 -27.08 -5.24 20.00
C ALA B 409 -28.39 -5.10 19.25
N THR B 410 -28.87 -3.86 19.20
CA THR B 410 -29.96 -3.46 18.32
C THR B 410 -29.66 -2.16 17.59
N ASP B 411 -28.48 -1.58 17.79
CA ASP B 411 -28.00 -0.43 17.01
C ASP B 411 -26.50 -0.66 16.84
N TYR B 412 -26.11 -1.14 15.66
CA TYR B 412 -24.72 -1.50 15.39
C TYR B 412 -24.28 -0.92 14.06
N ILE B 413 -22.96 -0.88 13.89
CA ILE B 413 -22.33 -0.66 12.58
C ILE B 413 -21.47 -1.87 12.23
N VAL B 414 -20.95 -2.54 13.24
CA VAL B 414 -20.26 -3.82 13.12
C VAL B 414 -21.20 -4.88 13.68
N PRO B 415 -21.50 -5.95 12.94
CA PRO B 415 -22.55 -6.87 13.39
C PRO B 415 -22.19 -7.57 14.69
N GLY B 416 -22.98 -7.29 15.73
CA GLY B 416 -22.84 -7.92 17.02
C GLY B 416 -22.69 -6.95 18.17
N ILE B 417 -21.96 -5.85 17.97
CA ILE B 417 -21.57 -4.96 19.07
C ILE B 417 -22.49 -3.74 19.07
N PRO B 418 -22.81 -3.12 20.25
CA PRO B 418 -23.86 -2.10 20.29
C PRO B 418 -23.53 -0.67 19.85
N ASP B 419 -22.41 -0.40 19.18
CA ASP B 419 -22.13 0.94 18.65
C ASP B 419 -22.07 1.98 19.78
N GLY B 420 -21.02 1.85 20.56
CA GLY B 420 -20.78 2.72 21.70
C GLY B 420 -20.26 1.99 22.91
N TRP B 421 -20.05 0.69 22.78
CA TRP B 421 -19.60 -0.11 23.90
C TRP B 421 -18.19 0.30 24.27
N PRO B 422 -17.86 0.47 25.54
CA PRO B 422 -16.54 1.00 25.89
C PRO B 422 -15.44 -0.02 25.69
N ASP B 423 -14.28 0.47 25.27
CA ASP B 423 -13.19 -0.38 24.83
C ASP B 423 -12.16 -0.60 25.93
N THR B 424 -12.60 -1.22 27.03
CA THR B 424 -11.67 -1.63 28.07
C THR B 424 -12.32 -2.73 28.89
N THR B 425 -11.50 -3.68 29.32
CA THR B 425 -11.93 -4.86 30.06
C THR B 425 -11.64 -4.66 31.54
N ILE B 426 -11.84 -5.73 32.32
CA ILE B 426 -11.60 -5.73 33.76
C ILE B 426 -10.20 -6.27 34.03
N PRO B 427 -9.64 -6.07 35.22
CA PRO B 427 -8.26 -6.53 35.45
C PRO B 427 -8.19 -8.03 35.72
N GLU B 428 -9.21 -8.56 36.39
CA GLU B 428 -9.18 -9.91 36.91
C GLU B 428 -10.55 -10.54 36.73
N LYS B 429 -10.62 -11.84 36.99
CA LYS B 429 -11.90 -12.50 37.12
C LYS B 429 -12.65 -11.90 38.30
N LEU B 430 -13.97 -11.77 38.15
CA LEU B 430 -14.81 -11.16 39.17
C LEU B 430 -16.13 -11.91 39.27
N THR B 431 -16.67 -11.93 40.48
CA THR B 431 -18.00 -12.47 40.77
C THR B 431 -18.82 -11.31 41.32
N PRO B 432 -19.40 -10.46 40.45
CA PRO B 432 -20.04 -9.24 40.95
C PRO B 432 -21.27 -9.56 41.79
N ALA B 433 -21.16 -9.32 43.10
CA ALA B 433 -22.21 -9.67 44.06
C ALA B 433 -22.67 -8.47 44.88
N GLY B 434 -21.74 -7.70 45.43
CA GLY B 434 -22.04 -6.80 46.53
C GLY B 434 -21.91 -5.33 46.25
N ASP B 435 -21.02 -4.67 47.00
CA ASP B 435 -20.97 -3.22 47.08
C ASP B 435 -19.51 -2.78 47.08
N TYR B 436 -19.31 -1.47 47.13
CA TYR B 436 -17.98 -0.88 47.06
C TYR B 436 -17.19 -1.21 48.32
N ALA B 437 -15.86 -1.17 48.17
CA ALA B 437 -14.96 -1.54 49.26
C ALA B 437 -13.58 -1.02 48.92
N ILE B 438 -13.02 -0.19 49.80
CA ILE B 438 -11.69 0.40 49.58
C ILE B 438 -10.89 0.27 50.88
N THR B 439 -9.58 0.09 50.74
CA THR B 439 -8.65 0.13 51.85
C THR B 439 -7.44 0.95 51.42
N ASN B 440 -6.38 0.93 52.24
CA ASN B 440 -5.17 1.72 51.98
C ASN B 440 -3.92 0.91 52.31
N LYS B 441 -3.85 -0.33 51.86
CA LYS B 441 -2.72 -1.25 52.05
C LYS B 441 -2.68 -1.83 53.47
N SER B 442 -3.51 -1.35 54.39
CA SER B 442 -3.43 -1.73 55.80
C SER B 442 -4.80 -1.99 56.39
N GLY B 443 -5.73 -2.48 55.58
CA GLY B 443 -7.04 -2.85 56.06
C GLY B 443 -7.86 -1.70 56.62
N ASN B 444 -7.50 -0.46 56.33
CA ASN B 444 -8.30 0.67 56.76
C ASN B 444 -9.49 0.77 55.82
N ASP B 445 -10.28 1.82 55.92
CA ASP B 445 -11.47 1.95 55.09
C ASP B 445 -11.71 3.44 54.83
N ILE B 446 -12.02 3.75 53.58
CA ILE B 446 -12.11 5.12 53.11
C ILE B 446 -13.57 5.52 53.12
N THR B 447 -13.93 6.44 54.02
CA THR B 447 -15.28 6.97 54.13
C THR B 447 -15.28 8.48 54.23
N THR B 448 -14.24 9.13 53.71
CA THR B 448 -14.07 10.57 53.85
C THR B 448 -12.97 11.01 52.89
N ALA B 449 -12.93 12.31 52.62
CA ALA B 449 -11.99 12.88 51.66
C ALA B 449 -10.67 13.28 52.31
N ALA B 450 -10.15 12.39 53.13
CA ALA B 450 -8.86 12.55 53.78
C ALA B 450 -7.98 11.33 53.58
N GLY B 451 -8.57 10.14 53.55
CA GLY B 451 -7.83 8.93 53.32
C GLY B 451 -7.54 8.70 51.85
N TYR B 452 -8.55 8.95 51.02
CA TYR B 452 -8.40 8.79 49.57
C TYR B 452 -7.21 9.61 49.07
N ASP B 453 -7.22 10.91 49.37
CA ASP B 453 -6.13 11.78 48.96
C ASP B 453 -4.87 11.51 49.77
N GLY B 454 -5.03 11.11 51.02
CA GLY B 454 -3.90 10.89 51.92
C GLY B 454 -3.54 9.42 52.08
N ALA B 455 -3.76 8.63 51.02
CA ALA B 455 -3.40 7.23 51.02
C ALA B 455 -2.11 7.03 50.25
N ASP B 456 -1.27 6.12 50.74
CA ASP B 456 -0.11 5.69 49.97
C ASP B 456 -0.56 5.12 48.63
N VAL B 457 -1.41 4.09 48.67
CA VAL B 457 -2.06 3.55 47.49
C VAL B 457 -3.47 3.14 47.88
N ILE B 458 -4.23 2.67 46.89
CA ILE B 458 -5.63 2.35 47.05
C ILE B 458 -5.84 0.92 46.58
N VAL B 459 -6.66 0.17 47.32
CA VAL B 459 -6.89 -1.24 47.05
C VAL B 459 -8.40 -1.42 46.93
N ASN B 460 -8.86 -1.75 45.73
CA ASN B 460 -10.28 -1.82 45.44
C ASN B 460 -10.70 -3.28 45.60
N ASN B 461 -11.38 -3.57 46.71
CA ASN B 461 -11.76 -4.93 47.07
C ASN B 461 -13.23 -5.22 46.80
N THR B 462 -13.88 -4.43 45.94
CA THR B 462 -15.25 -4.68 45.54
C THR B 462 -15.27 -5.62 44.35
N ASN B 463 -16.31 -6.45 44.30
CA ASN B 463 -16.40 -7.49 43.29
C ASN B 463 -16.88 -6.98 41.93
N PHE B 464 -17.04 -5.67 41.77
CA PHE B 464 -17.29 -5.05 40.48
C PHE B 464 -16.35 -3.84 40.38
N LYS B 465 -15.17 -4.07 39.83
CA LYS B 465 -14.14 -3.06 39.72
C LYS B 465 -13.56 -3.10 38.32
N GLY B 466 -13.23 -1.93 37.79
CA GLY B 466 -12.71 -1.84 36.44
C GLY B 466 -13.74 -1.92 35.35
N MET B 467 -15.00 -1.64 35.67
CA MET B 467 -16.09 -1.59 34.70
C MET B 467 -16.79 -0.24 34.78
N TYR B 468 -17.77 -0.05 33.91
CA TYR B 468 -18.32 1.26 33.60
C TYR B 468 -19.72 1.40 34.15
N ILE B 469 -19.96 2.52 34.83
CA ILE B 469 -21.24 2.79 35.47
C ILE B 469 -22.14 3.47 34.46
N CYS B 470 -23.42 3.05 34.44
CA CYS B 470 -24.36 3.54 33.46
C CYS B 470 -25.71 3.84 34.11
N GLY B 471 -26.52 4.61 33.37
CA GLY B 471 -27.82 4.99 33.88
C GLY B 471 -28.82 3.85 33.85
N SER B 472 -28.92 3.19 32.71
CA SER B 472 -29.61 1.90 32.58
C SER B 472 -31.09 2.00 32.94
N LEU B 473 -31.83 2.74 32.11
CA LEU B 473 -33.28 2.60 32.10
C LEU B 473 -33.66 1.26 31.51
N GLN B 474 -34.40 0.47 32.28
CA GLN B 474 -34.74 -0.92 31.93
C GLN B 474 -36.24 -1.03 31.78
N ARG B 475 -36.67 -1.63 30.67
CA ARG B 475 -38.08 -1.80 30.35
C ARG B 475 -38.36 -3.28 30.09
N ALA B 476 -39.40 -3.79 30.73
CA ALA B 476 -39.87 -5.14 30.47
C ALA B 476 -41.35 -5.20 30.82
N TRP B 477 -42.11 -5.90 30.00
CA TRP B 477 -43.55 -6.00 30.21
C TRP B 477 -43.83 -6.75 31.51
N GLY B 478 -44.49 -6.08 32.44
CA GLY B 478 -44.84 -6.67 33.71
C GLY B 478 -43.86 -6.47 34.84
N ASP B 479 -42.82 -5.67 34.63
CA ASP B 479 -41.81 -5.41 35.66
C ASP B 479 -42.21 -4.13 36.38
N LYS B 480 -43.04 -4.28 37.41
CA LYS B 480 -43.48 -3.15 38.23
C LYS B 480 -42.38 -2.77 39.23
N LYS B 481 -41.24 -2.36 38.68
CA LYS B 481 -40.07 -2.05 39.49
C LYS B 481 -39.26 -1.00 38.78
N ILE B 482 -38.72 -0.04 39.53
CA ILE B 482 -37.92 1.01 38.94
C ILE B 482 -36.58 0.45 38.48
N SER B 483 -36.04 1.03 37.41
CA SER B 483 -34.81 0.54 36.83
C SER B 483 -33.64 0.70 37.81
N ASN B 484 -32.72 -0.26 37.76
CA ASN B 484 -31.49 -0.21 38.53
C ASN B 484 -30.33 0.10 37.60
N THR B 485 -29.34 0.82 38.13
CA THR B 485 -28.14 1.12 37.37
C THR B 485 -27.40 -0.16 37.01
N ALA B 486 -26.63 -0.09 35.93
CA ALA B 486 -25.91 -1.23 35.39
C ALA B 486 -24.42 -0.99 35.45
N PHE B 487 -23.67 -2.05 35.20
CA PHE B 487 -22.21 -2.03 35.23
C PHE B 487 -21.74 -2.90 34.07
N ILE B 488 -21.20 -2.27 33.04
CA ILE B 488 -20.94 -2.92 31.76
C ILE B 488 -19.44 -3.05 31.54
N THR B 489 -19.06 -4.08 30.81
CA THR B 489 -17.66 -4.32 30.46
C THR B 489 -17.61 -5.48 29.49
N THR B 490 -16.52 -5.52 28.72
CA THR B 490 -16.27 -6.61 27.79
C THR B 490 -15.64 -7.77 28.55
N ALA B 491 -16.32 -8.92 28.57
CA ALA B 491 -15.85 -10.06 29.34
C ALA B 491 -16.72 -11.26 29.06
N THR B 492 -16.15 -12.44 29.29
CA THR B 492 -16.90 -13.69 29.18
C THR B 492 -17.83 -13.84 30.37
N LYS B 493 -18.50 -14.99 30.44
CA LYS B 493 -19.39 -15.32 31.53
C LYS B 493 -19.34 -16.82 31.79
N VAL B 494 -19.22 -17.20 33.05
CA VAL B 494 -19.47 -18.59 33.45
C VAL B 494 -20.42 -18.62 34.64
N ASP B 495 -21.71 -18.49 34.35
CA ASP B 495 -22.84 -18.80 35.23
C ASP B 495 -22.99 -17.94 36.48
N ASN B 496 -21.92 -17.29 36.95
CA ASN B 496 -22.06 -16.22 37.92
C ASN B 496 -20.96 -15.18 37.85
N ALA B 497 -20.02 -15.27 36.91
CA ALA B 497 -18.75 -14.57 37.01
C ALA B 497 -18.24 -14.28 35.61
N ILE B 498 -17.49 -13.19 35.51
CA ILE B 498 -16.95 -12.71 34.25
C ILE B 498 -15.43 -12.72 34.33
N GLU B 499 -14.80 -12.98 33.18
CA GLU B 499 -13.35 -12.99 33.04
C GLU B 499 -12.97 -12.07 31.89
N PRO B 500 -11.84 -11.36 31.99
CA PRO B 500 -11.52 -10.37 30.95
C PRO B 500 -11.14 -11.01 29.64
N SER B 501 -11.43 -10.28 28.56
CA SER B 501 -11.03 -10.71 27.23
C SER B 501 -10.86 -9.45 26.38
N ASN B 502 -9.63 -9.18 25.95
CA ASN B 502 -9.40 -8.03 25.09
C ASN B 502 -10.09 -8.15 23.74
N VAL B 503 -10.43 -9.35 23.31
CA VAL B 503 -11.23 -9.55 22.12
C VAL B 503 -12.68 -9.28 22.45
N ILE B 504 -13.44 -8.83 21.45
CA ILE B 504 -14.86 -8.53 21.60
C ILE B 504 -15.64 -9.15 20.46
N ASP B 505 -16.77 -9.76 20.79
CA ASP B 505 -17.77 -10.18 19.82
C ASP B 505 -19.12 -10.11 20.51
N MET B 506 -20.13 -10.75 19.94
CA MET B 506 -21.46 -10.74 20.54
C MET B 506 -21.54 -11.56 21.83
N THR B 507 -20.49 -12.31 22.18
CA THR B 507 -20.49 -13.16 23.36
C THR B 507 -19.76 -12.55 24.55
N LYS B 508 -19.38 -11.28 24.46
CA LYS B 508 -18.60 -10.61 25.49
C LYS B 508 -19.32 -9.40 26.06
N ILE B 509 -20.58 -9.17 25.68
CA ILE B 509 -21.27 -7.93 25.98
C ILE B 509 -21.91 -8.13 27.34
N ALA B 510 -21.11 -7.95 28.39
CA ALA B 510 -21.51 -8.29 29.74
C ALA B 510 -22.16 -7.10 30.42
N VAL B 511 -23.16 -7.40 31.25
CA VAL B 511 -23.83 -6.41 32.08
C VAL B 511 -23.94 -6.96 33.48
N TYR B 512 -24.22 -6.09 34.43
CA TYR B 512 -24.56 -6.47 35.80
C TYR B 512 -25.68 -5.56 36.25
N GLN B 513 -26.91 -6.03 36.10
CA GLN B 513 -28.10 -5.33 36.56
C GLN B 513 -29.06 -6.34 37.18
N ASP B 514 -29.82 -5.88 38.18
CA ASP B 514 -30.80 -6.74 38.83
C ASP B 514 -31.84 -7.21 37.84
N THR B 515 -32.60 -6.28 37.25
CA THR B 515 -33.60 -6.54 36.23
C THR B 515 -34.89 -7.16 36.77
N HIS B 516 -34.87 -7.54 38.05
CA HIS B 516 -36.04 -8.10 38.71
C HIS B 516 -36.63 -9.25 37.91
N VAL B 517 -35.82 -10.27 37.73
CA VAL B 517 -36.18 -11.48 37.00
C VAL B 517 -36.39 -12.60 38.00
N GLY B 518 -37.41 -13.43 37.75
CA GLY B 518 -37.74 -14.54 38.62
C GLY B 518 -37.19 -15.85 38.11
N LYS B 519 -38.07 -16.71 37.62
CA LYS B 519 -37.69 -18.03 37.13
C LYS B 519 -37.56 -18.09 35.62
N GLU B 520 -38.33 -17.28 34.90
CA GLU B 520 -38.45 -17.37 33.46
C GLU B 520 -37.70 -16.24 32.77
N VAL B 521 -37.59 -16.37 31.45
CA VAL B 521 -36.83 -15.40 30.66
C VAL B 521 -37.54 -14.06 30.69
N GLN B 522 -36.75 -12.99 30.56
CA GLN B 522 -37.26 -11.63 30.61
C GLN B 522 -36.44 -10.80 29.62
N THR B 523 -37.11 -10.27 28.60
CA THR B 523 -36.38 -9.74 27.45
C THR B 523 -35.66 -8.44 27.80
N SER B 524 -36.28 -7.60 28.63
CA SER B 524 -35.61 -6.49 29.32
C SER B 524 -34.89 -5.55 28.35
N ASP B 525 -35.70 -4.85 27.55
CA ASP B 525 -35.19 -3.78 26.69
C ASP B 525 -34.48 -2.75 27.56
N ASP B 526 -33.16 -2.67 27.45
CA ASP B 526 -32.34 -1.85 28.32
C ASP B 526 -31.57 -0.85 27.47
N THR B 527 -31.56 0.40 27.93
CA THR B 527 -30.83 1.48 27.27
C THR B 527 -29.90 2.13 28.28
N LEU B 528 -28.63 2.26 27.90
CA LEU B 528 -27.56 2.61 28.80
C LEU B 528 -27.03 3.99 28.45
N SER B 529 -26.57 4.70 29.48
CA SER B 529 -25.90 5.99 29.29
C SER B 529 -24.71 6.02 30.24
N LEU B 530 -23.52 6.02 29.67
CA LEU B 530 -22.30 5.87 30.46
C LEU B 530 -21.97 7.17 31.18
N LEU B 531 -21.69 7.07 32.47
CA LEU B 531 -21.49 8.23 33.32
C LEU B 531 -20.24 8.12 34.19
N GLY B 532 -19.86 6.90 34.56
CA GLY B 532 -18.76 6.71 35.49
C GLY B 532 -18.00 5.41 35.31
N TYR B 533 -17.24 5.03 36.33
CA TYR B 533 -16.29 3.92 36.21
C TYR B 533 -15.93 3.47 37.61
N THR B 534 -16.13 2.18 37.89
CA THR B 534 -15.93 1.63 39.23
C THR B 534 -14.53 1.09 39.47
N GLY B 535 -13.57 1.46 38.62
CA GLY B 535 -12.16 1.15 38.82
C GLY B 535 -11.45 2.22 39.61
N ILE B 536 -11.64 2.23 40.93
CA ILE B 536 -11.20 3.35 41.76
C ILE B 536 -9.69 3.52 41.67
N GLY B 537 -8.94 2.45 41.96
CA GLY B 537 -7.50 2.55 42.15
C GLY B 537 -6.66 2.43 40.90
N GLU B 538 -7.25 2.10 39.77
CA GLU B 538 -6.48 1.92 38.54
C GLU B 538 -5.77 3.21 38.15
N GLN B 539 -4.73 3.06 37.35
CA GLN B 539 -3.89 4.19 36.96
C GLN B 539 -4.64 5.12 36.02
N ALA B 540 -5.06 4.60 34.88
CA ALA B 540 -5.71 5.40 33.85
C ALA B 540 -6.23 4.47 32.78
N ILE B 541 -7.31 4.89 32.12
CA ILE B 541 -7.97 4.06 31.12
C ILE B 541 -7.27 4.27 29.80
N GLY B 542 -6.77 3.17 29.22
CA GLY B 542 -5.95 3.21 28.03
C GLY B 542 -4.47 3.07 28.27
N SER B 543 -4.06 2.83 29.51
CA SER B 543 -2.65 2.69 29.87
C SER B 543 -2.17 1.25 29.76
N ASP B 544 -3.02 0.28 30.05
CA ASP B 544 -2.67 -1.14 29.99
C ASP B 544 -3.16 -1.69 28.66
N ARG B 545 -2.23 -2.10 27.81
CA ARG B 545 -2.57 -2.61 26.49
C ARG B 545 -3.41 -3.87 26.56
N ASP B 546 -3.23 -4.68 27.60
CA ASP B 546 -4.00 -5.91 27.73
C ASP B 546 -5.47 -5.61 28.01
N ARG B 547 -5.75 -4.61 28.85
CA ARG B 547 -7.14 -4.28 29.16
C ARG B 547 -7.86 -3.67 27.98
N VAL B 548 -7.13 -3.01 27.08
CA VAL B 548 -7.75 -2.33 25.94
C VAL B 548 -8.34 -3.35 24.98
N VAL B 549 -9.51 -3.04 24.46
CA VAL B 549 -10.29 -3.95 23.65
C VAL B 549 -10.03 -3.70 22.18
N ARG B 550 -10.05 -4.77 21.41
CA ARG B 550 -9.83 -4.73 19.98
C ARG B 550 -10.56 -5.91 19.37
N ILE B 551 -11.11 -5.73 18.17
CA ILE B 551 -11.79 -6.82 17.51
C ILE B 551 -10.77 -7.87 17.05
N SER B 552 -9.91 -7.49 16.14
CA SER B 552 -8.80 -8.31 15.67
C SER B 552 -7.47 -7.56 15.69
N VAL B 553 -7.49 -6.28 15.36
CA VAL B 553 -6.28 -5.49 15.16
C VAL B 553 -6.27 -4.35 16.16
N LEU B 554 -5.09 -4.04 16.68
CA LEU B 554 -4.90 -2.90 17.58
C LEU B 554 -4.08 -1.86 16.84
N PRO B 555 -4.68 -0.76 16.37
CA PRO B 555 -3.86 0.34 15.85
C PRO B 555 -2.90 0.85 16.90
N GLU B 556 -1.64 1.00 16.51
CA GLU B 556 -0.58 1.27 17.47
C GLU B 556 0.60 1.89 16.75
N THR B 557 1.23 2.85 17.42
CA THR B 557 2.43 3.49 16.90
C THR B 557 3.41 3.72 18.04
N GLY B 558 4.68 3.68 17.70
CA GLY B 558 5.72 4.22 18.54
C GLY B 558 6.17 5.57 18.03
N ALA B 559 7.42 5.89 18.31
CA ALA B 559 8.01 7.13 17.83
C ALA B 559 8.42 6.99 16.37
N ARG B 560 8.43 8.11 15.66
CA ARG B 560 8.86 8.19 14.27
C ARG B 560 9.73 9.44 14.18
N GLY B 561 11.04 9.24 14.18
CA GLY B 561 11.98 10.33 14.29
C GLY B 561 12.30 10.63 15.73
N GLY B 562 12.48 11.90 16.05
CA GLY B 562 12.63 12.34 17.42
C GLY B 562 11.32 12.85 17.97
N ASN B 563 10.22 12.25 17.50
CA ASN B 563 8.87 12.71 17.77
C ASN B 563 8.14 11.62 18.52
N HIS B 564 7.55 11.99 19.65
CA HIS B 564 6.93 11.03 20.55
C HIS B 564 5.42 11.03 20.36
N PRO B 565 4.75 9.89 20.44
CA PRO B 565 3.28 9.88 20.34
C PRO B 565 2.65 10.29 21.66
N ILE B 566 1.44 10.82 21.55
CA ILE B 566 0.71 11.38 22.68
C ILE B 566 -0.67 10.75 22.80
N PHE B 567 -1.16 10.73 24.02
CA PHE B 567 -2.59 10.60 24.30
C PHE B 567 -3.13 11.98 24.63
N TYR B 568 -4.41 12.18 24.37
CA TYR B 568 -5.13 13.35 24.85
C TYR B 568 -5.86 12.96 26.12
N LYS B 569 -5.47 13.57 27.23
CA LYS B 569 -5.98 13.12 28.53
C LYS B 569 -7.28 13.81 28.87
N ASN B 570 -8.15 13.05 29.52
CA ASN B 570 -9.50 13.46 29.85
C ASN B 570 -9.76 13.00 31.28
N SER B 571 -11.00 13.05 31.72
CA SER B 571 -11.36 12.60 33.05
C SER B 571 -12.75 12.01 33.05
N ILE B 572 -12.94 10.97 33.84
CA ILE B 572 -14.23 10.30 34.03
C ILE B 572 -14.47 10.15 35.52
N LYS B 573 -15.74 10.15 35.90
CA LYS B 573 -16.13 10.09 37.30
C LYS B 573 -16.08 8.65 37.81
N LEU B 574 -16.15 8.53 39.13
CA LEU B 574 -16.04 7.28 39.84
C LEU B 574 -17.35 6.99 40.58
N GLY B 575 -17.45 5.78 41.13
CA GLY B 575 -18.72 5.33 41.68
C GLY B 575 -18.93 5.68 43.14
N TYR B 576 -18.01 5.30 44.00
CA TYR B 576 -18.23 5.54 45.41
C TYR B 576 -17.53 6.79 45.92
N VAL B 577 -16.72 7.40 45.08
CA VAL B 577 -15.95 8.56 45.51
C VAL B 577 -16.26 9.73 44.59
N ILE B 578 -16.29 10.92 45.18
CA ILE B 578 -16.63 12.15 44.46
C ILE B 578 -15.41 12.68 43.69
N ARG B 579 -14.29 11.98 43.74
CA ARG B 579 -13.12 12.31 42.95
C ARG B 579 -13.29 11.69 41.57
N SER B 580 -12.25 11.77 40.75
CA SER B 580 -12.30 11.31 39.37
C SER B 580 -11.02 10.54 39.04
N ILE B 581 -10.96 10.05 37.81
CA ILE B 581 -9.83 9.28 37.31
C ILE B 581 -9.53 9.76 35.89
N ASP B 582 -8.28 9.63 35.49
CA ASP B 582 -7.86 10.10 34.19
C ASP B 582 -8.24 9.09 33.11
N VAL B 583 -8.35 9.60 31.88
CA VAL B 583 -8.77 8.82 30.73
C VAL B 583 -7.93 9.26 29.54
N PHE B 584 -7.42 8.30 28.79
CA PHE B 584 -6.56 8.57 27.64
C PHE B 584 -7.33 8.41 26.34
N ASN B 585 -7.01 9.26 25.38
CA ASN B 585 -7.67 9.31 24.08
C ASN B 585 -6.61 9.47 23.00
N SER B 586 -6.69 8.64 21.98
CA SER B 586 -5.79 8.76 20.84
C SER B 586 -6.16 9.90 19.91
N GLN B 587 -7.36 10.47 20.05
CA GLN B 587 -7.82 11.52 19.16
C GLN B 587 -8.81 12.41 19.89
N ILE B 588 -8.92 13.63 19.39
CA ILE B 588 -10.05 14.48 19.69
C ILE B 588 -11.20 14.02 18.80
N LEU B 589 -12.44 14.18 19.29
CA LEU B 589 -13.57 13.63 18.56
C LEU B 589 -13.80 14.32 17.24
N HIS B 590 -13.51 15.63 17.17
CA HIS B 590 -13.60 16.35 15.91
C HIS B 590 -12.61 15.80 14.90
N THR B 591 -11.45 15.34 15.38
CA THR B 591 -10.47 14.74 14.48
C THR B 591 -11.00 13.43 13.92
N SER B 592 -11.80 12.72 14.70
CA SER B 592 -12.28 11.40 14.29
C SER B 592 -13.42 11.53 13.29
N ARG B 593 -14.42 12.35 13.59
CA ARG B 593 -15.58 12.44 12.72
C ARG B 593 -15.23 13.06 11.37
N GLN B 594 -14.31 14.02 11.36
CA GLN B 594 -13.89 14.60 10.09
C GLN B 594 -13.21 13.56 9.22
N LEU B 595 -12.29 12.78 9.78
CA LEU B 595 -11.69 11.67 9.04
C LEU B 595 -12.68 10.57 8.73
N SER B 596 -13.79 10.49 9.46
CA SER B 596 -14.82 9.51 9.16
C SER B 596 -15.50 9.77 7.84
N LEU B 597 -15.56 11.04 7.39
CA LEU B 597 -16.43 11.43 6.29
C LEU B 597 -15.76 12.43 5.35
N ASN B 598 -14.44 12.53 5.37
CA ASN B 598 -13.71 13.36 4.43
C ASN B 598 -12.42 12.65 4.08
N HIS B 599 -12.12 12.59 2.78
CA HIS B 599 -10.89 11.97 2.29
C HIS B 599 -9.84 13.05 2.14
N TYR B 600 -8.89 13.08 3.07
CA TYR B 600 -7.77 14.01 3.02
C TYR B 600 -6.58 13.34 2.34
N LEU B 601 -5.58 14.16 2.05
CA LEU B 601 -4.35 13.73 1.41
C LEU B 601 -3.20 13.84 2.41
N LEU B 602 -2.48 12.76 2.60
CA LEU B 602 -1.25 12.81 3.38
C LEU B 602 -0.41 11.59 3.07
N PRO B 603 0.87 11.73 2.73
CA PRO B 603 1.72 10.55 2.57
C PRO B 603 1.95 9.86 3.90
N PRO B 604 2.37 8.59 3.89
CA PRO B 604 2.74 7.96 5.17
C PRO B 604 3.90 8.63 5.86
N ASP B 605 4.87 9.13 5.09
CA ASP B 605 6.04 9.80 5.64
C ASP B 605 5.79 11.30 5.75
N SER B 606 4.74 11.66 6.47
CA SER B 606 4.42 13.06 6.66
C SER B 606 3.41 13.21 7.79
N PHE B 607 3.29 14.44 8.26
CA PHE B 607 2.34 14.83 9.29
C PHE B 607 1.47 15.96 8.75
N ALA B 608 0.37 16.20 9.45
CA ALA B 608 -0.40 17.43 9.32
C ALA B 608 -0.16 18.22 10.59
N VAL B 609 0.61 19.27 10.49
CA VAL B 609 1.12 19.95 11.67
C VAL B 609 0.07 20.92 12.18
N TYR B 610 0.06 21.09 13.50
CA TYR B 610 -0.89 21.95 14.19
C TYR B 610 -0.18 22.70 15.30
N ARG B 611 0.06 23.98 15.07
CA ARG B 611 0.60 24.86 16.11
C ARG B 611 -0.46 25.13 17.16
N ILE B 612 -0.08 24.92 18.41
CA ILE B 612 -0.99 25.02 19.54
C ILE B 612 -0.36 25.95 20.57
N ILE B 613 -0.95 27.13 20.71
CA ILE B 613 -0.48 28.13 21.67
C ILE B 613 -1.33 28.04 22.92
N ASP B 614 -0.87 28.70 23.98
CA ASP B 614 -1.62 28.85 25.21
C ASP B 614 -1.78 30.32 25.53
N SER B 615 -2.53 30.59 26.60
CA SER B 615 -2.83 31.96 26.99
C SER B 615 -1.59 32.75 27.38
N ASN B 616 -0.49 32.09 27.73
CA ASN B 616 0.73 32.78 28.13
C ASN B 616 1.64 33.04 26.94
N GLY B 617 1.90 32.01 26.14
CA GLY B 617 2.80 32.11 25.01
C GLY B 617 3.59 30.84 24.73
N SER B 618 3.56 29.89 25.66
CA SER B 618 4.16 28.60 25.41
C SER B 618 3.40 27.88 24.31
N TRP B 619 4.13 27.28 23.38
CA TRP B 619 3.53 26.65 22.22
C TRP B 619 4.34 25.43 21.80
N PHE B 620 3.68 24.56 21.05
CA PHE B 620 4.31 23.40 20.47
C PHE B 620 3.45 22.91 19.31
N ASP B 621 4.07 22.14 18.43
CA ASP B 621 3.41 21.59 17.25
C ASP B 621 3.04 20.14 17.51
N ILE B 622 1.80 19.79 17.19
CA ILE B 622 1.37 18.40 17.09
C ILE B 622 1.43 17.99 15.63
N GLY B 623 1.78 16.72 15.40
CA GLY B 623 1.77 16.14 14.08
C GLY B 623 0.93 14.89 14.03
N ILE B 624 -0.09 14.90 13.20
CA ILE B 624 -1.02 13.79 13.05
C ILE B 624 -0.51 12.89 11.94
N ASP B 625 -0.39 11.60 12.23
CA ASP B 625 0.10 10.62 11.28
C ASP B 625 -1.04 10.14 10.40
N SER B 626 -0.67 9.51 9.29
CA SER B 626 -1.65 8.96 8.37
C SER B 626 -2.52 7.89 9.03
N ASP B 627 -2.04 7.35 10.14
CA ASP B 627 -2.75 6.34 10.89
C ASP B 627 -3.76 6.95 11.85
N GLY B 628 -3.78 8.28 11.92
CA GLY B 628 -4.69 8.98 12.79
C GLY B 628 -4.15 9.29 14.16
N PHE B 629 -2.91 8.92 14.45
CA PHE B 629 -2.30 9.17 15.74
C PHE B 629 -1.55 10.50 15.72
N SER B 630 -1.47 11.13 16.88
CA SER B 630 -0.89 12.45 17.04
C SER B 630 0.44 12.34 17.77
N PHE B 631 1.45 13.04 17.26
CA PHE B 631 2.78 13.02 17.83
C PHE B 631 3.21 14.39 18.31
N VAL B 632 4.34 14.44 18.98
CA VAL B 632 4.91 15.69 19.48
C VAL B 632 6.42 15.53 19.52
N GLY B 633 7.13 16.65 19.45
CA GLY B 633 8.57 16.64 19.39
C GLY B 633 9.25 16.72 20.75
N VAL B 634 8.66 17.48 21.66
CA VAL B 634 9.21 17.62 22.99
C VAL B 634 8.90 16.38 23.82
N SER B 635 9.71 16.17 24.86
CA SER B 635 9.55 14.99 25.72
C SER B 635 8.53 15.22 26.82
N SER B 636 8.40 16.44 27.32
CA SER B 636 7.41 16.79 28.32
C SER B 636 6.75 18.10 27.93
N ILE B 637 5.44 18.18 28.13
CA ILE B 637 4.67 19.37 27.81
C ILE B 637 4.73 20.31 29.01
N GLY B 638 4.29 19.81 30.15
CA GLY B 638 4.26 20.60 31.36
C GLY B 638 2.93 21.30 31.57
N LYS B 639 2.96 22.31 32.43
CA LYS B 639 1.79 23.09 32.74
C LYS B 639 1.44 23.99 31.55
N LEU B 640 0.14 24.21 31.37
CA LEU B 640 -0.36 25.05 30.30
C LEU B 640 -1.60 25.77 30.78
N GLU B 641 -1.71 27.05 30.43
CA GLU B 641 -2.88 27.85 30.77
C GLU B 641 -3.86 27.27 29.81
N PHE B 642 -4.95 26.68 30.27
CA PHE B 642 -5.81 25.97 29.32
C PHE B 642 -6.77 26.56 28.32
N PRO B 643 -6.78 27.89 28.12
CA PRO B 643 -7.57 28.32 26.96
C PRO B 643 -6.63 28.24 25.74
N LEU B 644 -6.52 27.06 25.13
CA LEU B 644 -5.62 26.81 24.01
C LEU B 644 -6.26 27.05 22.66
N THR B 645 -5.42 27.26 21.64
CA THR B 645 -5.93 27.44 20.29
C THR B 645 -4.97 26.75 19.34
N ALA B 646 -5.53 25.98 18.41
CA ALA B 646 -4.75 25.21 17.45
C ALA B 646 -4.85 25.86 16.07
N SER B 647 -3.69 26.10 15.47
CA SER B 647 -3.59 26.56 14.10
C SER B 647 -3.12 25.39 13.23
N TYR B 648 -2.91 25.65 11.96
CA TYR B 648 -2.44 24.66 11.00
C TYR B 648 -1.21 25.21 10.29
N MET B 649 -0.11 24.49 10.39
CA MET B 649 1.18 24.90 9.87
C MET B 649 1.66 24.00 8.74
N GLY B 650 0.73 23.37 8.05
CA GLY B 650 1.07 22.63 6.86
C GLY B 650 1.56 21.22 7.12
N ILE B 651 2.28 20.71 6.14
CA ILE B 651 2.81 19.36 6.14
C ILE B 651 4.25 19.41 6.59
N GLN B 652 4.68 18.36 7.28
CA GLN B 652 6.06 18.25 7.74
C GLN B 652 6.46 16.78 7.72
N LEU B 653 7.62 16.51 7.16
CA LEU B 653 8.15 15.16 7.10
C LEU B 653 8.30 14.60 8.51
N ALA B 654 7.81 13.38 8.70
CA ALA B 654 7.80 12.75 10.02
C ALA B 654 9.18 12.47 10.57
N LYS B 655 10.23 12.55 9.74
CA LYS B 655 11.59 12.34 10.19
C LYS B 655 12.25 13.62 10.69
N ILE B 656 11.47 14.60 11.09
CA ILE B 656 11.96 15.91 11.51
C ILE B 656 11.31 16.26 12.84
N ARG B 657 12.11 16.82 13.75
CA ARG B 657 11.61 17.16 15.07
C ARG B 657 10.57 18.26 14.95
N LEU B 658 9.42 18.03 15.58
CA LEU B 658 8.39 19.05 15.68
C LEU B 658 8.80 20.11 16.68
N ALA B 659 8.43 21.35 16.40
CA ALA B 659 8.88 22.48 17.20
C ALA B 659 8.23 22.47 18.58
N SER B 660 8.78 23.29 19.47
CA SER B 660 8.29 23.43 20.83
C SER B 660 8.94 24.64 21.46
N ASN B 661 8.13 25.43 22.16
CA ASN B 661 8.62 26.50 23.03
C ASN B 661 7.84 26.48 24.34
N ILE B 662 7.76 25.29 24.96
CA ILE B 662 6.92 25.10 26.14
C ILE B 662 7.35 25.99 27.29
N ARG B 663 8.62 26.38 27.34
CA ARG B 663 9.12 27.18 28.44
C ARG B 663 8.49 28.57 28.37
N SER C 130 20.13 47.93 8.21
CA SER C 130 18.69 47.69 8.20
C SER C 130 18.38 46.40 7.46
N ILE C 131 18.82 46.34 6.21
CA ILE C 131 18.73 45.14 5.39
C ILE C 131 20.06 44.96 4.70
N THR C 132 20.52 43.71 4.63
CA THR C 132 21.73 43.38 3.89
C THR C 132 21.52 42.10 3.11
N ALA C 133 21.78 42.20 1.81
CA ALA C 133 21.62 41.14 0.83
C ALA C 133 22.64 40.03 1.09
N PRO C 134 22.59 38.93 0.34
CA PRO C 134 23.53 37.83 0.58
C PRO C 134 24.95 38.08 0.10
N GLU C 135 25.26 39.26 -0.41
CA GLU C 135 26.57 39.55 -0.99
C GLU C 135 27.01 40.95 -0.58
N GLN C 136 26.47 41.45 0.53
CA GLN C 136 26.52 42.85 0.91
C GLN C 136 27.26 43.01 2.22
N GLY C 137 28.09 44.03 2.30
CA GLY C 137 28.91 44.33 3.45
C GLY C 137 30.10 45.14 2.99
N THR C 138 30.61 45.97 3.90
CA THR C 138 31.71 46.84 3.56
C THR C 138 33.02 46.06 3.57
N PRO C 139 33.77 46.03 2.46
CA PRO C 139 35.03 45.27 2.46
C PRO C 139 36.21 46.13 2.87
N VAL C 140 37.09 45.51 3.65
CA VAL C 140 38.35 46.13 4.06
C VAL C 140 39.51 45.35 3.47
N GLY C 141 39.32 44.05 3.28
CA GLY C 141 40.31 43.22 2.63
C GLY C 141 41.31 42.66 3.59
N GLY C 142 42.41 42.16 3.01
CA GLY C 142 43.54 41.77 3.81
C GLY C 142 44.28 43.01 4.29
N VAL C 143 44.76 42.93 5.53
CA VAL C 143 45.34 44.09 6.20
C VAL C 143 46.85 44.15 6.06
N ILE C 144 47.49 43.02 5.75
CA ILE C 144 48.94 42.93 5.59
C ILE C 144 49.25 42.83 4.11
N ALA C 145 48.35 42.18 3.37
CA ALA C 145 48.47 42.05 1.93
C ALA C 145 47.07 42.02 1.35
N GLU C 146 47.00 41.92 0.04
CA GLU C 146 45.74 41.76 -0.69
C GLU C 146 45.90 40.68 -1.74
N PRO C 147 44.79 40.11 -2.22
CA PRO C 147 44.89 39.11 -3.29
C PRO C 147 45.58 39.64 -4.53
N SER C 148 46.43 38.78 -5.10
CA SER C 148 47.16 39.07 -6.32
C SER C 148 46.65 38.20 -7.46
N ALA C 149 46.77 38.72 -8.67
CA ALA C 149 46.49 37.97 -9.88
C ALA C 149 47.73 37.31 -10.45
N GLN C 150 48.91 37.84 -10.14
CA GLN C 150 50.14 37.23 -10.61
C GLN C 150 50.34 35.86 -10.00
N MET C 151 49.83 35.64 -8.79
CA MET C 151 49.98 34.35 -8.12
C MET C 151 48.90 33.37 -8.55
N SER C 152 47.71 33.88 -8.88
CA SER C 152 46.67 33.00 -9.38
C SER C 152 46.95 32.59 -10.81
N ALA C 153 47.50 33.51 -11.60
CA ALA C 153 48.00 33.18 -12.92
C ALA C 153 49.11 32.15 -12.83
N ALA C 154 49.98 32.27 -11.82
CA ALA C 154 51.09 31.35 -11.66
C ALA C 154 50.61 29.93 -11.39
N ALA C 155 49.43 29.77 -10.80
CA ALA C 155 48.89 28.44 -10.58
C ALA C 155 48.28 27.87 -11.84
N ASP C 156 47.83 28.73 -12.76
CA ASP C 156 47.35 28.27 -14.05
C ASP C 156 48.51 27.92 -14.97
N MET C 157 49.63 28.64 -14.82
CA MET C 157 50.87 28.24 -15.49
C MET C 157 51.32 26.88 -14.99
N ALA C 158 51.47 26.74 -13.67
CA ALA C 158 51.90 25.48 -13.08
C ALA C 158 50.97 24.34 -13.42
N THR C 159 49.69 24.61 -13.56
CA THR C 159 48.69 23.61 -13.90
C THR C 159 48.36 23.75 -15.37
N GLY C 160 47.31 23.06 -15.81
CA GLY C 160 46.79 23.22 -17.14
C GLY C 160 45.40 23.83 -17.13
N LYS C 161 45.12 24.67 -16.15
CA LYS C 161 43.79 25.24 -16.00
C LYS C 161 43.53 26.22 -17.13
N SER C 162 42.69 25.80 -18.09
CA SER C 162 42.25 26.64 -19.18
C SER C 162 40.76 26.93 -19.14
N VAL C 163 39.99 26.14 -18.37
CA VAL C 163 38.56 26.36 -18.26
C VAL C 163 38.07 25.58 -17.06
N ASP C 164 37.03 26.09 -16.41
CA ASP C 164 36.39 25.39 -15.32
C ASP C 164 35.32 24.46 -15.84
N SER C 165 34.92 23.51 -15.00
CA SER C 165 33.94 22.49 -15.35
C SER C 165 34.42 21.68 -16.56
N GLU C 166 35.51 20.95 -16.32
CA GLU C 166 36.20 20.24 -17.38
C GLU C 166 35.40 19.06 -17.88
N TRP C 167 34.62 18.41 -17.00
CA TRP C 167 33.82 17.27 -17.39
C TRP C 167 32.86 17.56 -18.53
N GLU C 168 32.52 18.83 -18.75
CA GLU C 168 31.73 19.23 -19.90
C GLU C 168 32.51 19.19 -21.21
N ALA C 169 33.81 18.91 -21.16
CA ALA C 169 34.68 19.02 -22.32
C ALA C 169 35.22 17.70 -22.81
N PHE C 170 34.94 16.59 -22.13
CA PHE C 170 35.43 15.30 -22.54
C PHE C 170 34.40 14.22 -22.25
N PHE C 171 34.59 13.08 -22.90
CA PHE C 171 33.78 11.91 -22.66
C PHE C 171 34.41 11.06 -21.58
N SER C 172 33.58 10.59 -20.65
CA SER C 172 34.02 9.79 -19.52
C SER C 172 33.48 8.39 -19.68
N PHE C 173 34.29 7.42 -19.26
CA PHE C 173 33.92 6.02 -19.37
C PHE C 173 32.63 5.74 -18.62
N HIS C 174 31.77 4.95 -19.25
CA HIS C 174 30.55 4.45 -18.62
C HIS C 174 30.59 2.93 -18.46
N THR C 175 30.78 2.20 -19.54
CA THR C 175 30.76 0.75 -19.49
C THR C 175 31.26 0.21 -20.82
N SER C 176 31.15 -1.09 -21.00
CA SER C 176 31.63 -1.76 -22.18
C SER C 176 30.94 -3.11 -22.28
N VAL C 177 30.56 -3.49 -23.49
CA VAL C 177 29.79 -4.70 -23.73
C VAL C 177 30.52 -5.52 -24.78
N ASN C 178 30.46 -6.84 -24.66
CA ASN C 178 30.98 -7.73 -25.68
C ASN C 178 29.88 -8.06 -26.67
N TRP C 179 30.23 -8.00 -27.95
CA TRP C 179 29.35 -8.41 -29.03
C TRP C 179 29.99 -9.58 -29.76
N SER C 180 29.45 -10.76 -29.48
CA SER C 180 29.96 -12.01 -30.00
C SER C 180 29.10 -12.50 -31.16
N THR C 181 29.63 -13.50 -31.86
CA THR C 181 28.90 -14.12 -32.95
C THR C 181 27.76 -15.00 -32.45
N SER C 182 27.82 -15.45 -31.19
CA SER C 182 26.76 -16.27 -30.62
C SER C 182 25.46 -15.48 -30.45
N GLU C 183 25.53 -14.16 -30.43
CA GLU C 183 24.38 -13.31 -30.14
C GLU C 183 23.61 -13.06 -31.43
N THR C 184 22.39 -13.56 -31.48
CA THR C 184 21.55 -13.41 -32.67
C THR C 184 21.01 -11.99 -32.73
N GLN C 185 20.24 -11.72 -33.79
CA GLN C 185 19.67 -10.40 -33.94
C GLN C 185 18.60 -10.15 -32.89
N GLY C 186 18.29 -8.88 -32.69
CA GLY C 186 17.26 -8.48 -31.77
C GLY C 186 17.64 -8.55 -30.31
N LYS C 187 18.86 -8.93 -29.98
CA LYS C 187 19.33 -8.91 -28.61
C LYS C 187 19.80 -7.52 -28.24
N ILE C 188 19.52 -7.12 -27.00
CA ILE C 188 19.93 -5.82 -26.48
C ILE C 188 21.24 -6.00 -25.74
N LEU C 189 22.21 -5.17 -26.08
CA LEU C 189 23.53 -5.16 -25.46
C LEU C 189 23.65 -4.04 -24.44
N PHE C 190 23.15 -2.87 -24.79
CA PHE C 190 23.21 -1.68 -23.95
C PHE C 190 21.81 -1.13 -23.75
N LYS C 191 21.55 -0.62 -22.55
CA LYS C 191 20.27 0.02 -22.26
C LYS C 191 20.47 0.91 -21.04
N GLN C 192 20.38 2.22 -21.25
CA GLN C 192 20.42 3.18 -20.17
C GLN C 192 19.39 4.26 -20.43
N SER C 193 18.76 4.73 -19.37
CA SER C 193 17.89 5.90 -19.43
C SER C 193 18.69 7.15 -19.11
N LEU C 194 18.19 8.28 -19.62
CA LEU C 194 18.83 9.55 -19.40
C LEU C 194 18.85 9.91 -17.93
N GLY C 195 19.84 10.70 -17.54
CA GLY C 195 19.99 11.13 -16.17
C GLY C 195 21.42 11.46 -15.84
N PRO C 196 21.65 11.97 -14.63
CA PRO C 196 23.01 12.31 -14.19
C PRO C 196 23.79 11.17 -13.58
N LEU C 197 23.21 9.98 -13.43
CA LEU C 197 23.95 8.83 -12.95
C LEU C 197 24.79 8.18 -14.04
N LEU C 198 24.75 8.71 -15.26
CA LEU C 198 25.57 8.17 -16.34
C LEU C 198 27.01 8.62 -16.19
N ASN C 199 27.21 9.90 -15.96
CA ASN C 199 28.52 10.51 -15.79
C ASN C 199 28.80 10.68 -14.32
N PRO C 200 29.98 10.29 -13.81
CA PRO C 200 30.22 10.46 -12.36
C PRO C 200 30.34 11.91 -11.93
N TYR C 201 30.73 12.82 -12.81
CA TYR C 201 30.94 14.19 -12.39
C TYR C 201 29.63 14.93 -12.20
N LEU C 202 28.54 14.40 -12.77
CA LEU C 202 27.22 14.96 -12.57
C LEU C 202 26.54 14.31 -11.38
N GLU C 203 26.77 13.01 -11.19
CA GLU C 203 26.32 12.30 -10.01
C GLU C 203 26.82 12.95 -8.74
N HIS C 204 27.94 13.66 -8.80
CA HIS C 204 28.51 14.31 -7.63
C HIS C 204 27.83 15.64 -7.36
N LEU C 205 27.76 16.50 -8.37
CA LEU C 205 27.10 17.79 -8.22
C LEU C 205 25.61 17.65 -7.97
N ALA C 206 25.00 16.56 -8.44
CA ALA C 206 23.59 16.33 -8.24
C ALA C 206 23.18 16.32 -6.78
N LYS C 207 24.11 16.04 -5.87
CA LYS C 207 23.83 16.06 -4.45
C LYS C 207 23.51 17.45 -3.93
N LEU C 208 23.90 18.50 -4.65
CA LEU C 208 23.66 19.88 -4.26
C LEU C 208 22.37 20.46 -4.81
N TYR C 209 21.69 19.76 -5.71
CA TYR C 209 20.57 20.30 -6.44
C TYR C 209 19.36 19.39 -6.27
N VAL C 210 18.19 19.99 -6.41
CA VAL C 210 16.93 19.26 -6.32
C VAL C 210 16.51 18.70 -7.68
N ALA C 211 16.89 19.37 -8.77
CA ALA C 211 16.32 19.13 -10.07
C ALA C 211 17.40 19.18 -11.13
N TRP C 212 17.05 18.71 -12.33
CA TRP C 212 17.93 18.77 -13.48
C TRP C 212 17.09 18.83 -14.74
N SER C 213 17.77 19.01 -15.86
CA SER C 213 17.14 19.00 -17.16
C SER C 213 18.23 18.94 -18.21
N GLY C 214 17.94 18.27 -19.32
CA GLY C 214 18.72 18.39 -20.53
C GLY C 214 19.26 17.06 -20.99
N SER C 215 20.09 17.13 -22.01
CA SER C 215 20.52 15.98 -22.78
C SER C 215 21.92 15.55 -22.38
N ILE C 216 22.20 14.28 -22.57
CA ILE C 216 23.51 13.66 -22.38
C ILE C 216 23.94 13.12 -23.74
N ASP C 217 25.24 13.09 -23.96
CA ASP C 217 25.87 12.58 -25.18
C ASP C 217 26.56 11.28 -24.82
N VAL C 218 26.27 10.21 -25.55
CA VAL C 218 26.78 8.89 -25.18
C VAL C 218 27.63 8.30 -26.28
N ARG C 219 28.94 8.48 -26.20
CA ARG C 219 29.80 8.07 -27.28
C ARG C 219 29.97 6.55 -27.29
N PHE C 220 30.13 5.99 -28.49
CA PHE C 220 30.31 4.56 -28.71
C PHE C 220 31.55 4.35 -29.54
N SER C 221 32.37 3.39 -29.15
CA SER C 221 33.59 3.04 -29.86
C SER C 221 33.60 1.55 -30.14
N ILE C 222 33.99 1.21 -31.35
CA ILE C 222 34.12 -0.18 -31.78
C ILE C 222 35.32 -0.27 -32.70
N SER C 223 36.07 -1.36 -32.56
CA SER C 223 37.31 -1.58 -33.31
C SER C 223 37.20 -2.97 -33.93
N GLY C 224 36.61 -3.04 -35.10
CA GLY C 224 36.50 -4.29 -35.79
C GLY C 224 37.77 -4.67 -36.50
N SER C 225 37.76 -5.88 -37.05
CA SER C 225 38.92 -6.46 -37.68
C SER C 225 39.03 -6.14 -39.17
N GLY C 226 38.02 -5.52 -39.75
CA GLY C 226 38.05 -5.20 -41.17
C GLY C 226 37.51 -6.32 -42.02
N VAL C 227 37.93 -7.55 -41.74
CA VAL C 227 37.35 -8.71 -42.39
C VAL C 227 36.03 -9.13 -41.77
N PHE C 228 35.62 -8.51 -40.66
CA PHE C 228 34.35 -8.82 -40.04
C PHE C 228 33.19 -8.18 -40.78
N GLY C 229 32.03 -8.76 -40.56
CA GLY C 229 30.77 -8.18 -41.00
C GLY C 229 29.75 -8.30 -39.90
N GLY C 230 28.80 -7.37 -39.92
CA GLY C 230 27.78 -7.30 -38.90
C GLY C 230 27.48 -5.87 -38.51
N LYS C 231 26.21 -5.50 -38.60
CA LYS C 231 25.75 -4.16 -38.29
C LYS C 231 25.05 -4.16 -36.94
N LEU C 232 25.08 -3.01 -36.30
CA LEU C 232 24.63 -2.86 -34.93
C LEU C 232 23.76 -1.62 -34.87
N ALA C 233 22.57 -1.76 -34.29
CA ALA C 233 21.56 -0.72 -34.34
C ALA C 233 21.58 0.14 -33.08
N ALA C 234 20.98 1.33 -33.20
CA ALA C 234 20.84 2.26 -32.11
C ALA C 234 19.45 2.85 -32.14
N ILE C 235 18.78 2.84 -31.00
CA ILE C 235 17.39 3.25 -30.88
C ILE C 235 17.30 4.13 -29.65
N VAL C 236 16.83 5.35 -29.81
CA VAL C 236 16.52 6.21 -28.67
C VAL C 236 15.01 6.09 -28.46
N VAL C 237 14.62 5.16 -27.61
CA VAL C 237 13.20 4.92 -27.36
C VAL C 237 12.70 6.05 -26.46
N PRO C 238 11.43 6.41 -26.51
CA PRO C 238 10.99 7.59 -25.80
C PRO C 238 10.80 7.28 -24.33
N PRO C 239 10.34 8.25 -23.54
CA PRO C 239 9.92 7.95 -22.18
C PRO C 239 8.54 7.33 -22.15
N GLY C 240 8.30 6.57 -21.08
CA GLY C 240 7.07 5.84 -20.92
C GLY C 240 7.12 4.41 -21.38
N VAL C 241 8.15 4.02 -22.12
CA VAL C 241 8.30 2.65 -22.61
C VAL C 241 9.40 1.94 -21.83
N ASP C 242 9.47 0.63 -22.03
CA ASP C 242 10.53 -0.20 -21.50
C ASP C 242 10.86 -1.23 -22.58
N PRO C 243 12.07 -1.25 -23.15
CA PRO C 243 12.31 -2.08 -24.33
C PRO C 243 12.17 -3.57 -24.07
N VAL C 244 12.20 -4.32 -25.18
CA VAL C 244 12.16 -5.77 -25.17
C VAL C 244 13.16 -6.27 -26.21
N GLN C 245 13.70 -7.46 -25.97
CA GLN C 245 14.57 -8.09 -26.96
C GLN C 245 13.70 -8.68 -28.04
N SER C 246 13.51 -7.92 -29.12
CA SER C 246 12.71 -8.36 -30.25
C SER C 246 12.96 -7.44 -31.42
N THR C 247 12.95 -8.01 -32.61
CA THR C 247 13.13 -7.23 -33.83
C THR C 247 11.99 -6.25 -34.08
N SER C 248 10.87 -6.38 -33.36
CA SER C 248 9.82 -5.37 -33.43
C SER C 248 10.33 -4.00 -33.01
N MET C 249 11.36 -3.95 -32.17
CA MET C 249 11.97 -2.69 -31.80
C MET C 249 12.62 -1.99 -32.99
N LEU C 250 12.94 -2.75 -34.04
CA LEU C 250 13.53 -2.21 -35.26
C LEU C 250 12.48 -1.73 -36.24
N GLN C 251 11.20 -1.88 -35.92
CA GLN C 251 10.11 -1.32 -36.70
C GLN C 251 9.85 0.10 -36.21
N TYR C 252 10.90 0.89 -36.20
CA TYR C 252 10.99 2.12 -35.45
C TYR C 252 12.26 2.80 -35.93
N PRO C 253 12.44 4.11 -35.79
CA PRO C 253 13.67 4.73 -36.30
C PRO C 253 14.90 4.21 -35.60
N HIS C 254 15.87 3.80 -36.39
CA HIS C 254 17.11 3.23 -35.87
C HIS C 254 18.27 3.60 -36.78
N VAL C 255 19.37 3.98 -36.17
CA VAL C 255 20.63 4.24 -36.84
C VAL C 255 21.47 2.97 -36.72
N LEU C 256 22.26 2.70 -37.76
CA LEU C 256 23.08 1.51 -37.82
C LEU C 256 24.54 1.91 -37.95
N PHE C 257 25.41 1.01 -37.52
CA PHE C 257 26.85 1.21 -37.69
C PHE C 257 27.53 -0.14 -37.70
N ASP C 258 28.45 -0.32 -38.64
CA ASP C 258 29.03 -1.62 -38.94
C ASP C 258 30.21 -1.89 -38.01
N ALA C 259 30.61 -3.16 -37.97
CA ALA C 259 31.82 -3.55 -37.27
C ALA C 259 33.05 -2.82 -37.80
N ARG C 260 33.03 -2.46 -39.07
CA ARG C 260 34.08 -1.70 -39.72
C ARG C 260 33.97 -0.20 -39.48
N GLN C 261 33.17 0.23 -38.51
CA GLN C 261 33.11 1.64 -38.15
C GLN C 261 34.41 2.07 -37.54
N VAL C 262 34.99 3.14 -38.07
CA VAL C 262 36.29 3.63 -37.64
C VAL C 262 36.14 4.59 -36.47
N GLU C 263 35.44 5.68 -36.69
CA GLU C 263 35.33 6.73 -35.70
C GLU C 263 34.20 6.43 -34.72
N PRO C 264 34.21 7.03 -33.54
CA PRO C 264 33.09 6.87 -32.63
C PRO C 264 31.86 7.65 -33.09
N VAL C 265 30.71 7.24 -32.55
CA VAL C 265 29.43 7.87 -32.81
C VAL C 265 28.87 8.35 -31.47
N ILE C 266 28.11 9.45 -31.50
CA ILE C 266 27.81 10.21 -30.28
C ILE C 266 26.43 9.92 -29.71
N PHE C 267 25.37 10.07 -30.50
CA PHE C 267 24.01 9.73 -30.06
C PHE C 267 23.59 10.53 -28.83
N SER C 268 23.37 11.83 -29.02
CA SER C 268 22.79 12.65 -27.98
C SER C 268 21.39 12.17 -27.63
N ILE C 269 21.13 12.00 -26.34
CA ILE C 269 19.82 11.57 -25.85
C ILE C 269 19.02 12.83 -25.49
N PRO C 270 17.96 13.16 -26.23
CA PRO C 270 17.20 14.36 -25.88
C PRO C 270 16.37 14.16 -24.64
N ASP C 271 16.17 15.24 -23.90
CA ASP C 271 15.31 15.21 -22.72
C ASP C 271 13.90 15.53 -23.18
N LEU C 272 13.10 14.49 -23.32
CA LEU C 272 11.68 14.61 -23.61
C LEU C 272 10.95 14.44 -22.28
N ARG C 273 10.23 15.46 -21.86
CA ARG C 273 9.68 15.52 -20.52
C ARG C 273 8.36 16.25 -20.58
N SER C 274 7.38 15.73 -19.85
CA SER C 274 6.10 16.40 -19.72
C SER C 274 6.17 17.54 -18.72
N THR C 275 7.08 17.45 -17.76
CA THR C 275 7.31 18.51 -16.80
C THR C 275 8.24 19.56 -17.38
N LEU C 276 8.49 20.60 -16.59
CA LEU C 276 9.37 21.69 -16.98
C LEU C 276 10.79 21.45 -16.47
N TYR C 277 10.93 20.77 -15.34
CA TYR C 277 12.21 20.23 -14.92
C TYR C 277 12.00 18.84 -14.35
N HIS C 278 13.09 18.07 -14.34
CA HIS C 278 13.10 16.79 -13.67
C HIS C 278 13.62 16.94 -12.26
N LEU C 279 13.18 16.04 -11.39
CA LEU C 279 13.80 15.87 -10.10
C LEU C 279 14.89 14.82 -10.22
N MET C 280 15.53 14.49 -9.10
CA MET C 280 16.54 13.46 -9.09
C MET C 280 15.96 12.07 -8.86
N SER C 281 14.79 11.99 -8.23
CA SER C 281 14.09 10.73 -8.08
C SER C 281 13.44 10.27 -9.38
N ASP C 282 13.43 11.09 -10.41
CA ASP C 282 12.76 10.77 -11.66
C ASP C 282 13.58 9.77 -12.47
N THR C 283 12.88 8.79 -13.05
CA THR C 283 13.50 7.75 -13.85
C THR C 283 12.81 7.50 -15.18
N ASP C 284 11.57 7.95 -15.37
CA ASP C 284 10.90 7.84 -16.65
C ASP C 284 11.45 8.92 -17.58
N THR C 285 12.57 8.60 -18.20
CA THR C 285 13.28 9.50 -19.08
C THR C 285 13.64 8.77 -20.37
N THR C 286 14.00 9.55 -21.37
CA THR C 286 14.37 9.01 -22.66
C THR C 286 15.59 8.11 -22.53
N SER C 287 15.53 6.95 -23.17
CA SER C 287 16.58 5.95 -23.09
C SER C 287 17.10 5.62 -24.48
N LEU C 288 18.28 5.01 -24.49
CA LEU C 288 18.99 4.60 -25.68
C LEU C 288 19.38 3.14 -25.52
N VAL C 289 19.12 2.34 -26.56
CA VAL C 289 19.50 0.94 -26.56
C VAL C 289 20.29 0.63 -27.82
N ILE C 290 21.34 -0.16 -27.64
CA ILE C 290 22.08 -0.76 -28.75
C ILE C 290 21.63 -2.21 -28.82
N MET C 291 21.34 -2.67 -30.04
CA MET C 291 20.86 -4.03 -30.20
C MET C 291 21.30 -4.58 -31.54
N VAL C 292 21.44 -5.90 -31.57
CA VAL C 292 22.05 -6.57 -32.71
C VAL C 292 21.08 -6.53 -33.88
N TYR C 293 21.47 -5.85 -34.95
CA TYR C 293 20.70 -5.75 -36.16
C TYR C 293 21.05 -6.89 -37.11
N ASN C 294 22.34 -7.13 -37.27
CA ASN C 294 22.83 -8.28 -38.00
C ASN C 294 23.96 -8.93 -37.22
N ASP C 295 23.93 -10.25 -37.21
CA ASP C 295 24.87 -11.02 -36.41
C ASP C 295 26.29 -10.74 -36.88
N LEU C 296 27.23 -10.85 -35.96
CA LEU C 296 28.62 -10.63 -36.27
C LEU C 296 29.18 -11.86 -36.97
N ILE C 297 30.04 -11.63 -37.96
CA ILE C 297 30.45 -12.65 -38.92
C ILE C 297 31.97 -12.63 -39.00
N ASN C 298 32.58 -13.80 -38.83
CA ASN C 298 33.98 -14.01 -39.13
C ASN C 298 34.06 -15.08 -40.21
N PRO C 299 34.58 -14.79 -41.42
CA PRO C 299 34.61 -15.84 -42.44
C PRO C 299 35.54 -16.99 -42.12
N TYR C 300 36.54 -16.75 -41.29
CA TYR C 300 37.49 -17.81 -40.96
C TYR C 300 36.97 -18.70 -39.85
N ALA C 301 36.18 -18.16 -38.94
CA ALA C 301 35.77 -18.90 -37.77
C ALA C 301 34.80 -20.01 -38.15
N ASN C 302 34.97 -21.16 -37.50
CA ASN C 302 34.09 -22.29 -37.72
C ASN C 302 32.76 -22.06 -37.01
N ASP C 303 31.81 -22.95 -37.25
CA ASP C 303 30.52 -22.85 -36.59
C ASP C 303 30.62 -23.10 -35.10
N SER C 304 31.67 -23.78 -34.64
CA SER C 304 31.85 -24.10 -33.23
C SER C 304 32.51 -22.97 -32.48
N ASN C 305 33.73 -22.60 -32.88
CA ASN C 305 34.44 -21.52 -32.22
C ASN C 305 33.71 -20.19 -32.39
N SER C 306 33.71 -19.38 -31.33
CA SER C 306 33.02 -18.10 -31.29
C SER C 306 34.02 -16.99 -31.01
N SER C 307 33.88 -15.90 -31.75
CA SER C 307 34.72 -14.71 -31.62
C SER C 307 33.87 -13.53 -31.19
N GLY C 308 34.47 -12.34 -31.18
CA GLY C 308 33.73 -11.18 -30.72
C GLY C 308 34.52 -9.89 -30.89
N CYS C 309 33.78 -8.80 -30.70
CA CYS C 309 34.35 -7.46 -30.66
C CYS C 309 33.58 -6.67 -29.62
N ILE C 310 34.28 -6.10 -28.68
CA ILE C 310 33.64 -5.44 -27.55
C ILE C 310 33.43 -3.98 -27.90
N VAL C 311 32.30 -3.44 -27.45
CA VAL C 311 31.89 -2.07 -27.77
C VAL C 311 31.94 -1.28 -26.48
N THR C 312 32.65 -0.16 -26.50
CA THR C 312 32.84 0.67 -25.33
C THR C 312 31.94 1.90 -25.41
N VAL C 313 31.50 2.34 -24.24
CA VAL C 313 30.49 3.37 -24.10
C VAL C 313 31.02 4.45 -23.19
N GLU C 314 30.88 5.71 -23.61
CA GLU C 314 31.31 6.86 -22.84
C GLU C 314 30.24 7.93 -22.89
N THR C 315 30.30 8.84 -21.93
CA THR C 315 29.26 9.84 -21.74
C THR C 315 29.88 11.20 -21.46
N LYS C 316 29.11 12.24 -21.80
CA LYS C 316 29.48 13.63 -21.60
C LYS C 316 28.22 14.40 -21.27
N PRO C 317 28.31 15.45 -20.44
CA PRO C 317 27.09 16.10 -19.94
C PRO C 317 26.14 16.64 -20.99
N GLY C 318 26.58 16.95 -22.19
CA GLY C 318 25.68 17.56 -23.15
C GLY C 318 25.51 19.05 -22.92
N ALA C 319 25.19 19.77 -23.98
CA ALA C 319 25.24 21.23 -23.93
C ALA C 319 24.04 21.83 -23.22
N ASP C 320 22.86 21.24 -23.37
CA ASP C 320 21.66 21.76 -22.74
C ASP C 320 21.45 21.23 -21.33
N PHE C 321 22.41 20.50 -20.79
CA PHE C 321 22.26 19.96 -19.45
C PHE C 321 22.51 21.04 -18.43
N LYS C 322 21.59 21.14 -17.47
CA LYS C 322 21.69 22.11 -16.40
C LYS C 322 21.04 21.53 -15.16
N PHE C 323 21.71 21.66 -14.04
CA PHE C 323 21.09 21.37 -12.77
C PHE C 323 20.27 22.58 -12.34
N HIS C 324 19.36 22.35 -11.40
CA HIS C 324 18.40 23.38 -11.02
C HIS C 324 18.13 23.28 -9.53
N LEU C 325 17.84 24.42 -8.93
CA LEU C 325 17.32 24.51 -7.56
C LEU C 325 18.30 23.91 -6.55
N LEU C 326 19.43 24.61 -6.42
CA LEU C 326 20.36 24.36 -5.34
C LEU C 326 19.62 24.21 -4.02
N LYS C 327 19.91 23.11 -3.30
CA LYS C 327 19.26 22.87 -2.03
C LYS C 327 20.16 23.33 -0.89
N PRO C 328 19.61 23.81 0.22
CA PRO C 328 20.44 24.05 1.38
C PRO C 328 20.87 22.74 2.01
N PRO C 329 22.09 22.65 2.56
CA PRO C 329 22.46 21.41 3.24
C PRO C 329 21.59 21.15 4.45
N GLY C 330 21.53 19.88 4.84
CA GLY C 330 20.68 19.47 5.94
C GLY C 330 19.22 19.56 5.60
N SER C 331 18.84 19.06 4.43
CA SER C 331 17.51 19.25 3.87
C SER C 331 17.01 17.91 3.37
N MET C 332 15.90 17.45 3.95
CA MET C 332 15.27 16.25 3.43
C MET C 332 14.58 16.57 2.11
N LEU C 333 14.75 15.68 1.14
CA LEU C 333 14.49 15.98 -0.26
C LEU C 333 13.07 15.65 -0.70
N THR C 334 12.24 15.11 0.19
CA THR C 334 10.79 15.00 0.04
C THR C 334 10.33 13.93 -0.95
N HIS C 335 11.25 13.38 -1.75
CA HIS C 335 11.02 12.15 -2.47
C HIS C 335 12.24 11.23 -2.46
N GLY C 336 13.36 11.65 -1.88
CA GLY C 336 14.53 10.81 -1.87
C GLY C 336 15.30 10.91 -3.18
N SER C 337 16.02 9.84 -3.50
CA SER C 337 16.81 9.75 -4.71
C SER C 337 16.60 8.36 -5.30
N VAL C 338 17.40 8.03 -6.30
CA VAL C 338 17.25 6.78 -7.04
C VAL C 338 17.77 5.64 -6.18
N PRO C 339 17.17 4.42 -6.24
CA PRO C 339 17.71 3.31 -5.46
C PRO C 339 19.06 2.80 -5.97
N SER C 340 20.08 3.62 -5.83
CA SER C 340 21.42 3.34 -6.35
C SER C 340 22.37 2.79 -5.31
N ASP C 341 21.96 2.69 -4.05
CA ASP C 341 22.84 2.39 -2.93
C ASP C 341 22.24 1.32 -2.04
N LEU C 342 21.63 0.30 -2.65
CA LEU C 342 20.98 -0.77 -1.92
C LEU C 342 21.90 -1.96 -1.72
N ILE C 343 22.62 -2.35 -2.75
CA ILE C 343 23.62 -3.42 -2.70
C ILE C 343 25.00 -2.76 -2.76
N PRO C 344 25.91 -3.07 -1.84
CA PRO C 344 27.26 -2.51 -1.95
C PRO C 344 27.97 -2.98 -3.22
N LYS C 345 29.00 -2.23 -3.60
CA LYS C 345 29.73 -2.51 -4.82
C LYS C 345 30.74 -3.64 -4.67
N SER C 346 30.79 -4.30 -3.52
CA SER C 346 31.73 -5.39 -3.32
C SER C 346 31.10 -6.40 -2.37
N SER C 347 31.53 -7.65 -2.52
CA SER C 347 30.94 -8.75 -1.78
C SER C 347 31.48 -8.86 -0.36
N SER C 348 32.60 -8.21 -0.06
CA SER C 348 33.15 -8.24 1.28
C SER C 348 32.23 -7.59 2.30
N LEU C 349 31.28 -6.78 1.84
CA LEU C 349 30.38 -6.01 2.70
C LEU C 349 28.97 -6.58 2.72
N TRP C 350 28.80 -7.81 2.28
CA TRP C 350 27.48 -8.44 2.20
C TRP C 350 27.34 -9.39 3.38
N ILE C 351 26.35 -9.12 4.23
CA ILE C 351 25.98 -10.02 5.31
C ILE C 351 24.46 -10.11 5.34
N GLY C 352 23.97 -11.26 5.76
CA GLY C 352 22.55 -11.51 5.70
C GLY C 352 21.76 -10.77 6.75
N ASN C 353 20.44 -10.83 6.57
CA ASN C 353 19.49 -10.26 7.50
C ASN C 353 18.95 -11.26 8.52
N ARG C 354 19.39 -12.51 8.47
CA ARG C 354 19.05 -13.52 9.47
C ARG C 354 20.22 -13.90 10.35
N HIS C 355 21.41 -14.05 9.76
CA HIS C 355 22.63 -14.30 10.50
C HIS C 355 23.74 -13.40 9.96
N TRP C 356 24.64 -13.02 10.85
CA TRP C 356 25.59 -11.93 10.62
C TRP C 356 26.74 -12.27 9.70
N THR C 357 26.84 -13.51 9.22
CA THR C 357 28.02 -13.94 8.50
C THR C 357 27.96 -13.46 7.06
N ASP C 358 29.06 -13.68 6.33
CA ASP C 358 29.20 -13.19 4.98
C ASP C 358 28.50 -14.13 4.00
N ILE C 359 27.92 -13.54 2.95
CA ILE C 359 27.29 -14.32 1.91
C ILE C 359 28.34 -15.19 1.24
N THR C 360 27.91 -16.27 0.61
CA THR C 360 28.81 -17.08 -0.20
C THR C 360 28.21 -17.58 -1.50
N ASP C 361 26.90 -17.54 -1.68
CA ASP C 361 26.27 -18.04 -2.88
C ASP C 361 24.80 -17.66 -2.85
N PHE C 362 24.19 -17.69 -4.03
CA PHE C 362 22.78 -17.38 -4.20
C PHE C 362 21.99 -18.68 -4.36
N VAL C 363 20.70 -18.60 -4.03
CA VAL C 363 19.84 -19.78 -3.99
C VAL C 363 18.50 -19.40 -4.58
N ILE C 364 18.15 -20.04 -5.68
CA ILE C 364 16.90 -19.75 -6.38
C ILE C 364 15.84 -20.73 -5.92
N ARG C 365 14.71 -20.20 -5.49
CA ARG C 365 13.60 -21.00 -5.00
C ARG C 365 12.30 -20.39 -5.49
N PRO C 366 11.24 -21.18 -5.61
CA PRO C 366 9.98 -20.63 -6.15
C PRO C 366 9.31 -19.65 -5.23
N PHE C 367 9.54 -19.74 -3.93
CA PHE C 367 8.93 -18.84 -2.96
C PHE C 367 10.00 -18.42 -1.96
N VAL C 368 9.96 -17.14 -1.61
CA VAL C 368 10.93 -16.53 -0.71
C VAL C 368 10.15 -15.70 0.30
N PHE C 369 10.61 -15.73 1.55
CA PHE C 369 9.82 -15.21 2.66
C PHE C 369 10.72 -14.98 3.86
N GLN C 370 10.47 -13.87 4.55
CA GLN C 370 11.14 -13.53 5.79
C GLN C 370 10.46 -12.29 6.35
N ALA C 371 10.47 -12.17 7.68
CA ALA C 371 9.73 -11.12 8.37
C ALA C 371 10.59 -10.24 9.24
N ASN C 372 11.58 -10.80 9.95
CA ASN C 372 12.21 -10.11 11.07
C ASN C 372 12.93 -8.83 10.67
N ARG C 373 14.02 -8.95 9.90
CA ARG C 373 14.81 -7.80 9.47
C ARG C 373 14.58 -7.46 8.00
N HIS C 374 13.47 -7.93 7.43
CA HIS C 374 13.15 -7.68 6.04
C HIS C 374 12.29 -6.43 5.94
N PHE C 375 12.76 -5.44 5.19
CA PHE C 375 12.12 -4.14 5.10
C PHE C 375 11.79 -3.85 3.64
N ASP C 376 10.69 -3.15 3.43
CA ASP C 376 10.23 -2.74 2.12
C ASP C 376 10.59 -1.29 1.87
N PHE C 377 10.10 -0.74 0.75
CA PHE C 377 10.42 0.64 0.42
C PHE C 377 9.54 1.64 1.15
N ASN C 378 8.55 1.18 1.91
CA ASN C 378 7.72 2.05 2.74
C ASN C 378 8.26 2.21 4.15
N GLN C 379 9.48 1.75 4.41
CA GLN C 379 10.13 1.89 5.71
C GLN C 379 9.35 1.17 6.81
N GLU C 380 8.64 0.10 6.42
CA GLU C 380 7.79 -0.64 7.33
C GLU C 380 8.15 -2.11 7.25
N THR C 381 7.86 -2.83 8.32
CA THR C 381 8.33 -4.21 8.47
C THR C 381 7.30 -5.02 9.23
N ALA C 382 7.18 -6.29 8.83
CA ALA C 382 6.37 -7.27 9.53
C ALA C 382 7.16 -8.01 10.59
N GLY C 383 8.28 -7.43 11.05
CA GLY C 383 9.16 -8.05 11.99
C GLY C 383 9.23 -7.29 13.29
N TRP C 384 10.29 -7.57 14.06
CA TRP C 384 10.39 -7.11 15.43
C TRP C 384 11.80 -6.65 15.80
N SER C 385 12.70 -6.49 14.83
CA SER C 385 14.09 -6.19 15.12
C SER C 385 14.61 -5.14 14.15
N THR C 386 15.61 -4.41 14.61
CA THR C 386 16.26 -3.40 13.81
C THR C 386 17.34 -4.02 12.95
N PRO C 387 17.79 -3.34 11.90
CA PRO C 387 18.80 -3.94 11.00
C PRO C 387 20.20 -3.80 11.58
N ARG C 388 20.44 -4.53 12.67
CA ARG C 388 21.74 -4.52 13.32
C ARG C 388 21.76 -5.68 14.30
N TYR C 389 22.93 -6.32 14.41
CA TYR C 389 23.11 -7.48 15.27
C TYR C 389 23.82 -7.04 16.53
N ARG C 390 23.17 -7.24 17.67
CA ARG C 390 23.78 -6.98 18.96
C ARG C 390 23.11 -7.89 19.97
N PRO C 391 23.69 -8.02 21.17
CA PRO C 391 23.16 -9.02 22.12
C PRO C 391 21.72 -8.76 22.52
N ILE C 392 21.14 -9.76 23.19
CA ILE C 392 19.72 -9.81 23.47
C ILE C 392 19.60 -9.81 25.00
N THR C 393 19.24 -8.67 25.57
CA THR C 393 19.06 -8.55 27.00
C THR C 393 17.62 -8.85 27.37
N ILE C 394 17.43 -9.74 28.35
CA ILE C 394 16.11 -10.12 28.82
C ILE C 394 16.17 -10.34 30.33
N THR C 395 15.01 -10.63 30.91
CA THR C 395 14.89 -11.02 32.30
C THR C 395 13.95 -12.21 32.37
N ILE C 396 14.24 -13.13 33.27
CA ILE C 396 13.52 -14.39 33.37
C ILE C 396 13.38 -14.76 34.83
N SER C 397 12.18 -15.19 35.22
CA SER C 397 11.76 -15.30 36.62
C SER C 397 11.22 -16.70 36.91
N GLU C 398 11.99 -17.71 36.52
CA GLU C 398 11.67 -19.09 36.86
C GLU C 398 11.53 -19.25 38.37
N LYS C 399 10.53 -20.03 38.78
CA LYS C 399 10.12 -20.09 40.18
C LYS C 399 10.76 -21.26 40.92
N ASN C 400 10.44 -22.48 40.53
CA ASN C 400 10.92 -23.69 41.21
C ASN C 400 12.10 -24.23 40.41
N GLY C 401 12.52 -25.46 40.74
CA GLY C 401 13.52 -26.12 39.93
C GLY C 401 13.00 -26.22 38.52
N ALA C 402 13.51 -25.37 37.64
CA ALA C 402 12.91 -25.13 36.33
C ALA C 402 14.04 -24.73 35.40
N LYS C 403 14.51 -25.68 34.60
CA LYS C 403 15.57 -25.39 33.66
C LYS C 403 15.08 -24.61 32.45
N LEU C 404 13.76 -24.40 32.31
CA LEU C 404 13.19 -23.65 31.21
C LEU C 404 12.13 -22.70 31.74
N GLY C 405 11.95 -21.60 31.02
CA GLY C 405 10.99 -20.58 31.41
C GLY C 405 10.75 -19.64 30.25
N ILE C 406 9.96 -18.61 30.52
CA ILE C 406 9.61 -17.59 29.55
C ILE C 406 10.31 -16.29 29.91
N GLY C 407 10.99 -15.70 28.94
CA GLY C 407 11.69 -14.45 29.12
C GLY C 407 10.86 -13.28 28.59
N VAL C 408 11.11 -12.11 29.15
CA VAL C 408 10.37 -10.89 28.81
C VAL C 408 11.36 -9.89 28.21
N ALA C 409 10.85 -9.10 27.27
CA ALA C 409 11.67 -8.13 26.58
C ALA C 409 12.18 -7.06 27.54
N THR C 410 13.37 -6.54 27.22
CA THR C 410 13.96 -5.42 27.93
C THR C 410 14.31 -4.32 26.94
N ASP C 411 14.71 -4.71 25.75
CA ASP C 411 14.95 -3.81 24.63
C ASP C 411 14.07 -4.28 23.49
N TYR C 412 13.31 -3.36 22.90
CA TYR C 412 12.33 -3.77 21.91
C TYR C 412 11.85 -2.57 21.11
N ILE C 413 11.38 -2.85 19.91
CA ILE C 413 10.68 -1.87 19.07
C ILE C 413 9.20 -2.24 19.03
N VAL C 414 8.91 -3.53 19.13
CA VAL C 414 7.56 -4.05 19.24
C VAL C 414 7.35 -4.49 20.69
N PRO C 415 6.27 -4.09 21.36
CA PRO C 415 6.07 -4.54 22.75
C PRO C 415 6.00 -6.05 22.86
N GLY C 416 6.82 -6.59 23.75
CA GLY C 416 6.79 -8.00 24.12
C GLY C 416 7.96 -8.78 23.58
N ILE C 417 8.36 -8.48 22.35
CA ILE C 417 9.36 -9.26 21.64
C ILE C 417 10.70 -8.55 21.79
N PRO C 418 11.80 -9.26 22.08
CA PRO C 418 13.10 -8.60 22.10
C PRO C 418 13.60 -8.29 20.70
N ASP C 419 14.44 -7.26 20.61
CA ASP C 419 15.11 -6.91 19.37
C ASP C 419 16.28 -7.85 19.18
N GLY C 420 16.30 -8.54 18.04
CA GLY C 420 17.31 -9.53 17.76
C GLY C 420 16.92 -10.95 18.06
N TRP C 421 15.66 -11.19 18.35
CA TRP C 421 15.22 -12.54 18.67
C TRP C 421 15.10 -13.35 17.37
N PRO C 422 15.55 -14.60 17.34
CA PRO C 422 15.64 -15.29 16.06
C PRO C 422 14.30 -15.77 15.54
N ASP C 423 14.18 -15.77 14.21
CA ASP C 423 12.91 -16.02 13.52
C ASP C 423 12.83 -17.44 12.99
N THR C 424 12.89 -18.41 13.89
CA THR C 424 12.69 -19.81 13.50
C THR C 424 12.29 -20.61 14.72
N THR C 425 11.41 -21.59 14.50
CA THR C 425 10.86 -22.42 15.56
C THR C 425 11.57 -23.76 15.60
N ILE C 426 11.05 -24.65 16.43
CA ILE C 426 11.49 -26.03 16.54
C ILE C 426 10.63 -26.91 15.62
N PRO C 427 11.05 -28.13 15.30
CA PRO C 427 10.20 -28.97 14.44
C PRO C 427 9.06 -29.63 15.17
N GLU C 428 9.30 -30.02 16.43
CA GLU C 428 8.44 -30.94 17.14
C GLU C 428 8.30 -30.51 18.59
N LYS C 429 7.31 -31.09 19.26
CA LYS C 429 7.18 -30.98 20.70
C LYS C 429 8.21 -31.89 21.35
N LEU C 430 8.98 -31.35 22.29
CA LEU C 430 10.00 -32.14 22.94
C LEU C 430 10.41 -31.45 24.23
N THR C 431 10.96 -32.24 25.16
CA THR C 431 11.38 -31.76 26.47
C THR C 431 12.89 -31.61 26.47
N PRO C 432 13.45 -30.40 26.53
CA PRO C 432 14.89 -30.27 26.69
C PRO C 432 15.34 -30.72 28.07
N ALA C 433 16.05 -31.85 28.13
CA ALA C 433 16.52 -32.39 29.42
C ALA C 433 17.93 -32.95 29.39
N GLY C 434 18.48 -33.32 28.23
CA GLY C 434 19.68 -34.14 28.18
C GLY C 434 20.82 -33.60 27.38
N ASP C 435 21.45 -34.48 26.60
CA ASP C 435 22.66 -34.21 25.85
C ASP C 435 22.36 -34.31 24.35
N TYR C 436 23.42 -34.16 23.56
CA TYR C 436 23.30 -34.31 22.12
C TYR C 436 23.23 -35.78 21.73
N ALA C 437 22.72 -36.02 20.52
CA ALA C 437 22.64 -37.36 19.96
C ALA C 437 22.28 -37.32 18.49
N ILE C 438 23.03 -38.05 17.67
CA ILE C 438 22.77 -38.18 16.24
C ILE C 438 23.07 -39.61 15.84
N THR C 439 22.51 -40.04 14.70
CA THR C 439 22.72 -41.38 14.20
C THR C 439 22.73 -41.36 12.68
N ASN C 440 23.32 -42.41 12.11
CA ASN C 440 23.48 -42.54 10.66
C ASN C 440 22.40 -43.47 10.10
N LYS C 441 21.15 -43.10 10.35
CA LYS C 441 19.98 -43.72 9.70
C LYS C 441 19.70 -45.14 10.17
N SER C 442 20.57 -45.70 11.02
CA SER C 442 20.45 -47.08 11.48
C SER C 442 20.91 -47.24 12.91
N GLY C 443 20.87 -46.16 13.70
CA GLY C 443 21.27 -46.19 15.08
C GLY C 443 22.76 -46.03 15.31
N ASN C 444 23.55 -46.06 14.25
CA ASN C 444 25.00 -45.90 14.38
C ASN C 444 25.32 -44.46 14.77
N ASP C 445 25.66 -44.24 16.04
CA ASP C 445 25.99 -42.89 16.47
C ASP C 445 27.26 -42.40 15.80
N ILE C 446 27.34 -41.08 15.63
CA ILE C 446 28.43 -40.42 14.94
C ILE C 446 29.23 -39.63 15.97
N THR C 447 30.54 -39.88 16.02
CA THR C 447 31.44 -39.21 16.94
C THR C 447 32.72 -38.75 16.23
N THR C 448 32.69 -38.61 14.91
CA THR C 448 33.88 -38.33 14.13
C THR C 448 33.45 -37.74 12.80
N ALA C 449 34.39 -37.06 12.15
CA ALA C 449 34.08 -36.40 10.89
C ALA C 449 33.84 -37.40 9.77
N ALA C 450 34.49 -38.56 9.82
CA ALA C 450 34.27 -39.56 8.80
C ALA C 450 32.84 -40.09 8.83
N GLY C 451 32.21 -40.08 9.99
CA GLY C 451 30.84 -40.55 10.12
C GLY C 451 29.85 -39.51 9.68
N TYR C 452 30.08 -38.26 10.09
CA TYR C 452 29.18 -37.17 9.74
C TYR C 452 29.19 -36.93 8.24
N ASP C 453 30.38 -36.68 7.68
CA ASP C 453 30.50 -36.47 6.25
C ASP C 453 30.19 -37.75 5.48
N GLY C 454 30.52 -38.90 6.06
CA GLY C 454 30.22 -40.17 5.42
C GLY C 454 28.76 -40.54 5.46
N ALA C 455 27.97 -39.90 6.32
CA ALA C 455 26.56 -40.18 6.41
C ALA C 455 25.81 -39.56 5.24
N ASP C 456 24.66 -40.14 4.94
CA ASP C 456 23.73 -39.63 3.94
C ASP C 456 22.61 -38.81 4.57
N VAL C 457 22.14 -39.21 5.74
CA VAL C 457 21.12 -38.47 6.49
C VAL C 457 21.38 -38.68 7.97
N ILE C 458 20.76 -37.83 8.78
CA ILE C 458 20.92 -37.87 10.23
C ILE C 458 19.54 -37.84 10.87
N VAL C 459 19.39 -38.58 11.96
CA VAL C 459 18.14 -38.64 12.69
C VAL C 459 18.04 -37.51 13.70
N ASN C 460 19.11 -37.25 14.44
CA ASN C 460 19.16 -36.20 15.45
C ASN C 460 18.10 -36.41 16.54
N ASN C 461 18.32 -37.46 17.32
CA ASN C 461 17.48 -37.76 18.49
C ASN C 461 17.73 -36.81 19.66
N THR C 462 18.53 -35.76 19.50
CA THR C 462 18.76 -34.78 20.56
C THR C 462 17.44 -34.17 21.03
N ASN C 463 17.39 -33.85 22.33
CA ASN C 463 16.19 -33.38 22.99
C ASN C 463 16.03 -31.85 22.97
N PHE C 464 16.98 -31.12 22.40
CA PHE C 464 16.93 -29.65 22.30
C PHE C 464 17.28 -29.21 20.88
N LYS C 465 16.59 -29.82 19.91
CA LYS C 465 16.99 -29.80 18.51
C LYS C 465 17.17 -28.43 17.88
N GLY C 466 16.07 -27.70 17.67
CA GLY C 466 16.10 -26.53 16.80
C GLY C 466 16.26 -25.19 17.48
N MET C 467 17.33 -24.99 18.25
CA MET C 467 17.50 -23.80 19.07
C MET C 467 18.90 -23.22 18.88
N TYR C 468 19.18 -22.14 19.61
CA TYR C 468 20.37 -21.32 19.43
C TYR C 468 21.13 -21.20 20.75
N ILE C 469 22.45 -21.32 20.70
CA ILE C 469 23.23 -21.63 21.90
C ILE C 469 23.36 -20.44 22.84
N CYS C 470 23.69 -19.26 22.33
CA CYS C 470 23.47 -18.03 23.11
C CYS C 470 24.13 -17.94 24.49
N GLY C 471 25.44 -17.68 24.53
CA GLY C 471 26.30 -17.77 25.70
C GLY C 471 25.78 -17.42 27.09
N SER C 472 24.91 -16.42 27.25
CA SER C 472 24.18 -16.23 28.51
C SER C 472 25.01 -15.93 29.75
N LEU C 473 25.54 -14.71 29.87
CA LEU C 473 26.16 -14.24 31.11
C LEU C 473 25.41 -14.66 32.38
N GLN C 474 24.09 -14.46 32.42
CA GLN C 474 23.22 -15.00 33.47
C GLN C 474 23.62 -14.53 34.86
N ARG C 475 23.41 -13.24 35.08
CA ARG C 475 23.60 -12.65 36.40
C ARG C 475 22.33 -12.74 37.23
N ALA C 476 22.50 -12.69 38.55
CA ALA C 476 21.39 -12.58 39.49
C ALA C 476 21.97 -12.29 40.87
N TRP C 477 21.10 -11.97 41.81
CA TRP C 477 21.50 -11.73 43.19
C TRP C 477 21.43 -13.04 43.94
N GLY C 478 22.60 -13.55 44.33
CA GLY C 478 22.70 -14.78 45.09
C GLY C 478 23.02 -16.02 44.29
N ASP C 479 23.23 -15.89 42.97
CA ASP C 479 23.57 -17.02 42.12
C ASP C 479 25.07 -16.96 41.87
N LYS C 480 25.83 -17.46 42.84
CA LYS C 480 27.28 -17.49 42.78
C LYS C 480 27.82 -18.51 41.78
N LYS C 481 26.97 -19.33 41.20
CA LYS C 481 27.44 -20.36 40.28
C LYS C 481 27.66 -19.75 38.91
N ILE C 482 28.67 -20.25 38.21
CA ILE C 482 28.95 -19.75 36.87
C ILE C 482 27.77 -20.05 35.94
N SER C 483 27.68 -19.26 34.89
CA SER C 483 26.54 -19.31 34.00
C SER C 483 26.61 -20.54 33.11
N ASN C 484 25.50 -20.80 32.42
CA ASN C 484 25.35 -21.93 31.55
C ASN C 484 24.63 -21.47 30.30
N THR C 485 25.03 -22.00 29.15
CA THR C 485 24.49 -21.56 27.88
C THR C 485 22.99 -21.83 27.81
N ALA C 486 22.36 -21.19 26.84
CA ALA C 486 20.91 -21.18 26.67
C ALA C 486 20.51 -21.86 25.37
N PHE C 487 19.20 -22.03 25.20
CA PHE C 487 18.65 -22.58 23.97
C PHE C 487 17.29 -21.94 23.77
N ILE C 488 17.15 -21.17 22.70
CA ILE C 488 16.02 -20.26 22.54
C ILE C 488 15.28 -20.52 21.23
N THR C 489 13.98 -20.31 21.28
CA THR C 489 13.07 -20.35 20.14
C THR C 489 11.77 -19.70 20.57
N THR C 490 10.92 -19.44 19.59
CA THR C 490 9.52 -19.14 19.88
C THR C 490 8.76 -20.44 20.04
N ALA C 491 8.09 -20.59 21.17
CA ALA C 491 7.37 -21.81 21.47
C ALA C 491 6.53 -21.58 22.72
N THR C 492 5.52 -22.41 22.89
CA THR C 492 4.68 -22.38 24.08
C THR C 492 5.43 -23.10 25.19
N LYS C 493 4.78 -23.28 26.33
CA LYS C 493 5.35 -24.04 27.44
C LYS C 493 4.22 -24.63 28.24
N VAL C 494 4.27 -25.94 28.49
CA VAL C 494 3.37 -26.58 29.44
C VAL C 494 4.18 -27.37 30.45
N ASP C 495 4.70 -26.68 31.47
CA ASP C 495 5.19 -27.22 32.73
C ASP C 495 6.46 -28.08 32.65
N ASN C 496 6.80 -28.61 31.48
CA ASN C 496 8.10 -29.24 31.25
C ASN C 496 8.65 -29.03 29.85
N ALA C 497 7.82 -28.74 28.86
CA ALA C 497 8.14 -28.90 27.45
C ALA C 497 7.89 -27.59 26.70
N ILE C 498 7.97 -27.67 25.38
CA ILE C 498 7.70 -26.56 24.48
C ILE C 498 7.18 -27.13 23.18
N GLU C 499 6.15 -26.47 22.62
CA GLU C 499 5.56 -26.88 21.36
C GLU C 499 5.87 -25.85 20.27
N PRO C 500 6.03 -26.28 19.01
CA PRO C 500 6.35 -25.29 17.97
C PRO C 500 5.20 -24.36 17.65
N SER C 501 5.34 -23.10 18.03
CA SER C 501 4.36 -22.05 17.73
C SER C 501 5.07 -20.96 16.96
N ASN C 502 4.74 -20.81 15.69
CA ASN C 502 5.42 -19.88 14.79
C ASN C 502 4.78 -18.51 14.75
N VAL C 503 4.10 -18.10 15.82
CA VAL C 503 3.52 -16.78 15.93
C VAL C 503 4.06 -16.19 17.24
N ILE C 504 5.01 -15.27 17.11
CA ILE C 504 5.73 -14.74 18.25
C ILE C 504 4.84 -13.74 19.00
N ASP C 505 4.99 -13.73 20.32
CA ASP C 505 4.19 -12.93 21.22
C ASP C 505 5.04 -12.60 22.44
N MET C 506 4.43 -12.01 23.46
CA MET C 506 5.08 -11.82 24.74
C MET C 506 5.29 -13.13 25.48
N THR C 507 4.55 -14.19 25.10
CA THR C 507 4.59 -15.48 25.76
C THR C 507 5.27 -16.56 24.94
N LYS C 508 5.91 -16.20 23.83
CA LYS C 508 6.53 -17.15 22.91
C LYS C 508 8.02 -16.85 22.89
N ILE C 509 8.60 -16.71 24.08
CA ILE C 509 10.00 -16.33 24.24
C ILE C 509 10.57 -17.38 25.19
N ALA C 510 11.08 -18.47 24.63
CA ALA C 510 11.51 -19.62 25.39
C ALA C 510 13.01 -19.59 25.63
N VAL C 511 13.41 -20.10 26.79
CA VAL C 511 14.81 -20.17 27.19
C VAL C 511 15.01 -21.46 27.95
N TYR C 512 16.20 -22.05 27.81
CA TYR C 512 16.58 -23.27 28.53
C TYR C 512 18.07 -23.12 28.87
N GLN C 513 18.36 -22.60 30.08
CA GLN C 513 19.74 -22.30 30.44
C GLN C 513 20.14 -22.63 31.87
N ASP C 514 19.26 -23.20 32.69
CA ASP C 514 19.62 -23.62 34.05
C ASP C 514 20.11 -22.44 34.88
N THR C 515 19.18 -21.53 35.18
CA THR C 515 19.53 -20.38 36.01
C THR C 515 19.49 -20.67 37.51
N HIS C 516 20.10 -21.79 37.88
CA HIS C 516 20.22 -22.24 39.28
C HIS C 516 19.12 -21.72 40.19
N VAL C 517 17.93 -22.27 39.99
CA VAL C 517 16.75 -21.92 40.77
C VAL C 517 16.45 -23.05 41.73
N GLY C 518 16.14 -22.72 42.98
CA GLY C 518 15.55 -23.68 43.89
C GLY C 518 14.37 -23.14 44.66
N LYS C 519 13.17 -23.64 44.35
CA LYS C 519 11.92 -23.37 45.06
C LYS C 519 11.71 -21.92 45.48
N GLU C 520 12.24 -20.98 44.71
CA GLU C 520 12.11 -19.57 45.04
C GLU C 520 12.23 -18.76 43.75
N VAL C 521 11.41 -17.72 43.65
CA VAL C 521 11.53 -16.80 42.53
C VAL C 521 12.88 -16.11 42.59
N GLN C 522 13.53 -15.99 41.44
CA GLN C 522 14.88 -15.46 41.34
C GLN C 522 14.96 -14.18 40.53
N THR C 523 14.35 -14.16 39.34
CA THR C 523 14.34 -13.00 38.46
C THR C 523 15.76 -12.59 38.07
N SER C 524 16.38 -13.48 37.30
CA SER C 524 17.70 -13.22 36.76
C SER C 524 17.65 -12.31 35.55
N ASP C 525 18.70 -11.53 35.36
CA ASP C 525 18.93 -10.77 34.15
C ASP C 525 19.93 -11.52 33.29
N ASP C 526 19.71 -11.49 31.98
CA ASP C 526 20.48 -12.32 31.07
C ASP C 526 20.69 -11.59 29.75
N THR C 527 21.90 -11.71 29.22
CA THR C 527 22.28 -11.17 27.92
C THR C 527 22.78 -12.30 27.06
N LEU C 528 22.33 -12.34 25.82
CA LEU C 528 22.49 -13.49 24.94
C LEU C 528 23.00 -13.02 23.60
N SER C 529 23.91 -13.81 23.01
CA SER C 529 24.51 -13.50 21.73
C SER C 529 24.50 -14.75 20.87
N LEU C 530 23.79 -14.68 19.76
CA LEU C 530 23.65 -15.82 18.84
C LEU C 530 25.01 -16.29 18.38
N LEU C 531 25.28 -17.58 18.58
CA LEU C 531 26.52 -18.22 18.14
C LEU C 531 26.28 -19.34 17.15
N GLY C 532 25.41 -20.29 17.48
CA GLY C 532 25.19 -21.45 16.64
C GLY C 532 23.77 -21.96 16.66
N TYR C 533 23.56 -23.15 16.09
CA TYR C 533 22.24 -23.71 15.86
C TYR C 533 22.31 -25.20 16.08
N THR C 534 21.49 -25.72 16.99
CA THR C 534 21.56 -27.11 17.39
C THR C 534 20.91 -28.06 16.39
N GLY C 535 20.19 -27.54 15.40
CA GLY C 535 19.43 -28.41 14.51
C GLY C 535 20.30 -29.11 13.49
N ILE C 536 21.09 -30.08 13.96
CA ILE C 536 21.97 -30.80 13.07
C ILE C 536 21.16 -31.70 12.14
N GLY C 537 21.59 -31.78 10.88
CA GLY C 537 20.94 -32.61 9.90
C GLY C 537 19.76 -31.99 9.20
N GLU C 538 19.19 -30.93 9.75
CA GLU C 538 18.06 -30.27 9.13
C GLU C 538 18.48 -29.60 7.82
N GLN C 539 17.48 -29.14 7.07
CA GLN C 539 17.72 -28.39 5.86
C GLN C 539 18.12 -26.96 6.22
N ALA C 540 18.39 -26.16 5.20
CA ALA C 540 18.82 -24.79 5.41
C ALA C 540 17.74 -23.99 6.11
N ILE C 541 18.17 -23.09 6.99
CA ILE C 541 17.23 -22.28 7.76
C ILE C 541 16.51 -21.34 6.81
N GLY C 542 15.22 -21.16 7.06
CA GLY C 542 14.38 -20.36 6.21
C GLY C 542 13.78 -21.10 5.03
N SER C 543 13.87 -22.42 5.01
CA SER C 543 13.36 -23.23 3.93
C SER C 543 11.95 -23.76 4.18
N ASP C 544 11.38 -23.53 5.38
CA ASP C 544 10.06 -24.02 5.73
C ASP C 544 9.28 -22.90 6.40
N ARG C 545 8.22 -22.44 5.74
CA ARG C 545 7.39 -21.36 6.27
C ARG C 545 6.76 -21.75 7.60
N ASP C 546 6.34 -23.01 7.73
CA ASP C 546 5.70 -23.47 8.94
C ASP C 546 6.61 -23.35 10.16
N ARG C 547 7.93 -23.31 9.95
CA ARG C 547 8.88 -23.11 11.02
C ARG C 547 9.37 -21.68 11.14
N VAL C 548 9.20 -20.87 10.10
CA VAL C 548 9.62 -19.47 10.14
C VAL C 548 8.59 -18.65 10.88
N VAL C 549 9.07 -17.67 11.62
CA VAL C 549 8.27 -16.96 12.60
C VAL C 549 7.77 -15.65 11.99
N ARG C 550 6.57 -15.28 12.38
CA ARG C 550 5.95 -14.02 12.01
C ARG C 550 5.15 -13.50 13.19
N ILE C 551 4.69 -12.27 13.06
CA ILE C 551 3.78 -11.70 14.04
C ILE C 551 2.34 -11.95 13.58
N SER C 552 1.98 -11.39 12.44
CA SER C 552 0.70 -11.64 11.81
C SER C 552 0.83 -11.98 10.33
N VAL C 553 1.71 -11.30 9.61
CA VAL C 553 1.80 -11.39 8.16
C VAL C 553 3.22 -11.75 7.79
N LEU C 554 3.36 -12.78 6.97
CA LEU C 554 4.64 -13.17 6.43
C LEU C 554 4.79 -12.58 5.05
N PRO C 555 5.72 -11.66 4.81
CA PRO C 555 5.97 -11.23 3.43
C PRO C 555 6.47 -12.39 2.59
N GLU C 556 5.98 -12.46 1.36
CA GLU C 556 6.28 -13.60 0.51
C GLU C 556 6.03 -13.23 -0.94
N THR C 557 6.87 -13.77 -1.82
CA THR C 557 6.77 -13.56 -3.25
C THR C 557 6.87 -14.88 -3.98
N GLY C 558 6.53 -14.83 -5.26
CA GLY C 558 6.80 -15.90 -6.19
C GLY C 558 7.53 -15.36 -7.40
N ALA C 559 7.37 -16.01 -8.53
CA ALA C 559 8.06 -15.60 -9.75
C ALA C 559 7.30 -14.45 -10.39
N ARG C 560 7.85 -13.25 -10.26
CA ARG C 560 7.33 -12.11 -10.99
C ARG C 560 7.91 -12.10 -12.39
N GLY C 561 7.07 -11.85 -13.38
CA GLY C 561 7.48 -12.09 -14.75
C GLY C 561 7.84 -13.55 -14.90
N GLY C 562 8.98 -13.79 -15.57
CA GLY C 562 9.61 -15.09 -15.55
C GLY C 562 10.93 -15.02 -14.83
N ASN C 563 10.95 -14.22 -13.76
CA ASN C 563 12.14 -13.96 -12.97
C ASN C 563 11.96 -14.60 -11.61
N HIS C 564 12.89 -15.44 -11.24
CA HIS C 564 12.74 -16.26 -10.05
C HIS C 564 13.28 -15.52 -8.83
N PRO C 565 12.64 -15.63 -7.67
CA PRO C 565 13.21 -15.04 -6.46
C PRO C 565 14.52 -15.70 -6.08
N ILE C 566 15.18 -15.14 -5.09
CA ILE C 566 16.42 -15.69 -4.57
C ILE C 566 16.48 -15.46 -3.07
N PHE C 567 17.02 -16.45 -2.37
CA PHE C 567 17.58 -16.22 -1.05
C PHE C 567 19.05 -15.90 -1.19
N TYR C 568 19.57 -15.18 -0.21
CA TYR C 568 21.00 -15.00 -0.04
C TYR C 568 21.47 -15.99 1.00
N LYS C 569 22.57 -16.67 0.74
CA LYS C 569 22.98 -17.80 1.55
C LYS C 569 24.15 -17.43 2.46
N ASN C 570 23.98 -17.71 3.74
CA ASN C 570 25.00 -17.68 4.76
C ASN C 570 25.18 -19.10 5.29
N SER C 571 26.03 -19.23 6.29
CA SER C 571 26.16 -20.45 7.06
C SER C 571 26.21 -20.07 8.53
N ILE C 572 25.75 -20.97 9.38
CA ILE C 572 25.74 -20.76 10.82
C ILE C 572 26.35 -21.97 11.51
N LYS C 573 27.03 -21.70 12.61
CA LYS C 573 27.68 -22.72 13.42
C LYS C 573 26.67 -23.75 13.92
N LEU C 574 27.17 -24.94 14.21
CA LEU C 574 26.40 -26.04 14.79
C LEU C 574 26.88 -26.31 16.23
N GLY C 575 26.24 -27.28 16.88
CA GLY C 575 26.41 -27.49 18.29
C GLY C 575 27.76 -28.03 18.74
N TYR C 576 28.05 -29.29 18.39
CA TYR C 576 29.31 -29.93 18.74
C TYR C 576 30.04 -30.51 17.54
N VAL C 577 29.40 -30.55 16.41
CA VAL C 577 30.02 -30.91 15.15
C VAL C 577 30.84 -29.71 14.70
N ILE C 578 31.94 -29.96 13.99
CA ILE C 578 32.87 -28.90 13.57
C ILE C 578 32.58 -28.52 12.12
N ARG C 579 31.32 -28.68 11.74
CA ARG C 579 30.78 -28.28 10.45
C ARG C 579 29.77 -27.17 10.70
N SER C 580 29.10 -26.74 9.65
CA SER C 580 28.11 -25.68 9.74
C SER C 580 26.90 -26.06 8.89
N ILE C 581 25.88 -25.21 8.95
CA ILE C 581 24.63 -25.42 8.25
C ILE C 581 24.25 -24.15 7.51
N ASP C 582 23.62 -24.31 6.35
CA ASP C 582 23.30 -23.17 5.51
C ASP C 582 22.17 -22.35 6.14
N VAL C 583 22.11 -21.09 5.72
CA VAL C 583 21.18 -20.12 6.27
C VAL C 583 20.74 -19.22 5.12
N PHE C 584 19.42 -19.08 4.97
CA PHE C 584 18.86 -18.29 3.89
C PHE C 584 18.41 -16.93 4.40
N ASN C 585 18.45 -15.95 3.50
CA ASN C 585 18.26 -14.55 3.83
C ASN C 585 17.51 -13.88 2.69
N SER C 586 16.50 -13.10 3.06
CA SER C 586 15.73 -12.36 2.06
C SER C 586 16.47 -11.15 1.54
N GLN C 587 17.33 -10.56 2.37
CA GLN C 587 18.05 -9.34 2.03
C GLN C 587 19.49 -9.44 2.51
N ILE C 588 20.29 -8.57 1.98
CA ILE C 588 21.57 -8.21 2.58
C ILE C 588 21.29 -7.13 3.61
N LEU C 589 22.09 -7.09 4.66
CA LEU C 589 21.76 -6.20 5.77
C LEU C 589 21.92 -4.74 5.38
N HIS C 590 22.84 -4.46 4.45
CA HIS C 590 22.96 -3.11 3.92
C HIS C 590 21.70 -2.70 3.18
N THR C 591 21.01 -3.67 2.57
CA THR C 591 19.76 -3.37 1.87
C THR C 591 18.67 -3.06 2.87
N SER C 592 18.62 -3.81 3.97
CA SER C 592 17.65 -3.55 5.02
C SER C 592 17.91 -2.21 5.68
N ARG C 593 19.18 -1.94 6.00
CA ARG C 593 19.52 -0.71 6.71
C ARG C 593 19.11 0.52 5.90
N GLN C 594 19.39 0.51 4.61
CA GLN C 594 19.08 1.68 3.79
C GLN C 594 17.58 1.88 3.62
N LEU C 595 16.82 0.79 3.60
CA LEU C 595 15.38 0.88 3.45
C LEU C 595 14.65 1.20 4.75
N SER C 596 15.34 1.18 5.88
CA SER C 596 14.74 1.61 7.13
C SER C 596 14.87 3.11 7.32
N LEU C 597 15.89 3.73 6.74
CA LEU C 597 16.25 5.11 7.00
C LEU C 597 15.88 6.01 5.85
N ASN C 598 16.22 5.60 4.62
CA ASN C 598 16.06 6.41 3.44
C ASN C 598 14.76 6.07 2.75
N HIS C 599 14.22 7.06 2.06
CA HIS C 599 12.94 6.96 1.37
C HIS C 599 13.19 6.88 -0.12
N TYR C 600 12.58 5.90 -0.77
CA TYR C 600 12.79 5.64 -2.18
C TYR C 600 11.44 5.43 -2.85
N LEU C 601 11.41 5.77 -4.13
CA LEU C 601 10.25 5.55 -4.98
C LEU C 601 10.49 4.34 -5.87
N LEU C 602 9.54 3.43 -5.88
CA LEU C 602 9.55 2.35 -6.84
C LEU C 602 8.12 1.81 -6.90
N PRO C 603 7.45 1.82 -8.05
CA PRO C 603 6.09 1.28 -8.07
C PRO C 603 6.12 -0.22 -7.89
N PRO C 604 4.97 -0.85 -7.63
CA PRO C 604 4.97 -2.30 -7.40
C PRO C 604 5.15 -3.13 -8.66
N ASP C 605 5.37 -2.52 -9.82
CA ASP C 605 5.56 -3.24 -11.07
C ASP C 605 7.00 -3.26 -11.57
N SER C 606 7.93 -2.58 -10.88
CA SER C 606 9.28 -2.38 -11.37
C SER C 606 10.29 -2.97 -10.39
N PHE C 607 11.54 -3.00 -10.84
CA PHE C 607 12.67 -3.47 -10.08
C PHE C 607 13.77 -2.43 -10.12
N ALA C 608 14.57 -2.39 -9.06
CA ALA C 608 15.82 -1.65 -9.04
C ALA C 608 16.93 -2.63 -9.33
N VAL C 609 17.56 -2.47 -10.47
CA VAL C 609 18.42 -3.49 -11.06
C VAL C 609 19.86 -3.25 -10.65
N TYR C 610 20.57 -4.35 -10.39
CA TYR C 610 21.97 -4.33 -10.01
C TYR C 610 22.67 -5.44 -10.77
N ARG C 611 23.62 -5.06 -11.61
CA ARG C 611 24.36 -6.02 -12.42
C ARG C 611 25.51 -6.57 -11.60
N ILE C 612 25.49 -7.86 -11.39
CA ILE C 612 26.55 -8.58 -10.69
C ILE C 612 27.56 -9.03 -11.72
N ILE C 613 28.85 -8.87 -11.42
CA ILE C 613 29.92 -9.32 -12.29
C ILE C 613 30.95 -10.04 -11.42
N ASP C 614 31.20 -11.31 -11.73
CA ASP C 614 32.22 -12.08 -11.01
C ASP C 614 33.61 -11.75 -11.55
N SER C 615 34.60 -12.56 -11.15
CA SER C 615 35.97 -12.31 -11.53
C SER C 615 36.27 -12.70 -12.97
N ASN C 616 35.66 -13.77 -13.48
CA ASN C 616 35.87 -14.18 -14.86
C ASN C 616 35.13 -13.31 -15.86
N GLY C 617 34.08 -12.61 -15.43
CA GLY C 617 33.25 -11.81 -16.31
C GLY C 617 31.85 -12.35 -16.52
N SER C 618 31.52 -13.50 -15.94
CA SER C 618 30.15 -13.97 -15.94
C SER C 618 29.31 -13.03 -15.10
N TRP C 619 28.20 -12.57 -15.66
CA TRP C 619 27.38 -11.55 -15.02
C TRP C 619 25.90 -11.92 -15.05
N PHE C 620 25.15 -11.23 -14.21
CA PHE C 620 23.70 -11.38 -14.13
C PHE C 620 23.14 -10.21 -13.35
N ASP C 621 21.85 -9.97 -13.53
CA ASP C 621 21.17 -8.81 -12.98
C ASP C 621 20.21 -9.27 -11.90
N ILE C 622 20.38 -8.72 -10.70
CA ILE C 622 19.42 -8.87 -9.61
C ILE C 622 18.49 -7.67 -9.64
N GLY C 623 17.21 -7.92 -9.36
CA GLY C 623 16.21 -6.87 -9.29
C GLY C 623 15.47 -6.90 -7.98
N ILE C 624 15.54 -5.79 -7.25
CA ILE C 624 14.94 -5.69 -5.92
C ILE C 624 13.52 -5.17 -6.07
N ASP C 625 12.64 -5.68 -5.22
CA ASP C 625 11.22 -5.45 -5.31
C ASP C 625 10.82 -4.25 -4.45
N SER C 626 9.62 -3.74 -4.70
CA SER C 626 9.01 -2.78 -3.78
C SER C 626 8.77 -3.42 -2.42
N ASP C 627 8.57 -4.73 -2.43
CA ASP C 627 8.34 -5.53 -1.24
C ASP C 627 9.65 -5.80 -0.51
N GLY C 628 10.76 -5.57 -1.19
CA GLY C 628 12.09 -5.75 -0.63
C GLY C 628 12.80 -7.01 -1.04
N PHE C 629 12.15 -7.88 -1.78
CA PHE C 629 12.73 -9.16 -2.17
C PHE C 629 13.53 -9.02 -3.45
N SER C 630 14.41 -9.98 -3.67
CA SER C 630 15.33 -9.98 -4.79
C SER C 630 14.99 -11.10 -5.76
N PHE C 631 15.35 -10.87 -7.03
CA PHE C 631 14.97 -11.74 -8.12
C PHE C 631 16.17 -11.95 -9.04
N VAL C 632 16.00 -12.88 -9.97
CA VAL C 632 17.05 -13.19 -10.94
C VAL C 632 16.38 -13.81 -12.15
N GLY C 633 16.95 -13.56 -13.32
CA GLY C 633 16.32 -13.92 -14.58
C GLY C 633 16.82 -15.21 -15.20
N VAL C 634 17.00 -16.24 -14.38
CA VAL C 634 17.53 -17.51 -14.86
C VAL C 634 17.27 -18.55 -13.78
N SER C 635 17.14 -19.81 -14.21
CA SER C 635 16.75 -20.86 -13.28
C SER C 635 17.90 -21.26 -12.37
N SER C 636 19.13 -21.15 -12.85
CA SER C 636 20.30 -21.55 -12.06
C SER C 636 21.45 -20.64 -12.41
N ILE C 637 22.15 -20.17 -11.38
CA ILE C 637 23.33 -19.34 -11.54
C ILE C 637 24.59 -20.19 -11.67
N GLY C 638 24.68 -21.25 -10.88
CA GLY C 638 25.87 -22.09 -10.87
C GLY C 638 26.89 -21.60 -9.87
N LYS C 639 28.16 -21.90 -10.14
CA LYS C 639 29.27 -21.48 -9.29
C LYS C 639 30.00 -20.32 -9.93
N LEU C 640 30.63 -19.50 -9.11
CA LEU C 640 31.23 -18.27 -9.58
C LEU C 640 32.17 -17.71 -8.53
N GLU C 641 33.19 -17.01 -9.01
CA GLU C 641 34.22 -16.39 -8.18
C GLU C 641 33.51 -15.43 -7.27
N PHE C 642 33.81 -15.41 -5.98
CA PHE C 642 33.08 -14.48 -5.14
C PHE C 642 33.65 -13.08 -4.94
N PRO C 643 34.95 -12.87 -5.21
CA PRO C 643 35.34 -11.47 -5.13
C PRO C 643 34.62 -10.82 -6.30
N LEU C 644 33.34 -10.52 -6.09
CA LEU C 644 32.53 -9.95 -7.15
C LEU C 644 31.95 -8.61 -6.70
N THR C 645 31.25 -7.97 -7.62
CA THR C 645 30.83 -6.58 -7.50
C THR C 645 29.37 -6.46 -7.88
N ALA C 646 28.84 -5.25 -7.74
CA ALA C 646 27.45 -4.95 -8.03
C ALA C 646 27.33 -3.49 -8.43
N SER C 647 26.74 -3.25 -9.59
CA SER C 647 26.58 -1.91 -10.13
C SER C 647 25.13 -1.68 -10.49
N TYR C 648 24.64 -0.49 -10.15
CA TYR C 648 23.26 -0.12 -10.43
C TYR C 648 23.12 0.25 -11.89
N MET C 649 22.26 -0.47 -12.60
CA MET C 649 22.00 -0.23 -14.00
C MET C 649 20.80 0.68 -14.22
N GLY C 650 19.72 0.43 -13.51
CA GLY C 650 18.60 1.33 -13.53
C GLY C 650 17.33 0.64 -13.07
N ILE C 651 16.24 1.33 -13.28
CA ILE C 651 14.92 0.80 -12.96
C ILE C 651 14.43 0.00 -14.16
N GLN C 652 13.77 -1.12 -13.89
CA GLN C 652 13.34 -2.04 -14.93
C GLN C 652 12.02 -2.66 -14.52
N LEU C 653 11.11 -2.72 -15.48
CA LEU C 653 9.82 -3.36 -15.27
C LEU C 653 10.02 -4.83 -14.98
N ALA C 654 9.09 -5.40 -14.21
CA ALA C 654 9.29 -6.73 -13.66
C ALA C 654 8.99 -7.86 -14.64
N LYS C 655 8.14 -7.61 -15.64
CA LYS C 655 7.88 -8.62 -16.65
C LYS C 655 9.15 -9.01 -17.39
N ILE C 656 9.96 -8.02 -17.73
CA ILE C 656 11.10 -8.25 -18.61
C ILE C 656 12.10 -9.12 -17.89
N ARG C 657 12.59 -10.15 -18.60
CA ARG C 657 13.50 -11.09 -17.98
C ARG C 657 14.82 -10.41 -17.67
N LEU C 658 15.26 -10.52 -16.43
CA LEU C 658 16.52 -9.95 -16.00
C LEU C 658 17.66 -10.59 -16.78
N ALA C 659 18.46 -9.76 -17.43
CA ALA C 659 19.48 -10.26 -18.34
C ALA C 659 20.57 -10.99 -17.57
N SER C 660 21.32 -11.81 -18.30
CA SER C 660 22.39 -12.59 -17.69
C SER C 660 23.32 -13.09 -18.77
N ASN C 661 24.54 -13.44 -18.35
CA ASN C 661 25.49 -14.12 -19.22
C ASN C 661 26.33 -15.02 -18.32
N ILE C 662 25.91 -16.27 -18.21
CA ILE C 662 26.57 -17.27 -17.39
C ILE C 662 27.54 -18.05 -18.26
N ARG C 663 28.70 -18.39 -17.70
CA ARG C 663 29.68 -19.19 -18.42
C ARG C 663 30.63 -19.87 -17.45
#